data_2JV8
#
_entry.id   2JV8
#
_cell.length_a   1.000
_cell.length_b   1.000
_cell.length_c   1.000
_cell.angle_alpha   90.00
_cell.angle_beta   90.00
_cell.angle_gamma   90.00
#
_symmetry.space_group_name_H-M   'P 1'
#
_entity_poly.entity_id   1
_entity_poly.type   'polypeptide(L)'
_entity_poly.pdbx_seq_one_letter_code
;MTHHTEVFEGGTIDIEDDTSLTINGKEISYVHDAVKNKWSSRYLPYTQYDSLLDLARAIIRDTVEFSGVKEGS
;
_entity_poly.pdbx_strand_id   A
#
# COMPACT_ATOMS: atom_id res chain seq x y z
N MET A 1 -17.97 3.53 9.87
CA MET A 1 -16.82 4.44 10.11
C MET A 1 -15.54 3.63 10.32
N THR A 2 -14.50 4.32 10.78
CA THR A 2 -13.25 3.67 11.19
C THR A 2 -12.50 3.05 10.01
N HIS A 3 -12.92 3.38 8.80
CA HIS A 3 -12.26 2.88 7.61
C HIS A 3 -11.96 4.02 6.64
N HIS A 4 -10.81 3.93 5.98
CA HIS A 4 -10.42 4.94 5.00
C HIS A 4 -10.40 4.34 3.61
N THR A 5 -11.23 4.87 2.73
CA THR A 5 -11.21 4.47 1.34
C THR A 5 -10.47 5.52 0.52
N GLU A 6 -9.69 5.09 -0.45
CA GLU A 6 -8.92 6.01 -1.27
C GLU A 6 -8.61 5.37 -2.62
N VAL A 7 -8.71 6.16 -3.68
CA VAL A 7 -8.42 5.64 -5.01
C VAL A 7 -7.18 6.31 -5.58
N PHE A 8 -6.13 5.52 -5.75
CA PHE A 8 -4.90 6.03 -6.30
C PHE A 8 -4.69 5.46 -7.69
N GLU A 9 -4.91 6.30 -8.70
CA GLU A 9 -4.68 5.96 -10.11
C GLU A 9 -5.36 4.65 -10.52
N GLY A 10 -6.44 4.30 -9.84
CA GLY A 10 -7.18 3.11 -10.19
C GLY A 10 -7.12 2.05 -9.12
N GLY A 11 -6.22 2.21 -8.17
CA GLY A 11 -6.09 1.24 -7.09
C GLY A 11 -6.78 1.72 -5.84
N THR A 12 -7.60 0.86 -5.26
CA THR A 12 -8.34 1.19 -4.05
C THR A 12 -7.55 0.84 -2.80
N ILE A 13 -7.44 1.80 -1.90
CA ILE A 13 -6.76 1.59 -0.64
C ILE A 13 -7.80 1.31 0.44
N ASP A 14 -7.67 0.14 1.05
CA ASP A 14 -8.60 -0.31 2.07
C ASP A 14 -7.93 -0.25 3.44
N ILE A 15 -8.38 0.66 4.27
CA ILE A 15 -7.94 0.71 5.66
C ILE A 15 -9.13 0.40 6.56
N GLU A 16 -9.04 -0.67 7.34
CA GLU A 16 -10.18 -1.12 8.13
C GLU A 16 -9.85 -1.10 9.61
N ASP A 17 -10.82 -0.69 10.40
CA ASP A 17 -10.70 -0.76 11.86
C ASP A 17 -9.51 0.09 12.31
N ASP A 18 -9.23 1.15 11.55
CA ASP A 18 -8.10 2.06 11.79
C ASP A 18 -6.76 1.30 11.71
N THR A 19 -6.80 0.15 11.06
CA THR A 19 -5.61 -0.67 10.86
C THR A 19 -5.74 -1.38 9.51
N SER A 20 -4.93 -2.42 9.29
CA SER A 20 -5.05 -3.27 8.10
C SER A 20 -4.74 -2.51 6.82
N LEU A 21 -3.57 -2.73 6.26
CA LEU A 21 -3.25 -2.14 4.97
C LEU A 21 -3.66 -3.11 3.88
N THR A 22 -4.61 -2.69 3.08
CA THR A 22 -5.08 -3.51 1.98
C THR A 22 -5.23 -2.65 0.73
N ILE A 23 -4.85 -3.20 -0.41
CA ILE A 23 -5.02 -2.51 -1.68
C ILE A 23 -5.74 -3.41 -2.65
N ASN A 24 -6.93 -3.00 -3.09
CA ASN A 24 -7.76 -3.78 -4.00
C ASN A 24 -8.26 -5.05 -3.28
N GLY A 25 -8.14 -5.05 -1.96
CA GLY A 25 -8.50 -6.20 -1.17
C GLY A 25 -7.30 -7.07 -0.82
N LYS A 26 -6.16 -6.78 -1.46
CA LYS A 26 -4.95 -7.55 -1.24
C LYS A 26 -4.20 -7.04 -0.02
N GLU A 27 -3.86 -7.96 0.87
CA GLU A 27 -3.18 -7.61 2.12
C GLU A 27 -1.78 -7.08 1.86
N ILE A 28 -1.50 -5.89 2.37
CA ILE A 28 -0.18 -5.30 2.23
C ILE A 28 0.58 -5.42 3.55
N SER A 29 1.48 -6.38 3.61
CA SER A 29 2.30 -6.58 4.79
C SER A 29 3.51 -5.64 4.78
N TYR A 30 3.48 -4.65 5.65
CA TYR A 30 4.61 -3.73 5.78
C TYR A 30 5.73 -4.38 6.56
N VAL A 31 6.94 -3.98 6.24
CA VAL A 31 8.10 -4.36 7.02
C VAL A 31 8.87 -3.10 7.35
N HIS A 32 8.95 -2.78 8.63
CA HIS A 32 9.51 -1.51 9.07
C HIS A 32 11.02 -1.61 9.18
N ASP A 33 11.67 -0.46 9.16
CA ASP A 33 13.13 -0.36 9.27
C ASP A 33 13.53 -0.14 10.72
N ALA A 34 12.58 -0.41 11.61
CA ALA A 34 12.69 -0.09 13.02
C ALA A 34 13.66 -0.99 13.77
N VAL A 35 13.68 -0.80 15.08
CA VAL A 35 14.57 -1.55 15.96
C VAL A 35 14.11 -3.00 16.06
N LYS A 36 12.80 -3.19 15.98
CA LYS A 36 12.22 -4.52 16.03
C LYS A 36 12.68 -5.38 14.86
N ASN A 37 12.78 -4.76 13.69
CA ASN A 37 13.06 -5.52 12.49
C ASN A 37 13.78 -4.67 11.47
N LYS A 38 14.86 -5.20 10.91
CA LYS A 38 15.62 -4.49 9.89
C LYS A 38 15.42 -5.17 8.54
N TRP A 39 14.38 -4.75 7.85
CA TRP A 39 14.04 -5.32 6.55
C TRP A 39 13.09 -4.36 5.83
N SER A 40 12.90 -4.55 4.54
CA SER A 40 12.02 -3.68 3.76
C SER A 40 10.68 -4.37 3.51
N SER A 41 9.69 -3.60 3.10
CA SER A 41 8.36 -4.12 2.84
C SER A 41 8.43 -5.24 1.81
N ARG A 42 7.65 -6.29 2.05
CA ARG A 42 7.73 -7.50 1.23
C ARG A 42 7.36 -7.23 -0.23
N TYR A 43 6.51 -6.22 -0.45
CA TYR A 43 6.08 -5.87 -1.80
C TYR A 43 7.06 -4.91 -2.47
N LEU A 44 7.83 -4.19 -1.66
CA LEU A 44 8.84 -3.26 -2.18
C LEU A 44 10.18 -3.50 -1.50
N PRO A 45 10.96 -4.45 -2.02
CA PRO A 45 12.22 -4.86 -1.41
C PRO A 45 13.38 -3.95 -1.77
N TYR A 46 14.10 -3.50 -0.74
CA TYR A 46 15.33 -2.70 -0.89
C TYR A 46 15.06 -1.33 -1.49
N THR A 47 13.80 -0.92 -1.52
CA THR A 47 13.44 0.41 -1.97
C THR A 47 13.20 1.31 -0.77
N GLN A 48 13.58 2.58 -0.90
CA GLN A 48 13.49 3.50 0.23
C GLN A 48 12.29 4.42 0.10
N TYR A 49 11.45 4.41 1.11
CA TYR A 49 10.25 5.24 1.15
C TYR A 49 10.29 6.11 2.41
N ASP A 50 9.41 7.10 2.47
CA ASP A 50 9.45 8.07 3.56
C ASP A 50 8.52 7.68 4.71
N SER A 51 7.24 7.58 4.40
CA SER A 51 6.23 7.33 5.43
C SER A 51 5.30 6.17 5.04
N LEU A 52 4.36 5.86 5.91
CA LEU A 52 3.46 4.72 5.72
C LEU A 52 2.46 5.03 4.61
N LEU A 53 1.86 6.21 4.69
CA LEU A 53 0.90 6.66 3.68
C LEU A 53 1.61 6.78 2.32
N ASP A 54 2.82 7.34 2.37
CA ASP A 54 3.68 7.44 1.19
C ASP A 54 3.96 6.06 0.60
N LEU A 55 4.26 5.10 1.48
CA LEU A 55 4.53 3.72 1.10
C LEU A 55 3.37 3.12 0.29
N ALA A 56 2.16 3.24 0.84
CA ALA A 56 0.98 2.66 0.21
C ALA A 56 0.80 3.19 -1.20
N ARG A 57 0.94 4.49 -1.38
CA ARG A 57 0.77 5.11 -2.68
C ARG A 57 1.94 4.77 -3.60
N ALA A 58 3.14 4.65 -3.02
CA ALA A 58 4.32 4.30 -3.77
C ALA A 58 4.18 2.92 -4.41
N ILE A 59 3.52 2.01 -3.70
CA ILE A 59 3.30 0.65 -4.19
C ILE A 59 2.44 0.68 -5.45
N ILE A 60 1.31 1.38 -5.38
CA ILE A 60 0.37 1.46 -6.50
C ILE A 60 1.04 2.14 -7.70
N ARG A 61 1.81 3.17 -7.41
CA ARG A 61 2.50 3.94 -8.44
C ARG A 61 3.59 3.11 -9.12
N ASP A 62 4.24 2.23 -8.36
CA ASP A 62 5.40 1.52 -8.86
C ASP A 62 5.05 0.17 -9.48
N THR A 63 3.94 -0.39 -9.06
CA THR A 63 3.52 -1.69 -9.56
C THR A 63 2.18 -1.60 -10.28
N VAL A 64 2.15 -2.02 -11.55
CA VAL A 64 0.95 -1.96 -12.36
C VAL A 64 -0.02 -3.07 -11.97
N GLU A 65 0.45 -3.99 -11.14
CA GLU A 65 -0.36 -5.08 -10.63
C GLU A 65 -1.60 -4.56 -9.91
N PHE A 66 -1.45 -3.45 -9.19
CA PHE A 66 -2.54 -2.87 -8.43
C PHE A 66 -3.28 -1.83 -9.25
N SER A 67 -2.78 -1.54 -10.45
CA SER A 67 -3.42 -0.59 -11.35
C SER A 67 -4.65 -1.23 -11.99
N GLY A 68 -4.52 -2.50 -12.37
CA GLY A 68 -5.63 -3.22 -12.94
C GLY A 68 -5.37 -3.71 -14.35
N VAL A 69 -5.96 -3.03 -15.32
CA VAL A 69 -5.89 -3.47 -16.71
C VAL A 69 -4.53 -3.17 -17.33
N LYS A 70 -3.61 -4.13 -17.18
CA LYS A 70 -2.32 -4.12 -17.85
C LYS A 70 -1.57 -5.39 -17.52
N GLU A 71 -1.50 -6.30 -18.48
CA GLU A 71 -0.79 -7.56 -18.30
C GLU A 71 0.61 -7.47 -18.89
N GLY A 72 0.80 -6.50 -19.77
CA GLY A 72 2.09 -6.30 -20.40
C GLY A 72 2.03 -5.24 -21.46
N SER A 73 2.90 -5.35 -22.45
CA SER A 73 2.90 -4.43 -23.58
C SER A 73 3.29 -5.17 -24.85
N MET A 1 -15.44 3.95 13.27
CA MET A 1 -14.04 3.48 13.35
C MET A 1 -13.22 4.07 12.21
N THR A 2 -11.92 4.19 12.42
CA THR A 2 -11.02 4.73 11.43
C THR A 2 -10.93 3.82 10.20
N HIS A 3 -11.56 4.24 9.12
CA HIS A 3 -11.51 3.48 7.88
C HIS A 3 -11.15 4.42 6.73
N HIS A 4 -9.99 4.21 6.14
CA HIS A 4 -9.53 5.05 5.04
C HIS A 4 -9.68 4.31 3.73
N THR A 5 -10.50 4.86 2.85
CA THR A 5 -10.75 4.28 1.56
C THR A 5 -10.59 5.33 0.47
N GLU A 6 -9.73 5.05 -0.50
CA GLU A 6 -9.52 5.98 -1.60
C GLU A 6 -8.98 5.25 -2.81
N VAL A 7 -8.91 5.94 -3.94
CA VAL A 7 -8.41 5.36 -5.17
C VAL A 7 -7.21 6.15 -5.69
N PHE A 8 -6.08 5.47 -5.83
CA PHE A 8 -4.87 6.08 -6.37
C PHE A 8 -4.57 5.47 -7.73
N GLU A 9 -4.83 6.23 -8.79
CA GLU A 9 -4.59 5.76 -10.17
C GLU A 9 -5.23 4.39 -10.42
N GLY A 10 -6.35 4.14 -9.77
CA GLY A 10 -7.03 2.87 -9.93
C GLY A 10 -6.87 1.97 -8.72
N GLY A 11 -5.77 2.14 -8.01
CA GLY A 11 -5.51 1.32 -6.85
C GLY A 11 -6.36 1.75 -5.68
N THR A 12 -7.18 0.85 -5.21
CA THR A 12 -8.10 1.15 -4.13
C THR A 12 -7.48 0.82 -2.79
N ILE A 13 -7.44 1.79 -1.89
CA ILE A 13 -6.86 1.58 -0.57
C ILE A 13 -7.96 1.27 0.44
N ASP A 14 -7.87 0.11 1.05
CA ASP A 14 -8.83 -0.33 2.05
C ASP A 14 -8.16 -0.43 3.40
N ILE A 15 -8.38 0.56 4.25
CA ILE A 15 -7.81 0.55 5.59
C ILE A 15 -8.89 0.38 6.64
N GLU A 16 -8.79 -0.69 7.42
CA GLU A 16 -9.75 -0.96 8.48
C GLU A 16 -9.13 -0.75 9.84
N ASP A 17 -9.81 0.05 10.67
CA ASP A 17 -9.39 0.32 12.05
C ASP A 17 -8.01 0.99 12.08
N ASP A 18 -7.64 1.58 10.94
CA ASP A 18 -6.36 2.28 10.77
C ASP A 18 -5.19 1.32 11.00
N THR A 19 -5.47 0.02 10.93
CA THR A 19 -4.44 -0.99 11.13
C THR A 19 -4.49 -2.06 10.04
N SER A 20 -5.68 -2.44 9.63
CA SER A 20 -5.85 -3.43 8.57
C SER A 20 -5.58 -2.77 7.22
N LEU A 21 -4.44 -3.07 6.62
CA LEU A 21 -4.03 -2.45 5.38
C LEU A 21 -4.20 -3.40 4.20
N THR A 22 -5.08 -3.03 3.29
CA THR A 22 -5.31 -3.77 2.07
C THR A 22 -5.39 -2.82 0.88
N ILE A 23 -4.83 -3.23 -0.25
CA ILE A 23 -4.87 -2.41 -1.45
C ILE A 23 -5.44 -3.22 -2.62
N ASN A 24 -6.62 -2.80 -3.09
CA ASN A 24 -7.26 -3.40 -4.26
C ASN A 24 -7.56 -4.89 -4.02
N GLY A 25 -7.80 -5.23 -2.76
CA GLY A 25 -8.12 -6.60 -2.42
C GLY A 25 -6.90 -7.39 -1.98
N LYS A 26 -5.72 -6.82 -2.17
CA LYS A 26 -4.49 -7.50 -1.78
C LYS A 26 -4.06 -7.04 -0.40
N GLU A 27 -3.80 -8.00 0.47
CA GLU A 27 -3.42 -7.70 1.85
C GLU A 27 -1.95 -7.31 1.91
N ILE A 28 -1.69 -6.14 2.47
CA ILE A 28 -0.33 -5.63 2.55
C ILE A 28 0.35 -6.13 3.82
N SER A 29 1.23 -7.09 3.65
CA SER A 29 2.04 -7.61 4.73
C SER A 29 2.91 -6.50 5.33
N TYR A 30 2.46 -5.97 6.45
CA TYR A 30 3.15 -4.89 7.12
C TYR A 30 3.27 -5.24 8.58
N VAL A 31 3.81 -4.32 9.34
CA VAL A 31 3.86 -4.45 10.78
C VAL A 31 2.49 -4.11 11.35
N HIS A 32 1.62 -5.10 11.43
CA HIS A 32 0.25 -4.89 11.91
C HIS A 32 0.18 -5.08 13.41
N ASP A 33 1.34 -5.14 14.03
CA ASP A 33 1.45 -5.35 15.47
C ASP A 33 2.89 -5.22 15.91
N ALA A 34 3.07 -4.75 17.14
CA ALA A 34 4.39 -4.53 17.72
C ALA A 34 5.23 -3.57 16.87
N VAL A 35 5.13 -2.28 17.19
CA VAL A 35 5.85 -1.24 16.45
C VAL A 35 7.35 -1.44 16.56
N LYS A 36 7.77 -2.12 17.61
CA LYS A 36 9.17 -2.43 17.84
C LYS A 36 9.69 -3.41 16.77
N ASN A 37 8.78 -4.13 16.13
CA ASN A 37 9.13 -5.06 15.07
C ASN A 37 9.00 -4.39 13.70
N LYS A 38 9.61 -3.23 13.54
CA LYS A 38 9.49 -2.48 12.30
C LYS A 38 10.33 -3.12 11.18
N TRP A 39 9.69 -3.97 10.40
CA TRP A 39 10.32 -4.57 9.22
C TRP A 39 9.72 -4.01 7.94
N SER A 40 8.78 -3.08 8.09
CA SER A 40 8.13 -2.42 6.96
C SER A 40 7.29 -3.41 6.14
N SER A 41 6.89 -2.99 4.94
CA SER A 41 6.11 -3.83 4.06
C SER A 41 7.02 -4.75 3.26
N ARG A 42 6.78 -6.05 3.36
CA ARG A 42 7.64 -7.02 2.69
C ARG A 42 7.16 -7.28 1.26
N TYR A 43 7.16 -6.22 0.46
CA TYR A 43 6.82 -6.30 -0.96
C TYR A 43 7.76 -5.41 -1.74
N LEU A 44 7.70 -4.12 -1.45
CA LEU A 44 8.56 -3.15 -2.10
C LEU A 44 9.97 -3.27 -1.53
N PRO A 45 11.01 -3.06 -2.36
CA PRO A 45 12.41 -3.15 -1.90
C PRO A 45 12.77 -2.05 -0.89
N TYR A 46 14.05 -1.92 -0.60
CA TYR A 46 14.53 -0.92 0.35
C TYR A 46 14.62 0.46 -0.29
N THR A 47 13.55 0.86 -0.98
CA THR A 47 13.44 2.19 -1.54
C THR A 47 13.29 3.22 -0.42
N GLN A 48 13.36 4.50 -0.75
CA GLN A 48 13.28 5.53 0.27
C GLN A 48 11.83 5.84 0.63
N TYR A 49 11.36 5.19 1.68
CA TYR A 49 10.03 5.45 2.22
C TYR A 49 10.00 5.08 3.70
N ASP A 50 9.02 5.61 4.41
CA ASP A 50 8.86 5.33 5.83
C ASP A 50 7.43 5.58 6.30
N SER A 51 6.71 6.46 5.60
CA SER A 51 5.34 6.78 5.98
C SER A 51 4.37 5.76 5.39
N LEU A 52 3.30 5.48 6.14
CA LEU A 52 2.32 4.47 5.74
C LEU A 52 1.59 4.89 4.46
N LEU A 53 1.08 6.13 4.45
CA LEU A 53 0.33 6.63 3.31
C LEU A 53 1.24 6.84 2.11
N ASP A 54 2.51 7.16 2.40
CA ASP A 54 3.52 7.32 1.37
C ASP A 54 3.80 5.98 0.71
N LEU A 55 4.01 4.97 1.55
CA LEU A 55 4.24 3.60 1.10
C LEU A 55 3.09 3.11 0.24
N ALA A 56 1.87 3.34 0.71
CA ALA A 56 0.67 2.90 0.00
C ALA A 56 0.63 3.46 -1.42
N ARG A 57 0.90 4.75 -1.56
CA ARG A 57 0.90 5.40 -2.86
C ARG A 57 2.10 4.96 -3.69
N ALA A 58 3.25 4.81 -3.04
CA ALA A 58 4.47 4.40 -3.72
C ALA A 58 4.30 3.01 -4.35
N ILE A 59 3.65 2.10 -3.63
CA ILE A 59 3.41 0.77 -4.14
C ILE A 59 2.50 0.82 -5.38
N ILE A 60 1.39 1.54 -5.28
CA ILE A 60 0.44 1.63 -6.38
C ILE A 60 1.10 2.24 -7.62
N ARG A 61 1.94 3.25 -7.41
CA ARG A 61 2.61 3.92 -8.51
C ARG A 61 3.75 3.08 -9.09
N ASP A 62 4.36 2.23 -8.26
CA ASP A 62 5.53 1.47 -8.71
C ASP A 62 5.15 0.09 -9.22
N THR A 63 4.04 -0.43 -8.76
CA THR A 63 3.58 -1.75 -9.19
C THR A 63 2.13 -1.69 -9.69
N VAL A 64 1.93 -2.10 -10.93
CA VAL A 64 0.60 -2.09 -11.55
C VAL A 64 -0.27 -3.22 -11.02
N GLU A 65 0.34 -4.06 -10.19
CA GLU A 65 -0.34 -5.23 -9.62
C GLU A 65 -1.54 -4.81 -8.77
N PHE A 66 -1.54 -3.56 -8.33
CA PHE A 66 -2.55 -3.08 -7.39
C PHE A 66 -3.46 -2.02 -8.01
N SER A 67 -3.32 -1.77 -9.30
CA SER A 67 -4.13 -0.74 -9.95
C SER A 67 -5.36 -1.34 -10.62
N GLY A 68 -6.49 -1.29 -9.91
CA GLY A 68 -7.74 -1.76 -10.48
C GLY A 68 -8.59 -0.60 -10.96
N VAL A 69 -8.13 0.06 -12.02
CA VAL A 69 -8.80 1.23 -12.54
C VAL A 69 -9.97 0.84 -13.45
N LYS A 70 -9.89 -0.39 -13.95
CA LYS A 70 -10.87 -0.96 -14.87
C LYS A 70 -10.87 -0.20 -16.21
N GLU A 71 -11.51 0.97 -16.22
CA GLU A 71 -11.69 1.78 -17.43
C GLU A 71 -12.60 1.07 -18.44
N GLY A 72 -12.11 -0.03 -19.00
CA GLY A 72 -12.88 -0.77 -19.98
C GLY A 72 -12.18 -2.05 -20.39
N SER A 73 -11.07 -1.90 -21.09
CA SER A 73 -10.27 -3.03 -21.54
C SER A 73 -8.81 -2.61 -21.69
N MET A 1 -13.70 -0.30 13.62
CA MET A 1 -12.39 0.31 13.29
C MET A 1 -12.57 1.38 12.23
N THR A 2 -11.76 2.42 12.30
CA THR A 2 -11.84 3.52 11.34
C THR A 2 -11.39 3.06 9.96
N HIS A 3 -12.29 3.12 8.99
CA HIS A 3 -11.98 2.69 7.63
C HIS A 3 -11.80 3.89 6.70
N HIS A 4 -10.67 3.92 6.02
CA HIS A 4 -10.38 4.94 5.03
C HIS A 4 -10.35 4.31 3.64
N THR A 5 -11.01 4.96 2.68
CA THR A 5 -11.03 4.48 1.31
C THR A 5 -10.59 5.58 0.34
N GLU A 6 -9.72 5.24 -0.60
CA GLU A 6 -9.34 6.16 -1.66
C GLU A 6 -8.77 5.41 -2.86
N VAL A 7 -8.83 6.04 -4.03
CA VAL A 7 -8.28 5.47 -5.24
C VAL A 7 -7.01 6.20 -5.64
N PHE A 8 -5.94 5.46 -5.88
CA PHE A 8 -4.69 6.07 -6.28
C PHE A 8 -4.27 5.55 -7.65
N GLU A 9 -4.39 6.41 -8.66
CA GLU A 9 -3.93 6.12 -10.03
C GLU A 9 -4.40 4.76 -10.52
N GLY A 10 -5.62 4.37 -10.14
CA GLY A 10 -6.17 3.11 -10.62
C GLY A 10 -6.21 2.03 -9.56
N GLY A 11 -5.52 2.27 -8.46
CA GLY A 11 -5.50 1.31 -7.37
C GLY A 11 -6.45 1.72 -6.26
N THR A 12 -6.85 0.77 -5.42
CA THR A 12 -7.79 1.05 -4.36
C THR A 12 -7.15 0.82 -2.99
N ILE A 13 -7.23 1.80 -2.11
CA ILE A 13 -6.63 1.71 -0.79
C ILE A 13 -7.69 1.51 0.28
N ASP A 14 -7.59 0.40 1.00
CA ASP A 14 -8.44 0.13 2.15
C ASP A 14 -7.62 0.16 3.42
N ILE A 15 -7.89 1.13 4.27
CA ILE A 15 -7.20 1.24 5.55
C ILE A 15 -8.19 1.12 6.70
N GLU A 16 -7.94 0.18 7.59
CA GLU A 16 -8.72 0.08 8.81
C GLU A 16 -7.83 0.15 10.04
N ASP A 17 -8.05 1.20 10.81
CA ASP A 17 -7.38 1.40 12.09
C ASP A 17 -5.87 1.18 11.99
N ASP A 18 -5.25 1.81 11.01
CA ASP A 18 -3.79 1.84 10.85
C ASP A 18 -3.22 0.53 10.31
N THR A 19 -3.56 -0.57 10.97
CA THR A 19 -2.89 -1.84 10.72
C THR A 19 -3.55 -2.64 9.61
N SER A 20 -4.87 -2.56 9.47
CA SER A 20 -5.56 -3.28 8.42
C SER A 20 -5.35 -2.56 7.10
N LEU A 21 -4.55 -3.15 6.22
CA LEU A 21 -4.20 -2.51 4.95
C LEU A 21 -4.48 -3.47 3.81
N THR A 22 -5.31 -3.04 2.88
CA THR A 22 -5.58 -3.82 1.68
C THR A 22 -5.56 -2.94 0.43
N ILE A 23 -4.68 -3.28 -0.49
CA ILE A 23 -4.58 -2.53 -1.75
C ILE A 23 -5.17 -3.36 -2.88
N ASN A 24 -6.33 -2.92 -3.37
CA ASN A 24 -7.05 -3.58 -4.46
C ASN A 24 -7.48 -4.98 -4.02
N GLY A 25 -7.52 -5.20 -2.70
CA GLY A 25 -7.89 -6.48 -2.16
C GLY A 25 -6.70 -7.27 -1.67
N LYS A 26 -5.49 -6.80 -1.99
CA LYS A 26 -4.28 -7.48 -1.57
C LYS A 26 -3.90 -7.08 -0.16
N GLU A 27 -3.76 -8.07 0.72
CA GLU A 27 -3.41 -7.83 2.11
C GLU A 27 -1.98 -7.31 2.22
N ILE A 28 -1.84 -6.06 2.62
CA ILE A 28 -0.53 -5.45 2.80
C ILE A 28 -0.16 -5.43 4.27
N SER A 29 0.54 -6.47 4.70
CA SER A 29 0.95 -6.58 6.09
C SER A 29 2.28 -5.89 6.33
N TYR A 30 2.29 -4.93 7.24
CA TYR A 30 3.53 -4.27 7.63
C TYR A 30 4.13 -5.00 8.81
N VAL A 31 5.41 -4.77 9.03
CA VAL A 31 6.08 -5.33 10.19
C VAL A 31 6.37 -4.22 11.20
N HIS A 32 5.56 -4.16 12.25
CA HIS A 32 5.71 -3.13 13.27
C HIS A 32 6.69 -3.59 14.33
N ASP A 33 7.71 -4.30 13.92
CA ASP A 33 8.70 -4.84 14.84
C ASP A 33 10.10 -4.44 14.40
N ALA A 34 10.99 -4.23 15.37
CA ALA A 34 12.36 -3.81 15.08
C ALA A 34 13.30 -4.37 16.14
N VAL A 35 12.95 -5.52 16.69
CA VAL A 35 13.75 -6.14 17.74
C VAL A 35 15.05 -6.71 17.17
N LYS A 36 14.93 -7.58 16.18
CA LYS A 36 16.10 -8.14 15.52
C LYS A 36 16.53 -7.24 14.37
N ASN A 37 15.69 -7.19 13.35
CA ASN A 37 15.95 -6.39 12.17
C ASN A 37 14.71 -5.59 11.82
N LYS A 38 14.90 -4.44 11.21
CA LYS A 38 13.78 -3.62 10.79
C LYS A 38 13.74 -3.49 9.28
N TRP A 39 12.94 -4.31 8.64
CA TRP A 39 12.76 -4.24 7.20
C TRP A 39 11.45 -3.55 6.87
N SER A 40 11.16 -3.39 5.59
CA SER A 40 9.94 -2.73 5.16
C SER A 40 8.88 -3.77 4.76
N SER A 41 7.77 -3.30 4.22
CA SER A 41 6.74 -4.18 3.73
C SER A 41 7.33 -5.18 2.73
N ARG A 42 6.90 -6.43 2.82
CA ARG A 42 7.45 -7.50 1.98
C ARG A 42 7.32 -7.16 0.49
N TYR A 43 6.29 -6.41 0.13
CA TYR A 43 6.02 -6.06 -1.26
C TYR A 43 6.75 -4.78 -1.68
N LEU A 44 7.48 -4.15 -0.75
CA LEU A 44 8.17 -2.90 -1.05
C LEU A 44 9.36 -2.70 -0.10
N PRO A 45 10.54 -3.24 -0.46
CA PRO A 45 11.72 -3.19 0.39
C PRO A 45 12.44 -1.84 0.36
N TYR A 46 12.20 -1.05 1.42
CA TYR A 46 12.89 0.22 1.68
C TYR A 46 13.11 1.08 0.44
N THR A 47 12.02 1.45 -0.20
CA THR A 47 12.05 2.43 -1.28
C THR A 47 11.89 3.83 -0.67
N GLN A 48 11.96 4.86 -1.49
CA GLN A 48 11.80 6.22 -0.99
C GLN A 48 10.34 6.52 -0.69
N TYR A 49 9.95 6.31 0.56
CA TYR A 49 8.62 6.64 1.02
C TYR A 49 8.71 7.46 2.29
N ASP A 50 7.72 8.29 2.53
CA ASP A 50 7.71 9.18 3.68
C ASP A 50 7.28 8.44 4.95
N SER A 51 6.26 7.62 4.81
CA SER A 51 5.66 6.92 5.95
C SER A 51 4.67 5.88 5.43
N LEU A 52 3.82 5.36 6.32
CA LEU A 52 2.89 4.28 5.95
C LEU A 52 1.91 4.73 4.87
N LEU A 53 1.29 5.89 5.06
CA LEU A 53 0.32 6.41 4.12
C LEU A 53 0.98 6.64 2.75
N ASP A 54 2.19 7.15 2.79
CA ASP A 54 2.96 7.46 1.58
C ASP A 54 3.41 6.15 0.91
N LEU A 55 3.75 5.17 1.74
CA LEU A 55 4.23 3.87 1.27
C LEU A 55 3.17 3.16 0.44
N ALA A 56 1.94 3.15 0.95
CA ALA A 56 0.83 2.49 0.25
C ALA A 56 0.65 3.03 -1.16
N ARG A 57 0.78 4.34 -1.30
CA ARG A 57 0.64 5.01 -2.60
C ARG A 57 1.79 4.61 -3.53
N ALA A 58 2.99 4.53 -2.99
CA ALA A 58 4.17 4.18 -3.77
C ALA A 58 4.04 2.79 -4.38
N ILE A 59 3.45 1.87 -3.62
CA ILE A 59 3.25 0.50 -4.09
C ILE A 59 2.33 0.49 -5.31
N ILE A 60 1.29 1.31 -5.28
CA ILE A 60 0.28 1.30 -6.31
C ILE A 60 0.82 1.85 -7.63
N ARG A 61 1.51 2.98 -7.60
CA ARG A 61 1.89 3.65 -8.84
C ARG A 61 3.14 3.04 -9.46
N ASP A 62 4.10 2.62 -8.66
CA ASP A 62 5.35 2.11 -9.19
C ASP A 62 5.26 0.63 -9.57
N THR A 63 4.06 0.08 -9.48
CA THR A 63 3.80 -1.25 -9.99
C THR A 63 2.83 -1.17 -11.16
N VAL A 64 2.54 -2.30 -11.79
CA VAL A 64 1.64 -2.31 -12.93
C VAL A 64 0.35 -3.07 -12.61
N GLU A 65 0.45 -4.06 -11.73
CA GLU A 65 -0.67 -4.94 -11.45
C GLU A 65 -1.61 -4.38 -10.38
N PHE A 66 -1.10 -3.49 -9.54
CA PHE A 66 -1.91 -2.90 -8.47
C PHE A 66 -2.82 -1.81 -9.00
N SER A 67 -2.61 -1.41 -10.24
CA SER A 67 -3.46 -0.43 -10.89
C SER A 67 -4.44 -1.13 -11.81
N GLY A 68 -5.72 -0.97 -11.55
CA GLY A 68 -6.74 -1.64 -12.34
C GLY A 68 -7.23 -0.79 -13.48
N VAL A 69 -7.73 0.41 -13.15
CA VAL A 69 -8.28 1.29 -14.16
C VAL A 69 -7.46 2.58 -14.29
N LYS A 70 -6.70 2.67 -15.37
CA LYS A 70 -5.92 3.86 -15.66
C LYS A 70 -6.67 4.78 -16.62
N GLU A 71 -6.00 5.85 -17.04
CA GLU A 71 -6.54 6.82 -18.00
C GLU A 71 -7.57 7.73 -17.33
N GLY A 72 -8.57 7.12 -16.73
CA GLY A 72 -9.60 7.87 -16.03
C GLY A 72 -9.19 8.24 -14.63
N SER A 73 -8.00 7.80 -14.23
CA SER A 73 -7.45 8.12 -12.92
C SER A 73 -6.00 8.56 -13.08
N MET A 1 -10.45 8.86 10.74
CA MET A 1 -11.61 7.95 10.65
C MET A 1 -11.15 6.51 10.76
N THR A 2 -11.96 5.66 11.40
CA THR A 2 -11.57 4.28 11.65
C THR A 2 -11.35 3.52 10.34
N HIS A 3 -12.19 3.78 9.36
CA HIS A 3 -12.01 3.18 8.05
C HIS A 3 -11.64 4.27 7.04
N HIS A 4 -10.71 3.95 6.16
CA HIS A 4 -10.25 4.91 5.18
C HIS A 4 -10.15 4.27 3.80
N THR A 5 -10.83 4.85 2.83
CA THR A 5 -10.78 4.37 1.47
C THR A 5 -10.41 5.50 0.52
N GLU A 6 -9.59 5.19 -0.47
CA GLU A 6 -9.20 6.15 -1.50
C GLU A 6 -8.68 5.39 -2.71
N VAL A 7 -8.64 6.05 -3.86
CA VAL A 7 -8.16 5.42 -5.07
C VAL A 7 -6.93 6.14 -5.61
N PHE A 8 -5.86 5.39 -5.82
CA PHE A 8 -4.61 5.93 -6.33
C PHE A 8 -4.24 5.25 -7.64
N GLU A 9 -4.30 6.01 -8.73
CA GLU A 9 -3.86 5.53 -10.05
C GLU A 9 -4.52 4.21 -10.46
N GLY A 10 -5.75 3.99 -10.00
CA GLY A 10 -6.47 2.79 -10.36
C GLY A 10 -6.43 1.73 -9.27
N GLY A 11 -5.77 2.02 -8.16
CA GLY A 11 -5.74 1.11 -7.04
C GLY A 11 -6.50 1.63 -5.85
N THR A 12 -7.29 0.77 -5.22
CA THR A 12 -8.10 1.17 -4.09
C THR A 12 -7.44 0.79 -2.77
N ILE A 13 -7.31 1.76 -1.87
CA ILE A 13 -6.71 1.53 -0.57
C ILE A 13 -7.79 1.32 0.49
N ASP A 14 -7.76 0.15 1.12
CA ASP A 14 -8.71 -0.19 2.17
C ASP A 14 -8.01 -0.20 3.51
N ILE A 15 -8.29 0.78 4.34
CA ILE A 15 -7.74 0.82 5.69
C ILE A 15 -8.84 0.64 6.73
N GLU A 16 -8.71 -0.38 7.57
CA GLU A 16 -9.69 -0.62 8.61
C GLU A 16 -9.03 -0.70 9.98
N ASP A 17 -9.51 0.15 10.87
CA ASP A 17 -9.13 0.12 12.28
C ASP A 17 -7.61 0.24 12.45
N ASP A 18 -6.98 1.04 11.59
CA ASP A 18 -5.55 1.38 11.69
C ASP A 18 -4.63 0.24 11.28
N THR A 19 -5.06 -0.99 11.52
CA THR A 19 -4.20 -2.15 11.29
C THR A 19 -4.42 -2.80 9.93
N SER A 20 -5.68 -2.94 9.53
CA SER A 20 -6.01 -3.62 8.29
C SER A 20 -5.60 -2.76 7.08
N LEU A 21 -4.68 -3.28 6.29
CA LEU A 21 -4.23 -2.60 5.10
C LEU A 21 -4.44 -3.51 3.89
N THR A 22 -5.30 -3.08 2.99
CA THR A 22 -5.57 -3.83 1.77
C THR A 22 -5.58 -2.90 0.56
N ILE A 23 -5.06 -3.37 -0.55
CA ILE A 23 -5.12 -2.61 -1.79
C ILE A 23 -5.75 -3.46 -2.87
N ASN A 24 -6.93 -3.07 -3.31
CA ASN A 24 -7.70 -3.83 -4.31
C ASN A 24 -8.07 -5.21 -3.79
N GLY A 25 -8.08 -5.36 -2.46
CA GLY A 25 -8.39 -6.64 -1.86
C GLY A 25 -7.16 -7.50 -1.66
N LYS A 26 -6.00 -6.92 -1.94
CA LYS A 26 -4.74 -7.61 -1.72
C LYS A 26 -4.08 -7.13 -0.44
N GLU A 27 -3.71 -8.06 0.43
CA GLU A 27 -3.09 -7.75 1.70
C GLU A 27 -1.72 -7.13 1.50
N ILE A 28 -1.53 -5.93 2.04
CA ILE A 28 -0.24 -5.27 1.96
C ILE A 28 0.54 -5.49 3.23
N SER A 29 1.57 -6.31 3.15
CA SER A 29 2.40 -6.63 4.29
C SER A 29 3.32 -5.46 4.67
N TYR A 30 2.92 -4.71 5.69
CA TYR A 30 3.76 -3.64 6.22
C TYR A 30 4.76 -4.20 7.20
N VAL A 31 5.68 -3.36 7.63
CA VAL A 31 6.64 -3.72 8.64
C VAL A 31 6.03 -3.53 10.02
N HIS A 32 5.33 -4.55 10.50
CA HIS A 32 4.66 -4.47 11.78
C HIS A 32 5.63 -4.78 12.91
N ASP A 33 6.32 -3.73 13.37
CA ASP A 33 7.25 -3.80 14.51
C ASP A 33 8.40 -4.77 14.23
N ALA A 34 8.54 -5.18 12.97
CA ALA A 34 9.55 -6.14 12.53
C ALA A 34 9.32 -7.51 13.17
N VAL A 35 8.11 -7.73 13.66
CA VAL A 35 7.75 -9.00 14.26
C VAL A 35 7.05 -9.88 13.24
N LYS A 36 6.15 -9.27 12.48
CA LYS A 36 5.39 -9.99 11.47
C LYS A 36 5.93 -9.74 10.08
N ASN A 37 7.11 -9.11 10.01
CA ASN A 37 7.73 -8.79 8.73
C ASN A 37 9.21 -8.47 8.95
N LYS A 38 9.90 -8.18 7.86
CA LYS A 38 11.32 -7.86 7.90
C LYS A 38 11.52 -6.34 8.00
N TRP A 39 12.74 -5.90 7.66
CA TRP A 39 13.16 -4.50 7.81
C TRP A 39 12.09 -3.49 7.31
N SER A 40 11.41 -3.80 6.22
CA SER A 40 10.31 -2.98 5.75
C SER A 40 9.36 -3.80 4.88
N SER A 41 8.33 -3.12 4.37
CA SER A 41 7.34 -3.74 3.52
C SER A 41 7.99 -4.26 2.24
N ARG A 42 7.84 -5.56 1.98
CA ARG A 42 8.53 -6.22 0.88
C ARG A 42 7.86 -5.95 -0.46
N TYR A 43 7.55 -4.69 -0.68
CA TYR A 43 6.99 -4.22 -1.94
C TYR A 43 7.86 -3.10 -2.50
N LEU A 44 8.70 -2.53 -1.64
CA LEU A 44 9.57 -1.44 -2.04
C LEU A 44 11.02 -1.90 -2.02
N PRO A 45 11.87 -1.28 -2.85
CA PRO A 45 13.33 -1.55 -2.86
C PRO A 45 14.00 -1.00 -1.59
N TYR A 46 13.63 -1.58 -0.45
CA TYR A 46 14.11 -1.16 0.87
C TYR A 46 13.45 0.16 1.28
N THR A 47 13.56 1.15 0.42
CA THR A 47 12.98 2.45 0.66
C THR A 47 12.42 3.05 -0.63
N GLN A 48 11.33 3.79 -0.51
CA GLN A 48 10.70 4.44 -1.66
C GLN A 48 9.64 5.42 -1.16
N TYR A 49 9.81 5.84 0.09
CA TYR A 49 8.79 6.61 0.80
C TYR A 49 9.36 7.17 2.09
N ASP A 50 8.66 8.12 2.69
CA ASP A 50 9.03 8.62 4.00
C ASP A 50 7.93 8.30 5.00
N SER A 51 6.69 8.61 4.63
CA SER A 51 5.54 8.36 5.49
C SER A 51 4.85 7.04 5.12
N LEU A 52 4.06 6.51 6.05
CA LEU A 52 3.42 5.22 5.87
C LEU A 52 2.27 5.31 4.86
N LEU A 53 1.64 6.47 4.79
CA LEU A 53 0.57 6.70 3.82
C LEU A 53 1.16 6.71 2.42
N ASP A 54 2.31 7.35 2.29
CA ASP A 54 3.04 7.40 1.03
C ASP A 54 3.51 6.02 0.62
N LEU A 55 3.79 5.19 1.61
CA LEU A 55 4.22 3.81 1.37
C LEU A 55 3.21 3.10 0.48
N ALA A 56 1.93 3.21 0.83
CA ALA A 56 0.87 2.55 0.08
C ALA A 56 0.75 3.11 -1.33
N ARG A 57 0.86 4.42 -1.45
CA ARG A 57 0.73 5.09 -2.75
C ARG A 57 1.92 4.79 -3.64
N ALA A 58 3.10 4.72 -3.04
CA ALA A 58 4.32 4.41 -3.79
C ALA A 58 4.24 3.03 -4.41
N ILE A 59 3.63 2.09 -3.69
CA ILE A 59 3.47 0.73 -4.19
C ILE A 59 2.60 0.74 -5.44
N ILE A 60 1.45 1.39 -5.36
CA ILE A 60 0.51 1.39 -6.47
C ILE A 60 1.12 2.02 -7.72
N ARG A 61 1.90 3.08 -7.53
CA ARG A 61 2.50 3.78 -8.65
C ARG A 61 3.60 2.95 -9.31
N ASP A 62 4.45 2.33 -8.49
CA ASP A 62 5.63 1.65 -9.00
C ASP A 62 5.35 0.21 -9.41
N THR A 63 4.34 -0.38 -8.80
CA THR A 63 3.91 -1.72 -9.21
C THR A 63 2.59 -1.62 -9.94
N VAL A 64 2.67 -1.54 -11.26
CA VAL A 64 1.52 -1.26 -12.10
C VAL A 64 0.55 -2.46 -12.11
N GLU A 65 0.97 -3.55 -11.49
CA GLU A 65 0.13 -4.73 -11.37
C GLU A 65 -1.01 -4.47 -10.37
N PHE A 66 -0.87 -3.40 -9.60
CA PHE A 66 -1.89 -3.00 -8.64
C PHE A 66 -2.80 -1.92 -9.23
N SER A 67 -2.64 -1.64 -10.52
CA SER A 67 -3.49 -0.69 -11.20
C SER A 67 -4.62 -1.43 -11.91
N GLY A 68 -5.82 -1.29 -11.38
CA GLY A 68 -6.97 -1.99 -11.93
C GLY A 68 -7.44 -1.40 -13.24
N VAL A 69 -7.22 -0.10 -13.41
CA VAL A 69 -7.60 0.59 -14.63
C VAL A 69 -6.46 1.51 -15.08
N LYS A 70 -5.95 1.24 -16.27
CA LYS A 70 -4.84 2.01 -16.80
C LYS A 70 -5.34 3.15 -17.67
N GLU A 71 -5.69 4.24 -17.03
CA GLU A 71 -6.16 5.42 -17.74
C GLU A 71 -5.72 6.69 -17.03
N GLY A 72 -4.57 7.20 -17.42
CA GLY A 72 -4.15 8.50 -16.96
C GLY A 72 -4.33 9.52 -18.05
N SER A 73 -3.44 9.51 -19.01
CA SER A 73 -3.54 10.33 -20.21
C SER A 73 -2.72 9.71 -21.33
N MET A 1 -13.96 7.73 9.93
CA MET A 1 -13.78 6.48 9.16
C MET A 1 -12.88 5.51 9.90
N THR A 2 -13.41 4.36 10.26
CA THR A 2 -12.61 3.29 10.83
C THR A 2 -11.72 2.68 9.75
N HIS A 3 -12.31 2.53 8.57
CA HIS A 3 -11.57 2.15 7.39
C HIS A 3 -11.57 3.31 6.41
N HIS A 4 -10.39 3.64 5.91
CA HIS A 4 -10.24 4.73 4.97
C HIS A 4 -10.16 4.18 3.55
N THR A 5 -11.12 4.54 2.72
CA THR A 5 -11.09 4.17 1.32
C THR A 5 -10.48 5.31 0.51
N GLU A 6 -9.62 4.97 -0.43
CA GLU A 6 -8.92 5.98 -1.22
C GLU A 6 -8.68 5.44 -2.63
N VAL A 7 -8.57 6.34 -3.60
CA VAL A 7 -8.25 5.95 -4.97
C VAL A 7 -6.99 6.65 -5.43
N PHE A 8 -5.94 5.89 -5.65
CA PHE A 8 -4.67 6.44 -6.11
C PHE A 8 -4.40 6.01 -7.54
N GLU A 9 -4.53 6.96 -8.48
CA GLU A 9 -4.22 6.72 -9.89
C GLU A 9 -5.01 5.54 -10.46
N GLY A 10 -6.16 5.24 -9.84
CA GLY A 10 -6.98 4.14 -10.30
C GLY A 10 -7.01 2.98 -9.32
N GLY A 11 -6.04 2.96 -8.41
CA GLY A 11 -5.96 1.88 -7.44
C GLY A 11 -6.80 2.14 -6.21
N THR A 12 -7.31 1.09 -5.60
CA THR A 12 -8.19 1.20 -4.45
C THR A 12 -7.43 0.93 -3.15
N ILE A 13 -7.34 1.95 -2.31
CA ILE A 13 -6.65 1.85 -1.04
C ILE A 13 -7.64 1.60 0.09
N ASP A 14 -7.46 0.49 0.80
CA ASP A 14 -8.30 0.15 1.93
C ASP A 14 -7.47 0.14 3.21
N ILE A 15 -7.60 1.18 4.02
CA ILE A 15 -6.82 1.29 5.24
C ILE A 15 -7.70 1.11 6.47
N GLU A 16 -7.40 0.10 7.26
CA GLU A 16 -8.15 -0.16 8.47
C GLU A 16 -7.30 0.12 9.71
N ASP A 17 -7.81 0.99 10.58
CA ASP A 17 -7.15 1.30 11.85
C ASP A 17 -5.73 1.81 11.62
N ASP A 18 -5.50 2.34 10.42
CA ASP A 18 -4.17 2.78 9.94
C ASP A 18 -3.06 1.77 10.26
N THR A 19 -3.43 0.51 10.32
CA THR A 19 -2.49 -0.58 10.55
C THR A 19 -2.82 -1.75 9.62
N SER A 20 -4.07 -2.18 9.66
CA SER A 20 -4.58 -3.18 8.73
C SER A 20 -4.61 -2.59 7.32
N LEU A 21 -3.83 -3.15 6.41
CA LEU A 21 -3.70 -2.57 5.09
C LEU A 21 -4.13 -3.56 4.00
N THR A 22 -5.03 -3.11 3.15
CA THR A 22 -5.46 -3.87 1.99
C THR A 22 -5.56 -2.96 0.78
N ILE A 23 -5.17 -3.46 -0.39
CA ILE A 23 -5.29 -2.69 -1.62
C ILE A 23 -6.02 -3.50 -2.68
N ASN A 24 -7.17 -2.98 -3.12
CA ASN A 24 -8.01 -3.65 -4.12
C ASN A 24 -8.40 -5.06 -3.68
N GLY A 25 -8.36 -5.32 -2.39
CA GLY A 25 -8.82 -6.59 -1.88
C GLY A 25 -7.70 -7.54 -1.49
N LYS A 26 -6.46 -7.17 -1.75
CA LYS A 26 -5.34 -8.03 -1.38
C LYS A 26 -4.55 -7.43 -0.22
N GLU A 27 -4.00 -8.30 0.61
CA GLU A 27 -3.36 -7.90 1.87
C GLU A 27 -2.03 -7.21 1.63
N ILE A 28 -1.83 -6.09 2.33
CA ILE A 28 -0.58 -5.36 2.26
C ILE A 28 0.23 -5.56 3.53
N SER A 29 1.54 -5.66 3.39
CA SER A 29 2.42 -5.80 4.52
C SER A 29 3.55 -4.76 4.48
N TYR A 30 3.61 -3.93 5.50
CA TYR A 30 4.64 -2.90 5.61
C TYR A 30 5.73 -3.34 6.56
N VAL A 31 6.82 -2.59 6.57
CA VAL A 31 7.83 -2.75 7.61
C VAL A 31 7.31 -2.10 8.89
N HIS A 32 6.97 -2.91 9.87
CA HIS A 32 6.29 -2.40 11.04
C HIS A 32 6.98 -2.83 12.31
N ASP A 33 7.28 -1.85 13.16
CA ASP A 33 7.90 -2.10 14.46
C ASP A 33 9.26 -2.75 14.28
N ALA A 34 9.74 -3.37 15.35
CA ALA A 34 10.97 -4.15 15.29
C ALA A 34 10.74 -5.51 15.94
N VAL A 35 9.47 -5.88 16.04
CA VAL A 35 9.08 -7.14 16.66
C VAL A 35 8.11 -7.89 15.75
N LYS A 36 6.97 -7.28 15.49
CA LYS A 36 5.94 -7.85 14.64
C LYS A 36 6.51 -8.23 13.27
N ASN A 37 7.19 -7.28 12.66
CA ASN A 37 7.74 -7.46 11.34
C ASN A 37 9.17 -6.93 11.28
N LYS A 38 10.02 -7.65 10.56
CA LYS A 38 11.38 -7.20 10.28
C LYS A 38 11.62 -7.25 8.79
N TRP A 39 12.64 -6.51 8.35
CA TRP A 39 12.93 -6.32 6.92
C TRP A 39 11.92 -5.34 6.32
N SER A 40 12.41 -4.38 5.54
CA SER A 40 11.59 -3.32 5.00
C SER A 40 10.52 -3.84 4.04
N SER A 41 9.58 -2.96 3.69
CA SER A 41 8.48 -3.30 2.82
C SER A 41 8.98 -3.97 1.54
N ARG A 42 8.77 -5.28 1.45
CA ARG A 42 9.33 -6.08 0.35
C ARG A 42 8.78 -5.66 -1.01
N TYR A 43 7.61 -5.06 -1.01
CA TYR A 43 6.98 -4.61 -2.25
C TYR A 43 7.76 -3.45 -2.87
N LEU A 44 8.54 -2.74 -2.04
CA LEU A 44 9.31 -1.60 -2.50
C LEU A 44 10.80 -1.85 -2.30
N PRO A 45 11.65 -1.14 -3.07
CA PRO A 45 13.09 -1.18 -2.86
C PRO A 45 13.51 -0.36 -1.64
N TYR A 46 14.81 -0.29 -1.38
CA TYR A 46 15.32 0.45 -0.23
C TYR A 46 15.45 1.94 -0.54
N THR A 47 14.36 2.52 -1.02
CA THR A 47 14.29 3.95 -1.27
C THR A 47 13.92 4.67 0.03
N GLN A 48 14.04 6.00 0.03
CA GLN A 48 13.78 6.76 1.23
C GLN A 48 12.30 7.09 1.38
N TYR A 49 11.60 6.22 2.09
CA TYR A 49 10.22 6.47 2.47
C TYR A 49 10.10 6.35 3.98
N ASP A 50 8.98 6.79 4.54
CA ASP A 50 8.82 6.80 5.98
C ASP A 50 7.34 6.78 6.38
N SER A 51 6.51 7.45 5.61
CA SER A 51 5.10 7.62 5.96
C SER A 51 4.25 6.46 5.42
N LEU A 52 3.31 6.01 6.23
CA LEU A 52 2.45 4.88 5.85
C LEU A 52 1.54 5.26 4.69
N LEU A 53 1.08 6.50 4.68
CA LEU A 53 0.26 7.02 3.59
C LEU A 53 1.08 7.02 2.30
N ASP A 54 2.35 7.39 2.44
CA ASP A 54 3.27 7.41 1.31
C ASP A 54 3.49 6.00 0.77
N LEU A 55 3.66 5.05 1.68
CA LEU A 55 3.85 3.64 1.32
C LEU A 55 2.73 3.15 0.43
N ALA A 56 1.50 3.43 0.83
CA ALA A 56 0.32 3.00 0.06
C ALA A 56 0.36 3.51 -1.36
N ARG A 57 0.82 4.75 -1.53
CA ARG A 57 0.93 5.36 -2.84
C ARG A 57 2.07 4.72 -3.63
N ALA A 58 3.19 4.52 -2.95
CA ALA A 58 4.37 3.94 -3.57
C ALA A 58 4.07 2.55 -4.12
N ILE A 59 3.27 1.80 -3.39
CA ILE A 59 2.87 0.46 -3.81
C ILE A 59 2.09 0.51 -5.12
N ILE A 60 1.06 1.37 -5.18
CA ILE A 60 0.23 1.43 -6.36
C ILE A 60 1.01 2.00 -7.55
N ARG A 61 1.84 3.00 -7.28
CA ARG A 61 2.57 3.69 -8.33
C ARG A 61 3.68 2.82 -8.93
N ASP A 62 4.33 2.02 -8.10
CA ASP A 62 5.54 1.30 -8.54
C ASP A 62 5.22 -0.09 -9.06
N THR A 63 4.14 -0.67 -8.59
CA THR A 63 3.73 -1.99 -9.03
C THR A 63 2.24 -2.03 -9.33
N VAL A 64 1.90 -2.56 -10.50
CA VAL A 64 0.55 -2.46 -11.04
C VAL A 64 -0.25 -3.75 -10.79
N GLU A 65 0.41 -4.75 -10.23
CA GLU A 65 -0.24 -6.02 -9.92
C GLU A 65 -1.27 -5.84 -8.80
N PHE A 66 -1.31 -4.64 -8.24
CA PHE A 66 -2.23 -4.31 -7.17
C PHE A 66 -3.53 -3.72 -7.71
N SER A 67 -3.54 -3.42 -9.00
CA SER A 67 -4.74 -2.91 -9.65
C SER A 67 -5.70 -4.04 -9.97
N GLY A 68 -6.58 -4.34 -9.02
CA GLY A 68 -7.56 -5.40 -9.22
C GLY A 68 -8.97 -4.89 -9.13
N VAL A 69 -9.56 -4.59 -10.29
CA VAL A 69 -10.93 -4.11 -10.33
C VAL A 69 -11.90 -5.27 -10.55
N LYS A 70 -12.81 -5.46 -9.62
CA LYS A 70 -13.83 -6.50 -9.73
C LYS A 70 -15.10 -5.88 -10.35
N GLU A 71 -15.63 -4.88 -9.66
CA GLU A 71 -16.68 -4.04 -10.23
C GLU A 71 -16.29 -2.58 -10.06
N GLY A 72 -16.63 -1.78 -11.04
CA GLY A 72 -16.32 -0.37 -10.98
C GLY A 72 -16.93 0.39 -12.14
N SER A 73 -16.14 1.25 -12.75
CA SER A 73 -16.60 2.03 -13.88
C SER A 73 -15.45 2.23 -14.86
N MET A 1 -14.53 7.27 8.69
CA MET A 1 -13.94 7.59 10.01
C MET A 1 -12.89 6.55 10.39
N THR A 2 -13.33 5.46 11.01
CA THR A 2 -12.43 4.41 11.47
C THR A 2 -11.83 3.64 10.30
N HIS A 3 -12.61 3.52 9.23
CA HIS A 3 -12.11 2.91 8.00
C HIS A 3 -11.97 3.98 6.93
N HIS A 4 -10.95 3.86 6.11
CA HIS A 4 -10.69 4.83 5.06
C HIS A 4 -10.66 4.17 3.69
N THR A 5 -11.46 4.69 2.78
CA THR A 5 -11.38 4.29 1.39
C THR A 5 -10.55 5.32 0.65
N GLU A 6 -9.73 4.87 -0.28
CA GLU A 6 -8.81 5.74 -0.98
C GLU A 6 -8.62 5.26 -2.42
N VAL A 7 -8.50 6.18 -3.35
CA VAL A 7 -8.26 5.85 -4.73
C VAL A 7 -6.98 6.53 -5.22
N PHE A 8 -6.00 5.72 -5.62
CA PHE A 8 -4.75 6.27 -6.13
C PHE A 8 -4.57 5.86 -7.58
N GLU A 9 -4.75 6.82 -8.49
CA GLU A 9 -4.59 6.60 -9.93
C GLU A 9 -5.52 5.49 -10.45
N GLY A 10 -6.55 5.18 -9.68
CA GLY A 10 -7.48 4.14 -10.07
C GLY A 10 -7.42 2.93 -9.16
N GLY A 11 -6.33 2.83 -8.39
CA GLY A 11 -6.15 1.70 -7.49
C GLY A 11 -6.96 1.88 -6.22
N THR A 12 -7.52 0.80 -5.72
CA THR A 12 -8.37 0.85 -4.55
C THR A 12 -7.56 0.62 -3.28
N ILE A 13 -7.53 1.63 -2.43
CA ILE A 13 -6.85 1.53 -1.15
C ILE A 13 -7.86 1.30 -0.03
N ASP A 14 -7.72 0.17 0.64
CA ASP A 14 -8.61 -0.21 1.72
C ASP A 14 -7.89 -0.08 3.05
N ILE A 15 -8.20 0.96 3.80
CA ILE A 15 -7.51 1.20 5.06
C ILE A 15 -8.43 0.97 6.25
N GLU A 16 -7.97 0.14 7.16
CA GLU A 16 -8.68 -0.12 8.41
C GLU A 16 -7.85 0.39 9.58
N ASP A 17 -8.44 1.26 10.38
CA ASP A 17 -7.81 1.78 11.60
C ASP A 17 -6.54 2.58 11.26
N ASP A 18 -6.41 2.94 9.98
CA ASP A 18 -5.27 3.71 9.46
C ASP A 18 -3.96 2.90 9.54
N THR A 19 -4.07 1.64 9.95
CA THR A 19 -2.89 0.78 10.09
C THR A 19 -3.02 -0.51 9.28
N SER A 20 -4.20 -1.10 9.32
CA SER A 20 -4.49 -2.31 8.54
C SER A 20 -4.43 -1.99 7.05
N LEU A 21 -3.46 -2.59 6.36
CA LEU A 21 -3.19 -2.25 4.97
C LEU A 21 -3.75 -3.31 4.03
N THR A 22 -4.73 -2.92 3.22
CA THR A 22 -5.22 -3.75 2.14
C THR A 22 -5.39 -2.91 0.88
N ILE A 23 -5.03 -3.46 -0.27
CA ILE A 23 -5.17 -2.76 -1.54
C ILE A 23 -5.90 -3.65 -2.54
N ASN A 24 -7.05 -3.18 -3.03
CA ASN A 24 -7.87 -3.94 -3.98
C ASN A 24 -8.32 -5.27 -3.36
N GLY A 25 -8.34 -5.31 -2.03
CA GLY A 25 -8.76 -6.51 -1.33
C GLY A 25 -7.58 -7.37 -0.90
N LYS A 26 -6.40 -7.08 -1.43
CA LYS A 26 -5.20 -7.85 -1.14
C LYS A 26 -4.39 -7.19 -0.04
N GLU A 27 -3.99 -7.95 0.98
CA GLU A 27 -3.20 -7.40 2.07
C GLU A 27 -1.73 -7.32 1.65
N ILE A 28 -1.06 -6.26 2.06
CA ILE A 28 0.31 -6.02 1.65
C ILE A 28 1.28 -6.32 2.78
N SER A 29 2.28 -7.15 2.49
CA SER A 29 3.35 -7.42 3.44
C SER A 29 4.13 -6.13 3.75
N TYR A 30 3.86 -5.57 4.92
CA TYR A 30 4.45 -4.32 5.32
C TYR A 30 5.51 -4.52 6.40
N VAL A 31 6.15 -3.42 6.74
CA VAL A 31 7.07 -3.40 7.86
C VAL A 31 6.42 -2.63 9.00
N HIS A 32 5.56 -3.30 9.75
CA HIS A 32 4.87 -2.67 10.86
C HIS A 32 5.74 -2.70 12.11
N ASP A 33 6.48 -1.61 12.30
CA ASP A 33 7.42 -1.47 13.42
C ASP A 33 8.62 -2.39 13.24
N ALA A 34 9.69 -2.14 14.01
CA ALA A 34 10.96 -2.80 13.77
C ALA A 34 11.28 -3.90 14.78
N VAL A 35 10.25 -4.44 15.43
CA VAL A 35 10.44 -5.59 16.32
C VAL A 35 11.07 -6.76 15.55
N LYS A 36 10.40 -7.17 14.48
CA LYS A 36 10.89 -8.23 13.64
C LYS A 36 11.54 -7.65 12.39
N ASN A 37 10.88 -6.62 11.84
CA ASN A 37 11.29 -5.99 10.58
C ASN A 37 11.11 -6.95 9.42
N LYS A 38 12.03 -7.92 9.32
CA LYS A 38 11.96 -8.98 8.31
C LYS A 38 11.95 -8.42 6.90
N TRP A 39 13.08 -7.79 6.52
CA TRP A 39 13.25 -7.20 5.20
C TRP A 39 12.31 -5.99 5.04
N SER A 40 12.34 -5.38 3.87
CA SER A 40 11.49 -4.24 3.60
C SER A 40 10.23 -4.67 2.83
N SER A 41 9.31 -3.75 2.63
CA SER A 41 8.11 -4.01 1.85
C SER A 41 8.51 -4.54 0.45
N ARG A 42 8.27 -5.82 0.23
CA ARG A 42 8.79 -6.52 -0.96
C ARG A 42 8.16 -6.03 -2.26
N TYR A 43 7.10 -5.24 -2.14
CA TYR A 43 6.42 -4.70 -3.31
C TYR A 43 7.17 -3.49 -3.85
N LEU A 44 8.12 -2.98 -3.07
CA LEU A 44 8.88 -1.80 -3.44
C LEU A 44 10.37 -2.10 -3.54
N PRO A 45 10.85 -2.53 -4.72
CA PRO A 45 12.25 -2.86 -4.95
C PRO A 45 13.19 -1.68 -4.74
N TYR A 46 13.76 -1.60 -3.53
CA TYR A 46 14.72 -0.57 -3.15
C TYR A 46 14.31 0.84 -3.59
N THR A 47 13.11 1.25 -3.17
CA THR A 47 12.64 2.60 -3.44
C THR A 47 12.70 3.44 -2.17
N GLN A 48 12.59 4.76 -2.32
CA GLN A 48 12.64 5.66 -1.19
C GLN A 48 11.24 6.04 -0.74
N TYR A 49 11.02 6.00 0.57
CA TYR A 49 9.74 6.38 1.17
C TYR A 49 9.93 6.73 2.64
N ASP A 50 8.85 7.17 3.29
CA ASP A 50 8.93 7.56 4.69
C ASP A 50 7.67 7.18 5.47
N SER A 51 6.52 7.53 4.93
CA SER A 51 5.26 7.38 5.65
C SER A 51 4.54 6.10 5.25
N LEU A 52 3.55 5.70 6.04
CA LEU A 52 2.79 4.48 5.77
C LEU A 52 1.85 4.70 4.59
N LEU A 53 1.15 5.82 4.58
CA LEU A 53 0.28 6.17 3.48
C LEU A 53 1.09 6.47 2.23
N ASP A 54 2.24 7.10 2.44
CA ASP A 54 3.20 7.35 1.35
C ASP A 54 3.67 6.03 0.76
N LEU A 55 3.94 5.06 1.64
CA LEU A 55 4.31 3.71 1.23
C LEU A 55 3.23 3.09 0.35
N ALA A 56 1.99 3.16 0.84
CA ALA A 56 0.85 2.59 0.12
C ALA A 56 0.72 3.17 -1.29
N ARG A 57 0.90 4.48 -1.40
CA ARG A 57 0.80 5.16 -2.69
C ARG A 57 2.01 4.80 -3.57
N ALA A 58 3.16 4.63 -2.94
CA ALA A 58 4.38 4.25 -3.66
C ALA A 58 4.23 2.86 -4.28
N ILE A 59 3.49 1.98 -3.60
CA ILE A 59 3.24 0.63 -4.08
C ILE A 59 2.48 0.67 -5.41
N ILE A 60 1.39 1.44 -5.43
CA ILE A 60 0.56 1.55 -6.63
C ILE A 60 1.31 2.28 -7.73
N ARG A 61 2.06 3.31 -7.36
CA ARG A 61 2.80 4.12 -8.32
C ARG A 61 3.86 3.30 -9.04
N ASP A 62 4.44 2.32 -8.35
CA ASP A 62 5.58 1.57 -8.91
C ASP A 62 5.12 0.31 -9.64
N THR A 63 3.83 0.02 -9.57
CA THR A 63 3.29 -1.18 -10.20
C THR A 63 2.13 -0.85 -11.14
N VAL A 64 2.10 -1.50 -12.28
CA VAL A 64 1.03 -1.31 -13.24
C VAL A 64 -0.09 -2.30 -12.97
N GLU A 65 0.18 -3.20 -12.04
CA GLU A 65 -0.80 -4.20 -11.62
C GLU A 65 -2.04 -3.53 -11.01
N PHE A 66 -1.82 -2.53 -10.18
CA PHE A 66 -2.91 -1.82 -9.55
C PHE A 66 -3.35 -0.65 -10.43
N SER A 67 -2.40 -0.08 -11.15
CA SER A 67 -2.69 1.03 -12.04
C SER A 67 -3.15 0.53 -13.41
N GLY A 68 -4.39 0.08 -13.46
CA GLY A 68 -4.93 -0.47 -14.68
C GLY A 68 -6.04 0.38 -15.27
N VAL A 69 -6.03 0.53 -16.59
CA VAL A 69 -7.05 1.28 -17.29
C VAL A 69 -8.18 0.35 -17.74
N LYS A 70 -9.41 0.72 -17.41
CA LYS A 70 -10.57 -0.10 -17.77
C LYS A 70 -10.95 0.14 -19.23
N GLU A 71 -11.20 1.40 -19.57
CA GLU A 71 -11.60 1.76 -20.92
C GLU A 71 -11.47 3.26 -21.12
N GLY A 72 -10.82 3.65 -22.20
CA GLY A 72 -10.61 5.06 -22.48
C GLY A 72 -9.93 5.27 -23.81
N SER A 73 -10.67 5.07 -24.90
CA SER A 73 -10.13 5.23 -26.23
C SER A 73 -11.25 5.58 -27.20
N MET A 1 -13.73 -0.18 14.39
CA MET A 1 -13.47 -0.66 13.02
C MET A 1 -13.72 0.44 12.01
N THR A 2 -12.66 1.12 11.62
CA THR A 2 -12.77 2.20 10.64
C THR A 2 -12.47 1.68 9.23
N HIS A 3 -13.15 2.24 8.23
CA HIS A 3 -12.88 1.89 6.85
C HIS A 3 -12.52 3.13 6.04
N HIS A 4 -11.25 3.27 5.75
CA HIS A 4 -10.75 4.39 4.97
C HIS A 4 -10.47 3.94 3.55
N THR A 5 -11.14 4.56 2.59
CA THR A 5 -10.97 4.19 1.19
C THR A 5 -10.45 5.38 0.38
N GLU A 6 -9.38 5.15 -0.37
CA GLU A 6 -8.80 6.18 -1.22
C GLU A 6 -8.45 5.57 -2.57
N VAL A 7 -8.52 6.36 -3.62
CA VAL A 7 -8.13 5.88 -4.94
C VAL A 7 -6.88 6.60 -5.41
N PHE A 8 -5.85 5.83 -5.71
CA PHE A 8 -4.61 6.37 -6.22
C PHE A 8 -4.38 5.87 -7.64
N GLU A 9 -4.59 6.75 -8.61
CA GLU A 9 -4.36 6.46 -10.03
C GLU A 9 -5.06 5.15 -10.47
N GLY A 10 -6.14 4.80 -9.79
CA GLY A 10 -6.88 3.60 -10.14
C GLY A 10 -6.85 2.55 -9.06
N GLY A 11 -5.82 2.58 -8.22
CA GLY A 11 -5.70 1.59 -7.17
C GLY A 11 -6.43 2.03 -5.92
N THR A 12 -7.18 1.12 -5.33
CA THR A 12 -7.99 1.44 -4.16
C THR A 12 -7.27 1.08 -2.88
N ILE A 13 -7.12 2.06 -2.00
CA ILE A 13 -6.49 1.86 -0.71
C ILE A 13 -7.56 1.65 0.36
N ASP A 14 -7.51 0.52 1.01
CA ASP A 14 -8.45 0.17 2.06
C ASP A 14 -7.72 0.08 3.40
N ILE A 15 -7.96 1.03 4.28
CA ILE A 15 -7.32 1.02 5.59
C ILE A 15 -8.34 0.70 6.66
N GLU A 16 -8.04 -0.29 7.48
CA GLU A 16 -8.96 -0.70 8.53
C GLU A 16 -8.27 -0.69 9.88
N ASP A 17 -8.94 -0.08 10.84
CA ASP A 17 -8.62 -0.22 12.25
C ASP A 17 -7.12 0.00 12.54
N ASP A 18 -6.54 1.00 11.88
CA ASP A 18 -5.15 1.44 12.14
C ASP A 18 -4.10 0.48 11.58
N THR A 19 -4.22 -0.79 11.93
CA THR A 19 -3.15 -1.74 11.65
C THR A 19 -3.37 -2.51 10.34
N SER A 20 -4.61 -2.57 9.88
CA SER A 20 -4.93 -3.39 8.71
C SER A 20 -4.86 -2.58 7.42
N LEU A 21 -3.81 -2.80 6.64
CA LEU A 21 -3.66 -2.16 5.34
C LEU A 21 -4.00 -3.14 4.23
N THR A 22 -4.98 -2.79 3.43
CA THR A 22 -5.36 -3.58 2.28
C THR A 22 -5.45 -2.69 1.04
N ILE A 23 -5.00 -3.19 -0.10
CA ILE A 23 -5.12 -2.45 -1.35
C ILE A 23 -5.84 -3.29 -2.39
N ASN A 24 -6.96 -2.77 -2.88
CA ASN A 24 -7.78 -3.46 -3.88
C ASN A 24 -8.35 -4.77 -3.30
N GLY A 25 -8.24 -4.92 -1.99
CA GLY A 25 -8.76 -6.11 -1.33
C GLY A 25 -7.68 -6.92 -0.64
N LYS A 26 -6.49 -6.97 -1.22
CA LYS A 26 -5.41 -7.80 -0.69
C LYS A 26 -4.60 -7.04 0.38
N GLU A 27 -4.10 -7.79 1.36
CA GLU A 27 -3.31 -7.21 2.45
C GLU A 27 -1.96 -6.73 1.94
N ILE A 28 -1.49 -5.64 2.51
CA ILE A 28 -0.16 -5.12 2.21
C ILE A 28 0.82 -5.52 3.32
N SER A 29 2.00 -5.97 2.93
CA SER A 29 3.02 -6.36 3.89
C SER A 29 4.02 -5.23 4.07
N TYR A 30 4.33 -4.92 5.33
CA TYR A 30 5.21 -3.80 5.66
C TYR A 30 6.30 -4.23 6.62
N VAL A 31 7.36 -3.44 6.67
CA VAL A 31 8.36 -3.59 7.71
C VAL A 31 7.83 -3.00 9.03
N HIS A 32 7.07 -3.80 9.74
CA HIS A 32 6.35 -3.34 10.92
C HIS A 32 6.99 -3.87 12.19
N ASP A 33 6.72 -3.18 13.30
CA ASP A 33 7.19 -3.61 14.63
C ASP A 33 8.72 -3.60 14.70
N ALA A 34 9.27 -4.09 15.80
CA ALA A 34 10.70 -4.17 15.97
C ALA A 34 11.17 -5.61 15.84
N VAL A 35 10.30 -6.54 16.19
CA VAL A 35 10.61 -7.96 16.09
C VAL A 35 10.34 -8.44 14.67
N LYS A 36 9.33 -7.86 14.06
CA LYS A 36 8.95 -8.20 12.69
C LYS A 36 9.71 -7.33 11.70
N ASN A 37 10.61 -6.51 12.23
CA ASN A 37 11.38 -5.57 11.43
C ASN A 37 12.30 -6.31 10.45
N LYS A 38 11.97 -6.22 9.17
CA LYS A 38 12.79 -6.79 8.12
C LYS A 38 13.57 -5.67 7.44
N TRP A 39 14.15 -5.92 6.27
CA TRP A 39 14.88 -4.87 5.58
C TRP A 39 13.91 -3.84 4.99
N SER A 40 12.87 -4.33 4.34
CA SER A 40 11.84 -3.47 3.74
C SER A 40 10.61 -4.30 3.42
N SER A 41 9.58 -3.65 2.90
CA SER A 41 8.37 -4.32 2.47
C SER A 41 8.63 -5.08 1.16
N ARG A 42 8.19 -6.32 1.09
CA ARG A 42 8.46 -7.17 -0.07
C ARG A 42 7.56 -6.82 -1.24
N TYR A 43 7.84 -5.68 -1.83
CA TYR A 43 7.12 -5.22 -3.01
C TYR A 43 8.07 -4.50 -3.95
N LEU A 44 8.62 -3.40 -3.48
CA LEU A 44 9.57 -2.62 -4.27
C LEU A 44 10.99 -2.92 -3.78
N PRO A 45 12.01 -2.59 -4.58
CA PRO A 45 13.42 -2.79 -4.20
C PRO A 45 13.84 -1.85 -3.07
N TYR A 46 13.53 -2.28 -1.85
CA TYR A 46 13.85 -1.54 -0.62
C TYR A 46 12.97 -0.30 -0.52
N THR A 47 13.25 0.64 -1.41
CA THR A 47 12.61 1.96 -1.48
C THR A 47 12.67 2.73 -0.15
N GLN A 48 12.88 4.04 -0.26
CA GLN A 48 12.96 4.89 0.91
C GLN A 48 11.61 5.54 1.21
N TYR A 49 10.97 5.06 2.25
CA TYR A 49 9.68 5.58 2.67
C TYR A 49 9.64 5.72 4.19
N ASP A 50 8.99 6.77 4.67
CA ASP A 50 8.90 7.02 6.10
C ASP A 50 7.44 7.18 6.52
N SER A 51 6.56 7.29 5.55
CA SER A 51 5.14 7.39 5.82
C SER A 51 4.42 6.13 5.32
N LEU A 52 3.49 5.65 6.13
CA LEU A 52 2.69 4.48 5.76
C LEU A 52 1.81 4.81 4.54
N LEU A 53 1.26 6.02 4.53
CA LEU A 53 0.45 6.47 3.42
C LEU A 53 1.29 6.61 2.17
N ASP A 54 2.51 7.11 2.34
CA ASP A 54 3.44 7.27 1.24
C ASP A 54 3.84 5.92 0.68
N LEU A 55 4.07 4.97 1.58
CA LEU A 55 4.44 3.62 1.23
C LEU A 55 3.37 2.99 0.33
N ALA A 56 2.11 3.09 0.77
CA ALA A 56 0.99 2.51 0.04
C ALA A 56 0.87 3.10 -1.37
N ARG A 57 0.99 4.41 -1.47
CA ARG A 57 0.86 5.10 -2.75
C ARG A 57 2.05 4.78 -3.66
N ALA A 58 3.21 4.59 -3.07
CA ALA A 58 4.41 4.26 -3.83
C ALA A 58 4.26 2.92 -4.52
N ILE A 59 3.62 1.96 -3.83
CA ILE A 59 3.39 0.65 -4.40
C ILE A 59 2.49 0.75 -5.62
N ILE A 60 1.36 1.44 -5.47
CA ILE A 60 0.39 1.56 -6.55
C ILE A 60 1.00 2.26 -7.78
N ARG A 61 1.83 3.26 -7.51
CA ARG A 61 2.49 4.02 -8.57
C ARG A 61 3.43 3.12 -9.39
N ASP A 62 4.20 2.28 -8.70
CA ASP A 62 5.25 1.52 -9.37
C ASP A 62 4.78 0.13 -9.80
N THR A 63 3.70 -0.34 -9.21
CA THR A 63 3.08 -1.57 -9.66
C THR A 63 1.72 -1.26 -10.24
N VAL A 64 1.70 -1.09 -11.56
CA VAL A 64 0.55 -0.51 -12.25
C VAL A 64 -0.63 -1.48 -12.37
N GLU A 65 -0.43 -2.73 -12.02
CA GLU A 65 -1.49 -3.73 -12.17
C GLU A 65 -2.52 -3.61 -11.05
N PHE A 66 -2.32 -2.70 -10.12
CA PHE A 66 -3.32 -2.41 -9.10
C PHE A 66 -4.43 -1.54 -9.68
N SER A 67 -4.11 -0.84 -10.76
CA SER A 67 -5.11 -0.07 -11.49
C SER A 67 -5.88 -1.01 -12.42
N GLY A 68 -7.04 -1.47 -11.95
CA GLY A 68 -7.81 -2.46 -12.68
C GLY A 68 -8.43 -1.91 -13.95
N VAL A 69 -8.91 -0.68 -13.90
CA VAL A 69 -9.56 -0.09 -15.05
C VAL A 69 -8.58 0.75 -15.86
N LYS A 70 -8.07 0.17 -16.93
CA LYS A 70 -7.12 0.86 -17.79
C LYS A 70 -7.83 1.36 -19.04
N GLU A 71 -7.44 2.52 -19.52
CA GLU A 71 -8.04 3.07 -20.73
C GLU A 71 -7.14 2.82 -21.93
N GLY A 72 -7.71 2.22 -22.97
CA GLY A 72 -6.96 1.97 -24.18
C GLY A 72 -6.77 3.25 -24.97
N SER A 73 -5.54 3.50 -25.40
CA SER A 73 -5.23 4.69 -26.18
C SER A 73 -4.08 4.41 -27.12
N MET A 1 -13.77 7.63 11.49
CA MET A 1 -13.08 6.96 10.36
C MET A 1 -12.53 5.62 10.81
N THR A 2 -13.28 4.56 10.54
CA THR A 2 -12.84 3.21 10.83
C THR A 2 -12.06 2.67 9.64
N HIS A 3 -12.56 2.96 8.45
CA HIS A 3 -11.87 2.59 7.23
C HIS A 3 -11.48 3.84 6.48
N HIS A 4 -10.26 3.88 5.98
CA HIS A 4 -9.82 5.01 5.19
C HIS A 4 -9.94 4.69 3.71
N THR A 5 -10.79 5.43 3.03
CA THR A 5 -10.97 5.24 1.60
C THR A 5 -10.09 6.22 0.83
N GLU A 6 -9.26 5.68 -0.05
CA GLU A 6 -8.35 6.49 -0.83
C GLU A 6 -8.15 5.83 -2.20
N VAL A 7 -8.17 6.61 -3.26
CA VAL A 7 -7.94 6.07 -4.59
C VAL A 7 -6.67 6.66 -5.20
N PHE A 8 -5.79 5.80 -5.67
CA PHE A 8 -4.53 6.23 -6.25
C PHE A 8 -4.32 5.55 -7.60
N GLU A 9 -4.41 6.35 -8.67
CA GLU A 9 -4.16 5.85 -10.03
C GLU A 9 -4.99 4.62 -10.37
N GLY A 10 -6.25 4.63 -9.95
CA GLY A 10 -7.14 3.53 -10.24
C GLY A 10 -7.06 2.42 -9.21
N GLY A 11 -6.03 2.45 -8.38
CA GLY A 11 -5.88 1.46 -7.33
C GLY A 11 -6.51 1.94 -6.05
N THR A 12 -7.30 1.07 -5.44
CA THR A 12 -8.00 1.42 -4.22
C THR A 12 -7.14 1.13 -2.99
N ILE A 13 -7.06 2.11 -2.09
CA ILE A 13 -6.37 1.94 -0.84
C ILE A 13 -7.37 1.62 0.26
N ASP A 14 -7.22 0.46 0.87
CA ASP A 14 -8.14 0.00 1.90
C ASP A 14 -7.43 -0.09 3.24
N ILE A 15 -7.66 0.88 4.09
CA ILE A 15 -7.03 0.88 5.40
C ILE A 15 -8.09 0.69 6.48
N GLU A 16 -7.96 -0.38 7.25
CA GLU A 16 -8.92 -0.67 8.31
C GLU A 16 -8.29 -0.38 9.66
N ASP A 17 -9.00 0.39 10.46
CA ASP A 17 -8.66 0.58 11.86
C ASP A 17 -7.29 1.23 12.03
N ASP A 18 -6.74 1.75 10.93
CA ASP A 18 -5.38 2.30 10.88
C ASP A 18 -4.32 1.23 11.13
N THR A 19 -4.75 0.04 11.52
CA THR A 19 -3.83 -1.04 11.89
C THR A 19 -3.56 -1.96 10.71
N SER A 20 -4.56 -2.15 9.86
CA SER A 20 -4.43 -3.08 8.74
C SER A 20 -4.17 -2.30 7.45
N LEU A 21 -3.43 -2.92 6.54
CA LEU A 21 -3.12 -2.30 5.25
C LEU A 21 -3.48 -3.25 4.13
N THR A 22 -4.42 -2.86 3.30
CA THR A 22 -4.81 -3.63 2.14
C THR A 22 -4.97 -2.72 0.92
N ILE A 23 -4.47 -3.17 -0.22
CA ILE A 23 -4.63 -2.41 -1.45
C ILE A 23 -5.52 -3.19 -2.41
N ASN A 24 -6.70 -2.62 -2.69
CA ASN A 24 -7.74 -3.27 -3.51
C ASN A 24 -8.39 -4.44 -2.74
N GLY A 25 -7.58 -5.11 -1.95
CA GLY A 25 -8.04 -6.26 -1.20
C GLY A 25 -6.88 -7.13 -0.77
N LYS A 26 -5.75 -6.97 -1.46
CA LYS A 26 -4.54 -7.72 -1.16
C LYS A 26 -3.84 -7.10 0.04
N GLU A 27 -3.47 -7.94 1.02
CA GLU A 27 -2.86 -7.46 2.25
C GLU A 27 -1.40 -7.09 2.03
N ILE A 28 -0.99 -5.94 2.56
CA ILE A 28 0.35 -5.44 2.33
C ILE A 28 1.25 -5.69 3.53
N SER A 29 2.36 -6.39 3.29
CA SER A 29 3.36 -6.62 4.31
C SER A 29 4.14 -5.33 4.57
N TYR A 30 4.56 -5.14 5.81
CA TYR A 30 5.25 -3.92 6.22
C TYR A 30 5.72 -4.08 7.65
N VAL A 31 6.27 -3.02 8.21
CA VAL A 31 6.59 -3.00 9.62
C VAL A 31 5.30 -2.69 10.39
N HIS A 32 4.56 -3.74 10.70
CA HIS A 32 3.23 -3.58 11.27
C HIS A 32 3.11 -4.25 12.64
N ASP A 33 2.53 -3.49 13.59
CA ASP A 33 2.12 -4.03 14.89
C ASP A 33 3.32 -4.41 15.78
N ALA A 34 4.53 -4.21 15.25
CA ALA A 34 5.78 -4.53 15.96
C ALA A 34 5.99 -6.04 16.13
N VAL A 35 4.94 -6.83 15.93
CA VAL A 35 5.03 -8.27 16.06
C VAL A 35 5.41 -8.91 14.71
N LYS A 36 4.87 -8.36 13.63
CA LYS A 36 5.15 -8.89 12.29
C LYS A 36 6.61 -8.63 11.93
N ASN A 37 6.94 -7.37 11.68
CA ASN A 37 8.33 -6.90 11.50
C ASN A 37 9.17 -7.82 10.60
N LYS A 38 9.15 -7.54 9.31
CA LYS A 38 9.97 -8.29 8.36
C LYS A 38 10.79 -7.35 7.49
N TRP A 39 11.07 -6.16 8.03
CA TRP A 39 11.87 -5.14 7.35
C TRP A 39 11.22 -4.66 6.06
N SER A 40 10.60 -3.50 6.12
CA SER A 40 9.97 -2.87 4.96
C SER A 40 8.82 -3.72 4.42
N SER A 41 8.26 -3.32 3.29
CA SER A 41 7.18 -4.04 2.68
C SER A 41 7.71 -5.13 1.75
N ARG A 42 8.96 -4.97 1.31
CA ARG A 42 9.58 -5.86 0.34
C ARG A 42 8.85 -5.77 -1.00
N TYR A 43 8.21 -4.64 -1.23
CA TYR A 43 7.57 -4.36 -2.50
C TYR A 43 8.45 -3.42 -3.31
N LEU A 44 8.76 -2.29 -2.70
CA LEU A 44 9.72 -1.35 -3.25
C LEU A 44 11.01 -1.45 -2.47
N PRO A 45 12.13 -1.01 -3.06
CA PRO A 45 13.45 -0.99 -2.41
C PRO A 45 13.48 -0.16 -1.13
N TYR A 46 14.68 0.16 -0.69
CA TYR A 46 14.90 0.93 0.55
C TYR A 46 14.53 2.41 0.37
N THR A 47 13.57 2.68 -0.50
CA THR A 47 13.10 4.03 -0.75
C THR A 47 12.47 4.64 0.51
N GLN A 48 12.48 5.95 0.58
CA GLN A 48 12.05 6.64 1.78
C GLN A 48 10.53 6.66 1.92
N TYR A 49 10.00 5.74 2.71
CA TYR A 49 8.58 5.74 3.04
C TYR A 49 8.40 5.42 4.53
N ASP A 50 7.49 6.15 5.18
CA ASP A 50 7.21 5.91 6.59
C ASP A 50 5.73 6.19 6.93
N SER A 51 4.95 6.51 5.91
CA SER A 51 3.53 6.77 6.12
C SER A 51 2.71 5.66 5.46
N LEU A 52 1.64 5.24 6.13
CA LEU A 52 0.82 4.15 5.63
C LEU A 52 0.16 4.52 4.30
N LEU A 53 -0.31 5.75 4.21
CA LEU A 53 -0.92 6.24 2.98
C LEU A 53 0.15 6.37 1.90
N ASP A 54 1.32 6.86 2.30
CA ASP A 54 2.44 7.02 1.38
C ASP A 54 2.89 5.68 0.82
N LEU A 55 3.04 4.71 1.71
CA LEU A 55 3.47 3.36 1.33
C LEU A 55 2.49 2.75 0.33
N ALA A 56 1.20 2.94 0.60
CA ALA A 56 0.16 2.43 -0.29
C ALA A 56 0.28 3.04 -1.68
N ARG A 57 0.56 4.34 -1.74
CA ARG A 57 0.73 5.02 -3.02
C ARG A 57 1.96 4.51 -3.75
N ALA A 58 3.05 4.36 -3.02
CA ALA A 58 4.32 3.95 -3.60
C ALA A 58 4.18 2.60 -4.31
N ILE A 59 3.41 1.71 -3.70
CA ILE A 59 3.18 0.40 -4.30
C ILE A 59 2.36 0.53 -5.57
N ILE A 60 1.24 1.26 -5.51
CA ILE A 60 0.39 1.43 -6.68
C ILE A 60 1.13 2.18 -7.79
N ARG A 61 1.93 3.15 -7.39
CA ARG A 61 2.72 3.95 -8.32
C ARG A 61 3.74 3.10 -9.07
N ASP A 62 4.34 2.13 -8.40
CA ASP A 62 5.42 1.36 -9.00
C ASP A 62 4.94 0.06 -9.63
N THR A 63 3.83 -0.47 -9.12
CA THR A 63 3.27 -1.69 -9.65
C THR A 63 1.89 -1.45 -10.26
N VAL A 64 1.76 -1.70 -11.55
CA VAL A 64 0.53 -1.41 -12.28
C VAL A 64 -0.52 -2.50 -12.07
N GLU A 65 -0.12 -3.56 -11.41
CA GLU A 65 -0.99 -4.70 -11.16
C GLU A 65 -2.18 -4.31 -10.30
N PHE A 66 -1.98 -3.33 -9.42
CA PHE A 66 -3.03 -2.91 -8.51
C PHE A 66 -3.94 -1.87 -9.18
N SER A 67 -3.69 -1.60 -10.45
CA SER A 67 -4.49 -0.67 -11.20
C SER A 67 -5.25 -1.41 -12.31
N GLY A 68 -6.48 -1.00 -12.57
CA GLY A 68 -7.27 -1.64 -13.62
C GLY A 68 -7.06 -0.97 -14.96
N VAL A 69 -7.63 0.21 -15.13
CA VAL A 69 -7.46 0.97 -16.36
C VAL A 69 -7.33 2.47 -16.03
N LYS A 70 -7.51 2.79 -14.75
CA LYS A 70 -7.45 4.16 -14.24
C LYS A 70 -8.63 4.99 -14.71
N GLU A 71 -8.72 5.20 -16.02
CA GLU A 71 -9.72 6.07 -16.63
C GLU A 71 -9.59 7.50 -16.09
N GLY A 72 -8.75 8.28 -16.74
CA GLY A 72 -8.58 9.65 -16.34
C GLY A 72 -9.40 10.59 -17.20
N SER A 73 -9.14 11.87 -17.10
CA SER A 73 -9.82 12.85 -17.94
C SER A 73 -8.90 13.33 -19.05
N MET A 1 -13.77 7.43 11.75
CA MET A 1 -13.76 6.46 10.63
C MET A 1 -12.98 5.22 11.01
N THR A 2 -13.56 4.05 10.71
CA THR A 2 -12.87 2.79 10.94
C THR A 2 -12.08 2.41 9.70
N HIS A 3 -12.53 2.92 8.57
CA HIS A 3 -11.93 2.59 7.28
C HIS A 3 -11.59 3.85 6.50
N HIS A 4 -10.41 3.88 5.93
CA HIS A 4 -10.01 4.96 5.05
C HIS A 4 -9.96 4.46 3.62
N THR A 5 -10.79 5.03 2.77
CA THR A 5 -10.80 4.68 1.37
C THR A 5 -9.92 5.63 0.58
N GLU A 6 -9.16 5.09 -0.36
CA GLU A 6 -8.25 5.89 -1.16
C GLU A 6 -8.22 5.37 -2.59
N VAL A 7 -8.25 6.26 -3.56
CA VAL A 7 -8.13 5.88 -4.96
C VAL A 7 -6.86 6.49 -5.54
N PHE A 8 -5.95 5.63 -5.95
CA PHE A 8 -4.67 6.07 -6.48
C PHE A 8 -4.41 5.40 -7.82
N GLU A 9 -4.50 6.17 -8.90
CA GLU A 9 -4.22 5.67 -10.25
C GLU A 9 -5.08 4.46 -10.61
N GLY A 10 -6.24 4.34 -9.97
CA GLY A 10 -7.14 3.25 -10.26
C GLY A 10 -7.09 2.15 -9.21
N GLY A 11 -6.18 2.29 -8.27
CA GLY A 11 -6.06 1.32 -7.20
C GLY A 11 -6.87 1.73 -5.98
N THR A 12 -7.45 0.75 -5.30
CA THR A 12 -8.27 1.05 -4.14
C THR A 12 -7.54 0.70 -2.85
N ILE A 13 -7.29 1.72 -2.03
CA ILE A 13 -6.62 1.53 -0.77
C ILE A 13 -7.64 1.44 0.35
N ASP A 14 -7.63 0.30 1.02
CA ASP A 14 -8.54 0.04 2.12
C ASP A 14 -7.77 -0.06 3.42
N ILE A 15 -7.86 0.97 4.24
CA ILE A 15 -7.17 0.99 5.52
C ILE A 15 -8.17 0.88 6.67
N GLU A 16 -8.03 -0.16 7.48
CA GLU A 16 -8.95 -0.36 8.58
C GLU A 16 -8.25 -0.36 9.93
N ASP A 17 -8.72 0.54 10.78
CA ASP A 17 -8.29 0.63 12.17
C ASP A 17 -6.76 0.54 12.31
N ASP A 18 -6.06 1.34 11.49
CA ASP A 18 -4.60 1.49 11.58
C ASP A 18 -3.83 0.29 11.03
N THR A 19 -4.16 -0.90 11.52
CA THR A 19 -3.34 -2.07 11.28
C THR A 19 -3.75 -2.84 10.03
N SER A 20 -5.03 -2.81 9.68
CA SER A 20 -5.51 -3.54 8.52
C SER A 20 -5.20 -2.76 7.25
N LEU A 21 -4.19 -3.21 6.51
CA LEU A 21 -3.82 -2.57 5.26
C LEU A 21 -4.17 -3.49 4.09
N THR A 22 -5.11 -3.05 3.26
CA THR A 22 -5.54 -3.82 2.11
C THR A 22 -5.64 -2.93 0.89
N ILE A 23 -5.24 -3.45 -0.26
CA ILE A 23 -5.39 -2.74 -1.52
C ILE A 23 -6.08 -3.64 -2.53
N ASN A 24 -7.27 -3.23 -2.97
CA ASN A 24 -8.08 -4.00 -3.92
C ASN A 24 -8.53 -5.34 -3.32
N GLY A 25 -8.31 -5.52 -2.02
CA GLY A 25 -8.63 -6.77 -1.38
C GLY A 25 -7.38 -7.60 -1.09
N LYS A 26 -6.26 -7.16 -1.67
CA LYS A 26 -4.99 -7.82 -1.46
C LYS A 26 -4.34 -7.27 -0.20
N GLU A 27 -3.74 -8.13 0.62
CA GLU A 27 -3.14 -7.68 1.86
C GLU A 27 -1.77 -7.10 1.58
N ILE A 28 -1.44 -6.02 2.28
CA ILE A 28 -0.14 -5.40 2.13
C ILE A 28 0.67 -5.63 3.39
N SER A 29 1.52 -6.64 3.36
CA SER A 29 2.32 -7.00 4.51
C SER A 29 3.67 -6.28 4.46
N TYR A 30 3.78 -5.18 5.20
CA TYR A 30 5.06 -4.52 5.35
C TYR A 30 5.86 -5.25 6.41
N VAL A 31 7.16 -5.26 6.26
CA VAL A 31 8.00 -5.89 7.26
C VAL A 31 8.41 -4.83 8.28
N HIS A 32 7.47 -4.51 9.17
CA HIS A 32 7.69 -3.49 10.18
C HIS A 32 8.35 -4.10 11.40
N ASP A 33 9.62 -4.43 11.26
CA ASP A 33 10.36 -5.11 12.31
C ASP A 33 11.83 -4.70 12.30
N ALA A 34 12.50 -4.87 13.42
CA ALA A 34 13.91 -4.51 13.55
C ALA A 34 14.74 -5.70 13.98
N VAL A 35 14.08 -6.78 14.39
CA VAL A 35 14.75 -7.96 14.91
C VAL A 35 15.31 -8.80 13.77
N LYS A 36 14.54 -8.93 12.71
CA LYS A 36 14.94 -9.66 11.53
C LYS A 36 15.77 -8.77 10.61
N ASN A 37 15.94 -7.52 11.04
CA ASN A 37 16.78 -6.55 10.34
C ASN A 37 16.30 -6.28 8.92
N LYS A 38 15.03 -6.54 8.66
CA LYS A 38 14.46 -6.29 7.34
C LYS A 38 13.37 -5.25 7.40
N TRP A 39 13.75 -4.00 7.16
CA TRP A 39 12.78 -2.93 7.04
C TRP A 39 12.45 -2.70 5.57
N SER A 40 11.40 -3.35 5.10
CA SER A 40 11.04 -3.29 3.69
C SER A 40 9.57 -3.59 3.49
N SER A 41 9.11 -3.44 2.25
CA SER A 41 7.75 -3.75 1.89
C SER A 41 7.71 -4.91 0.90
N ARG A 42 8.88 -5.23 0.35
CA ARG A 42 9.06 -6.34 -0.60
C ARG A 42 8.50 -6.00 -1.98
N TYR A 43 7.29 -5.45 -2.02
CA TYR A 43 6.63 -5.10 -3.28
C TYR A 43 7.45 -4.06 -4.06
N LEU A 44 8.12 -3.17 -3.36
CA LEU A 44 8.89 -2.12 -3.99
C LEU A 44 10.37 -2.49 -4.05
N PRO A 45 11.05 -2.11 -5.13
CA PRO A 45 12.49 -2.32 -5.29
C PRO A 45 13.32 -1.24 -4.61
N TYR A 46 13.50 -1.42 -3.29
CA TYR A 46 14.26 -0.51 -2.42
C TYR A 46 13.93 0.97 -2.67
N THR A 47 12.70 1.25 -3.09
CA THR A 47 12.27 2.62 -3.31
C THR A 47 12.17 3.38 -1.99
N GLN A 48 12.08 4.70 -2.07
CA GLN A 48 12.07 5.54 -0.88
C GLN A 48 10.66 5.74 -0.36
N TYR A 49 10.48 5.49 0.93
CA TYR A 49 9.22 5.73 1.61
C TYR A 49 9.44 5.87 3.10
N ASP A 50 8.51 6.50 3.79
CA ASP A 50 8.63 6.72 5.22
C ASP A 50 7.33 6.44 5.94
N SER A 51 6.23 6.91 5.37
CA SER A 51 4.96 6.90 6.06
C SER A 51 4.02 5.84 5.47
N LEU A 52 2.89 5.60 6.13
CA LEU A 52 1.99 4.52 5.73
C LEU A 52 1.30 4.81 4.41
N LEU A 53 0.68 5.98 4.30
CA LEU A 53 0.00 6.38 3.09
C LEU A 53 1.01 6.65 1.99
N ASP A 54 2.12 7.24 2.39
CA ASP A 54 3.24 7.51 1.49
C ASP A 54 3.76 6.21 0.87
N LEU A 55 3.85 5.18 1.69
CA LEU A 55 4.29 3.87 1.23
C LEU A 55 3.24 3.25 0.31
N ALA A 56 1.99 3.22 0.78
CA ALA A 56 0.89 2.62 0.03
C ALA A 56 0.72 3.25 -1.35
N ARG A 57 0.82 4.57 -1.43
CA ARG A 57 0.67 5.27 -2.70
C ARG A 57 1.86 5.00 -3.60
N ALA A 58 3.02 4.78 -3.00
CA ALA A 58 4.22 4.43 -3.75
C ALA A 58 4.10 3.02 -4.32
N ILE A 59 3.43 2.14 -3.59
CA ILE A 59 3.22 0.77 -4.02
C ILE A 59 2.43 0.75 -5.32
N ILE A 60 1.30 1.44 -5.34
CA ILE A 60 0.43 1.45 -6.50
C ILE A 60 1.11 2.11 -7.69
N ARG A 61 1.84 3.19 -7.43
CA ARG A 61 2.47 3.96 -8.48
C ARG A 61 3.70 3.25 -9.04
N ASP A 62 4.20 2.26 -8.32
CA ASP A 62 5.39 1.53 -8.77
C ASP A 62 5.04 0.13 -9.29
N THR A 63 3.92 -0.41 -8.81
CA THR A 63 3.45 -1.71 -9.27
C THR A 63 2.01 -1.60 -9.78
N VAL A 64 1.85 -1.75 -11.10
CA VAL A 64 0.57 -1.51 -11.76
C VAL A 64 -0.46 -2.60 -11.44
N GLU A 65 0.02 -3.75 -10.97
CA GLU A 65 -0.86 -4.89 -10.69
C GLU A 65 -1.81 -4.61 -9.52
N PHE A 66 -1.64 -3.46 -8.88
CA PHE A 66 -2.51 -3.07 -7.78
C PHE A 66 -3.58 -2.07 -8.24
N SER A 67 -3.64 -1.82 -9.54
CA SER A 67 -4.72 -1.02 -10.10
C SER A 67 -5.92 -1.93 -10.35
N GLY A 68 -7.11 -1.44 -10.04
CA GLY A 68 -8.29 -2.30 -10.09
C GLY A 68 -9.11 -2.14 -11.36
N VAL A 69 -8.56 -1.47 -12.35
CA VAL A 69 -9.28 -1.25 -13.59
C VAL A 69 -8.32 -1.09 -14.77
N LYS A 70 -8.68 -1.68 -15.89
CA LYS A 70 -7.90 -1.53 -17.11
C LYS A 70 -8.59 -0.53 -18.04
N GLU A 71 -7.82 0.08 -18.92
CA GLU A 71 -8.36 1.02 -19.89
C GLU A 71 -8.86 0.28 -21.12
N GLY A 72 -8.51 -1.00 -21.19
CA GLY A 72 -8.91 -1.83 -22.30
C GLY A 72 -7.82 -2.81 -22.67
N SER A 73 -7.88 -3.35 -23.87
CA SER A 73 -6.86 -4.27 -24.35
C SER A 73 -6.73 -4.16 -25.86
N MET A 1 -16.05 5.64 11.92
CA MET A 1 -15.85 4.78 10.73
C MET A 1 -14.64 3.89 10.93
N THR A 2 -14.66 2.72 10.31
CA THR A 2 -13.62 1.73 10.51
C THR A 2 -12.70 1.60 9.30
N HIS A 3 -13.16 2.03 8.14
CA HIS A 3 -12.35 1.90 6.94
C HIS A 3 -12.12 3.24 6.26
N HIS A 4 -10.89 3.45 5.82
CA HIS A 4 -10.55 4.59 4.98
C HIS A 4 -10.34 4.12 3.56
N THR A 5 -11.12 4.63 2.64
CA THR A 5 -10.95 4.33 1.23
C THR A 5 -10.33 5.52 0.52
N GLU A 6 -9.39 5.26 -0.35
CA GLU A 6 -8.71 6.30 -1.11
C GLU A 6 -8.29 5.74 -2.46
N VAL A 7 -8.51 6.50 -3.52
CA VAL A 7 -8.20 6.01 -4.85
C VAL A 7 -6.97 6.68 -5.42
N PHE A 8 -5.94 5.88 -5.65
CA PHE A 8 -4.70 6.38 -6.20
C PHE A 8 -4.50 5.82 -7.61
N GLU A 9 -4.68 6.67 -8.61
CA GLU A 9 -4.49 6.27 -10.01
C GLU A 9 -5.33 5.04 -10.37
N GLY A 10 -6.53 4.95 -9.81
CA GLY A 10 -7.39 3.82 -10.08
C GLY A 10 -7.23 2.72 -9.05
N GLY A 11 -6.19 2.82 -8.24
CA GLY A 11 -5.97 1.83 -7.21
C GLY A 11 -6.73 2.17 -5.95
N THR A 12 -7.28 1.16 -5.30
CA THR A 12 -8.10 1.39 -4.13
C THR A 12 -7.34 1.08 -2.86
N ILE A 13 -7.15 2.11 -2.04
CA ILE A 13 -6.47 1.95 -0.77
C ILE A 13 -7.49 1.77 0.34
N ASP A 14 -7.41 0.64 1.01
CA ASP A 14 -8.32 0.32 2.09
C ASP A 14 -7.57 0.22 3.40
N ILE A 15 -7.90 1.10 4.32
CA ILE A 15 -7.28 1.05 5.64
C ILE A 15 -8.29 0.59 6.66
N GLU A 16 -8.00 -0.52 7.32
CA GLU A 16 -8.92 -1.09 8.30
C GLU A 16 -8.47 -0.76 9.71
N ASP A 17 -9.32 -0.01 10.40
CA ASP A 17 -9.17 0.24 11.82
C ASP A 17 -7.76 0.73 12.17
N ASP A 18 -7.23 1.64 11.34
CA ASP A 18 -5.95 2.33 11.62
C ASP A 18 -4.72 1.43 11.40
N THR A 19 -4.91 0.13 11.26
CA THR A 19 -3.78 -0.79 11.18
C THR A 19 -3.74 -1.60 9.88
N SER A 20 -4.83 -2.28 9.56
CA SER A 20 -4.86 -3.20 8.44
C SER A 20 -4.68 -2.46 7.11
N LEU A 21 -3.59 -2.75 6.41
CA LEU A 21 -3.33 -2.13 5.13
C LEU A 21 -3.74 -3.07 4.00
N THR A 22 -4.71 -2.66 3.23
CA THR A 22 -5.16 -3.43 2.09
C THR A 22 -5.25 -2.56 0.84
N ILE A 23 -4.81 -3.10 -0.28
CA ILE A 23 -4.90 -2.39 -1.55
C ILE A 23 -5.58 -3.27 -2.59
N ASN A 24 -6.71 -2.77 -3.11
CA ASN A 24 -7.52 -3.50 -4.09
C ASN A 24 -8.02 -4.82 -3.52
N GLY A 25 -7.99 -4.95 -2.20
CA GLY A 25 -8.43 -6.17 -1.56
C GLY A 25 -7.27 -7.00 -1.03
N LYS A 26 -6.09 -6.78 -1.58
CA LYS A 26 -4.91 -7.55 -1.21
C LYS A 26 -4.21 -6.87 -0.04
N GLU A 27 -3.92 -7.63 1.01
CA GLU A 27 -3.33 -7.06 2.21
C GLU A 27 -1.84 -6.80 2.00
N ILE A 28 -1.37 -5.68 2.52
CA ILE A 28 0.03 -5.33 2.42
C ILE A 28 0.72 -5.57 3.76
N SER A 29 1.73 -6.43 3.75
CA SER A 29 2.44 -6.79 4.95
C SER A 29 3.68 -5.94 5.12
N TYR A 30 3.66 -5.04 6.11
CA TYR A 30 4.83 -4.22 6.40
C TYR A 30 5.67 -4.84 7.50
N VAL A 31 6.86 -4.31 7.64
CA VAL A 31 7.75 -4.72 8.71
C VAL A 31 7.83 -3.61 9.76
N HIS A 32 6.97 -3.70 10.75
CA HIS A 32 6.92 -2.71 11.81
C HIS A 32 7.34 -3.34 13.14
N ASP A 33 8.55 -3.02 13.57
CA ASP A 33 9.10 -3.50 14.86
C ASP A 33 9.48 -4.98 14.83
N ALA A 34 8.99 -5.69 13.83
CA ALA A 34 9.27 -7.12 13.69
C ALA A 34 10.64 -7.35 13.07
N VAL A 35 11.64 -7.53 13.92
CA VAL A 35 13.01 -7.69 13.48
C VAL A 35 13.23 -9.04 12.82
N LYS A 36 12.48 -10.05 13.27
CA LYS A 36 12.64 -11.40 12.78
C LYS A 36 12.03 -11.58 11.38
N ASN A 37 11.27 -10.59 10.93
CA ASN A 37 10.61 -10.67 9.64
C ASN A 37 11.57 -10.29 8.50
N LYS A 38 11.03 -9.82 7.39
CA LYS A 38 11.85 -9.49 6.24
C LYS A 38 12.51 -8.13 6.43
N TRP A 39 13.50 -7.82 5.59
CA TRP A 39 14.26 -6.57 5.72
C TRP A 39 13.42 -5.37 5.27
N SER A 40 12.49 -5.60 4.35
CA SER A 40 11.65 -4.52 3.85
C SER A 40 10.27 -5.02 3.46
N SER A 41 9.46 -4.10 2.95
CA SER A 41 8.09 -4.39 2.57
C SER A 41 8.03 -5.10 1.21
N ARG A 42 9.21 -5.32 0.61
CA ARG A 42 9.42 -6.05 -0.68
C ARG A 42 8.68 -5.45 -1.89
N TYR A 43 7.47 -4.93 -1.70
CA TYR A 43 6.70 -4.34 -2.80
C TYR A 43 7.35 -3.05 -3.30
N LEU A 44 8.11 -2.40 -2.44
CA LEU A 44 8.70 -1.11 -2.77
C LEU A 44 10.17 -1.25 -3.17
N PRO A 45 10.67 -0.31 -3.97
CA PRO A 45 12.08 -0.27 -4.38
C PRO A 45 13.02 0.02 -3.20
N TYR A 46 14.30 0.22 -3.52
CA TYR A 46 15.34 0.41 -2.50
C TYR A 46 15.40 1.85 -2.00
N THR A 47 14.24 2.46 -1.79
CA THR A 47 14.17 3.82 -1.28
C THR A 47 13.73 3.80 0.18
N GLN A 48 13.79 4.95 0.84
CA GLN A 48 13.41 5.05 2.24
C GLN A 48 12.07 5.75 2.37
N TYR A 49 11.14 5.08 3.02
CA TYR A 49 9.79 5.59 3.20
C TYR A 49 9.32 5.40 4.63
N ASP A 50 8.99 6.50 5.28
CA ASP A 50 8.53 6.43 6.67
C ASP A 50 7.03 6.70 6.74
N SER A 51 6.50 7.35 5.72
CA SER A 51 5.08 7.66 5.69
C SER A 51 4.29 6.43 5.26
N LEU A 52 3.30 6.06 6.06
CA LEU A 52 2.50 4.87 5.80
C LEU A 52 1.69 5.06 4.52
N LEU A 53 1.09 6.23 4.37
CA LEU A 53 0.31 6.54 3.18
C LEU A 53 1.20 6.64 1.95
N ASP A 54 2.43 7.11 2.15
CA ASP A 54 3.39 7.22 1.06
C ASP A 54 3.75 5.83 0.57
N LEU A 55 3.93 4.93 1.54
CA LEU A 55 4.23 3.52 1.25
C LEU A 55 3.10 2.90 0.43
N ALA A 56 1.87 3.09 0.89
CA ALA A 56 0.69 2.54 0.22
C ALA A 56 0.57 3.05 -1.21
N ARG A 57 0.77 4.35 -1.38
CA ARG A 57 0.69 4.97 -2.71
C ARG A 57 1.83 4.49 -3.59
N ALA A 58 3.01 4.36 -3.01
CA ALA A 58 4.18 3.92 -3.75
C ALA A 58 3.95 2.54 -4.35
N ILE A 59 3.22 1.70 -3.65
CA ILE A 59 2.90 0.37 -4.14
C ILE A 59 2.09 0.45 -5.43
N ILE A 60 1.00 1.23 -5.41
CA ILE A 60 0.17 1.40 -6.59
C ILE A 60 0.97 2.10 -7.67
N ARG A 61 1.77 3.06 -7.25
CA ARG A 61 2.62 3.85 -8.12
C ARG A 61 3.59 2.99 -8.94
N ASP A 62 4.21 2.02 -8.28
CA ASP A 62 5.27 1.25 -8.92
C ASP A 62 4.84 -0.15 -9.34
N THR A 63 3.60 -0.51 -9.08
CA THR A 63 3.08 -1.79 -9.58
C THR A 63 1.88 -1.54 -10.48
N VAL A 64 1.94 -2.09 -11.68
CA VAL A 64 0.93 -1.81 -12.70
C VAL A 64 -0.41 -2.46 -12.38
N GLU A 65 -0.38 -3.60 -11.69
CA GLU A 65 -1.59 -4.39 -11.46
C GLU A 65 -2.48 -3.78 -10.39
N PHE A 66 -1.96 -2.87 -9.58
CA PHE A 66 -2.78 -2.20 -8.59
C PHE A 66 -3.36 -0.91 -9.15
N SER A 67 -2.84 -0.47 -10.28
CA SER A 67 -3.38 0.71 -10.96
C SER A 67 -4.57 0.30 -11.81
N GLY A 68 -5.62 1.12 -11.81
CA GLY A 68 -6.86 0.74 -12.45
C GLY A 68 -7.08 1.42 -13.79
N VAL A 69 -8.02 0.86 -14.56
CA VAL A 69 -8.41 1.40 -15.86
C VAL A 69 -7.28 1.31 -16.89
N LYS A 70 -7.29 0.24 -17.66
CA LYS A 70 -6.43 0.11 -18.83
C LYS A 70 -7.25 0.28 -20.09
N GLU A 71 -7.35 1.52 -20.55
CA GLU A 71 -8.16 1.88 -21.73
C GLU A 71 -9.63 1.50 -21.51
N GLY A 72 -10.42 2.47 -21.08
CA GLY A 72 -11.82 2.23 -20.82
C GLY A 72 -12.52 3.46 -20.27
N SER A 73 -13.53 3.92 -20.98
CA SER A 73 -14.31 5.06 -20.54
C SER A 73 -15.58 4.58 -19.83
N MET A 1 -11.40 9.29 10.23
CA MET A 1 -12.30 8.11 10.20
C MET A 1 -11.60 6.92 10.83
N THR A 2 -12.33 5.82 10.97
CA THR A 2 -11.76 4.58 11.49
C THR A 2 -11.19 3.77 10.33
N HIS A 3 -11.86 3.84 9.18
CA HIS A 3 -11.37 3.20 7.99
C HIS A 3 -11.19 4.22 6.87
N HIS A 4 -10.10 4.10 6.14
CA HIS A 4 -9.74 5.03 5.09
C HIS A 4 -9.93 4.40 3.72
N THR A 5 -10.73 5.03 2.88
CA THR A 5 -10.92 4.56 1.53
C THR A 5 -10.56 5.66 0.53
N GLU A 6 -9.81 5.28 -0.49
CA GLU A 6 -9.44 6.19 -1.57
C GLU A 6 -9.00 5.39 -2.79
N VAL A 7 -8.96 6.04 -3.94
CA VAL A 7 -8.44 5.42 -5.15
C VAL A 7 -7.20 6.16 -5.61
N PHE A 8 -6.11 5.44 -5.78
CA PHE A 8 -4.87 6.03 -6.23
C PHE A 8 -4.52 5.55 -7.62
N GLU A 9 -4.70 6.43 -8.60
CA GLU A 9 -4.33 6.16 -10.00
C GLU A 9 -4.86 4.82 -10.51
N GLY A 10 -6.02 4.40 -10.00
CA GLY A 10 -6.61 3.15 -10.45
C GLY A 10 -6.61 2.07 -9.38
N GLY A 11 -5.74 2.24 -8.39
CA GLY A 11 -5.64 1.26 -7.32
C GLY A 11 -6.52 1.63 -6.15
N THR A 12 -7.22 0.66 -5.60
CA THR A 12 -8.13 0.90 -4.49
C THR A 12 -7.41 0.78 -3.16
N ILE A 13 -7.58 1.77 -2.30
CA ILE A 13 -7.02 1.70 -0.96
C ILE A 13 -8.10 1.35 0.05
N ASP A 14 -7.91 0.23 0.73
CA ASP A 14 -8.80 -0.19 1.80
C ASP A 14 -8.01 -0.31 3.10
N ILE A 15 -8.15 0.68 3.96
CA ILE A 15 -7.44 0.66 5.24
C ILE A 15 -8.44 0.69 6.38
N GLU A 16 -8.38 -0.29 7.26
CA GLU A 16 -9.28 -0.33 8.40
C GLU A 16 -8.53 -0.36 9.71
N ASP A 17 -8.74 0.70 10.49
CA ASP A 17 -8.25 0.81 11.86
C ASP A 17 -6.75 0.46 11.97
N ASP A 18 -5.98 0.93 10.98
CA ASP A 18 -4.51 0.84 11.01
C ASP A 18 -4.01 -0.58 10.72
N THR A 19 -4.72 -1.59 11.21
CA THR A 19 -4.30 -2.97 11.06
C THR A 19 -4.63 -3.52 9.66
N SER A 20 -5.87 -3.32 9.23
CA SER A 20 -6.32 -3.84 7.94
C SER A 20 -5.73 -3.01 6.80
N LEU A 21 -4.64 -3.49 6.23
CA LEU A 21 -4.07 -2.85 5.05
C LEU A 21 -4.37 -3.73 3.84
N THR A 22 -5.20 -3.23 2.95
CA THR A 22 -5.54 -3.94 1.73
C THR A 22 -5.54 -3.01 0.52
N ILE A 23 -4.76 -3.36 -0.49
CA ILE A 23 -4.74 -2.59 -1.71
C ILE A 23 -5.47 -3.36 -2.80
N ASN A 24 -6.66 -2.87 -3.15
CA ASN A 24 -7.50 -3.46 -4.20
C ASN A 24 -7.82 -4.93 -3.89
N GLY A 25 -7.69 -5.29 -2.61
CA GLY A 25 -8.00 -6.65 -2.20
C GLY A 25 -6.78 -7.38 -1.65
N LYS A 26 -5.60 -6.91 -1.99
CA LYS A 26 -4.37 -7.55 -1.54
C LYS A 26 -3.95 -6.98 -0.19
N GLU A 27 -3.79 -7.85 0.80
CA GLU A 27 -3.31 -7.42 2.11
C GLU A 27 -1.79 -7.30 2.07
N ILE A 28 -1.30 -6.10 2.34
CA ILE A 28 0.13 -5.84 2.24
C ILE A 28 0.82 -6.10 3.56
N SER A 29 1.72 -7.07 3.55
CA SER A 29 2.46 -7.44 4.75
C SER A 29 3.53 -6.41 5.08
N TYR A 30 3.34 -5.70 6.19
CA TYR A 30 4.32 -4.77 6.70
C TYR A 30 4.87 -5.28 8.01
N VAL A 31 5.96 -4.67 8.44
CA VAL A 31 6.48 -4.88 9.79
C VAL A 31 6.31 -3.59 10.56
N HIS A 32 5.36 -3.58 11.48
CA HIS A 32 5.01 -2.36 12.20
C HIS A 32 6.09 -2.00 13.20
N ASP A 33 6.95 -1.07 12.79
CA ASP A 33 8.13 -0.64 13.55
C ASP A 33 9.17 -1.76 13.58
N ALA A 34 10.43 -1.40 13.37
CA ALA A 34 11.49 -2.38 13.26
C ALA A 34 12.81 -1.83 13.76
N VAL A 35 13.45 -2.56 14.66
CA VAL A 35 14.75 -2.18 15.19
C VAL A 35 15.79 -3.22 14.83
N LYS A 36 15.67 -4.42 15.39
CA LYS A 36 16.60 -5.50 15.13
C LYS A 36 16.06 -6.40 14.02
N ASN A 37 14.75 -6.66 14.08
CA ASN A 37 14.09 -7.48 13.09
C ASN A 37 13.34 -6.58 12.10
N LYS A 38 13.80 -6.54 10.86
CA LYS A 38 13.18 -5.66 9.87
C LYS A 38 13.08 -6.34 8.51
N TRP A 39 11.93 -6.96 8.25
CA TRP A 39 11.64 -7.48 6.92
C TRP A 39 11.01 -6.38 6.07
N SER A 40 10.36 -5.42 6.76
CA SER A 40 9.73 -4.29 6.10
C SER A 40 8.63 -4.75 5.13
N SER A 41 8.20 -3.85 4.25
CA SER A 41 7.19 -4.16 3.26
C SER A 41 7.71 -5.20 2.28
N ARG A 42 7.13 -6.40 2.31
CA ARG A 42 7.57 -7.50 1.45
C ARG A 42 7.25 -7.21 -0.02
N TYR A 43 6.12 -6.57 -0.27
CA TYR A 43 5.68 -6.30 -1.64
C TYR A 43 6.51 -5.20 -2.29
N LEU A 44 7.10 -4.32 -1.48
CA LEU A 44 7.91 -3.22 -1.99
C LEU A 44 8.96 -2.83 -0.96
N PRO A 45 10.12 -3.49 -0.99
CA PRO A 45 11.15 -3.34 0.04
C PRO A 45 11.95 -2.05 -0.08
N TYR A 46 11.88 -1.24 0.98
CA TYR A 46 12.73 -0.07 1.16
C TYR A 46 12.61 0.93 0.00
N THR A 47 11.42 1.49 -0.14
CA THR A 47 11.18 2.52 -1.14
C THR A 47 11.61 3.88 -0.61
N GLN A 48 11.58 4.90 -1.46
CA GLN A 48 11.88 6.25 -1.02
C GLN A 48 10.59 6.94 -0.58
N TYR A 49 10.24 6.75 0.68
CA TYR A 49 8.99 7.29 1.21
C TYR A 49 9.26 8.00 2.53
N ASP A 50 8.25 8.69 3.05
CA ASP A 50 8.38 9.37 4.33
C ASP A 50 7.42 8.78 5.35
N SER A 51 6.18 8.57 4.93
CA SER A 51 5.15 8.03 5.81
C SER A 51 4.64 6.68 5.29
N LEU A 52 3.88 5.97 6.12
CA LEU A 52 3.33 4.69 5.74
C LEU A 52 2.23 4.88 4.69
N LEU A 53 1.52 6.00 4.80
CA LEU A 53 0.47 6.34 3.85
C LEU A 53 1.11 6.61 2.49
N ASP A 54 2.23 7.33 2.50
CA ASP A 54 2.98 7.64 1.29
C ASP A 54 3.51 6.36 0.66
N LEU A 55 3.95 5.43 1.52
CA LEU A 55 4.43 4.12 1.08
C LEU A 55 3.33 3.34 0.37
N ALA A 56 2.15 3.35 0.95
CA ALA A 56 1.00 2.64 0.38
C ALA A 56 0.72 3.13 -1.04
N ARG A 57 0.77 4.44 -1.25
CA ARG A 57 0.57 5.01 -2.57
C ARG A 57 1.76 4.71 -3.47
N ALA A 58 2.95 4.69 -2.88
CA ALA A 58 4.16 4.36 -3.62
C ALA A 58 4.08 2.96 -4.22
N ILE A 59 3.42 2.05 -3.51
CA ILE A 59 3.24 0.69 -3.99
C ILE A 59 2.39 0.67 -5.25
N ILE A 60 1.24 1.33 -5.21
CA ILE A 60 0.35 1.42 -6.38
C ILE A 60 1.07 2.12 -7.53
N ARG A 61 1.81 3.17 -7.18
CA ARG A 61 2.58 3.93 -8.14
C ARG A 61 3.60 3.07 -8.88
N ASP A 62 4.19 2.11 -8.17
CA ASP A 62 5.27 1.31 -8.74
C ASP A 62 4.78 0.02 -9.37
N THR A 63 3.64 -0.47 -8.91
CA THR A 63 3.10 -1.74 -9.37
C THR A 63 2.35 -1.59 -10.69
N VAL A 64 2.58 -2.53 -11.59
CA VAL A 64 1.97 -2.48 -12.90
C VAL A 64 0.72 -3.34 -12.98
N GLU A 65 0.63 -4.34 -12.11
CA GLU A 65 -0.52 -5.24 -12.10
C GLU A 65 -1.74 -4.57 -11.48
N PHE A 66 -1.51 -3.71 -10.50
CA PHE A 66 -2.59 -2.92 -9.91
C PHE A 66 -2.99 -1.81 -10.88
N SER A 67 -2.05 -1.41 -11.71
CA SER A 67 -2.30 -0.41 -12.74
C SER A 67 -2.64 -1.09 -14.07
N GLY A 68 -3.32 -2.22 -13.98
CA GLY A 68 -3.67 -2.97 -15.17
C GLY A 68 -5.15 -2.86 -15.51
N VAL A 69 -5.84 -1.96 -14.82
CA VAL A 69 -7.27 -1.77 -15.03
C VAL A 69 -7.49 -0.57 -15.94
N LYS A 70 -7.92 -0.83 -17.17
CA LYS A 70 -8.20 0.24 -18.12
C LYS A 70 -9.64 0.71 -17.95
N GLU A 71 -10.57 -0.23 -17.97
CA GLU A 71 -11.98 0.11 -17.87
C GLU A 71 -12.59 -0.57 -16.65
N GLY A 72 -13.52 0.12 -16.00
CA GLY A 72 -14.19 -0.43 -14.85
C GLY A 72 -15.64 -0.74 -15.15
N SER A 73 -16.40 0.28 -15.50
CA SER A 73 -17.81 0.12 -15.82
C SER A 73 -18.31 1.30 -16.66
N MET A 1 -15.00 2.12 14.51
CA MET A 1 -15.31 1.85 13.09
C MET A 1 -14.85 3.01 12.24
N THR A 2 -13.66 2.90 11.66
CA THR A 2 -13.08 3.97 10.87
C THR A 2 -12.21 3.40 9.77
N HIS A 3 -12.63 3.56 8.53
CA HIS A 3 -11.83 3.07 7.42
C HIS A 3 -11.45 4.19 6.46
N HIS A 4 -10.19 4.17 6.06
CA HIS A 4 -9.68 5.10 5.08
C HIS A 4 -9.66 4.44 3.72
N THR A 5 -10.37 5.02 2.77
CA THR A 5 -10.41 4.48 1.42
C THR A 5 -10.15 5.57 0.40
N GLU A 6 -9.38 5.22 -0.62
CA GLU A 6 -9.07 6.12 -1.71
C GLU A 6 -8.61 5.34 -2.93
N VAL A 7 -8.99 5.78 -4.12
CA VAL A 7 -8.54 5.15 -5.33
C VAL A 7 -7.35 5.91 -5.90
N PHE A 8 -6.22 5.23 -5.95
CA PHE A 8 -4.99 5.82 -6.44
C PHE A 8 -4.63 5.20 -7.79
N GLU A 9 -4.83 5.97 -8.86
CA GLU A 9 -4.50 5.54 -10.22
C GLU A 9 -5.16 4.21 -10.60
N GLY A 10 -6.20 3.82 -9.86
CA GLY A 10 -6.88 2.56 -10.15
C GLY A 10 -6.78 1.57 -9.00
N GLY A 11 -5.82 1.80 -8.12
CA GLY A 11 -5.66 0.92 -6.97
C GLY A 11 -6.37 1.47 -5.76
N THR A 12 -7.10 0.62 -5.07
CA THR A 12 -7.90 1.06 -3.94
C THR A 12 -7.17 0.85 -2.63
N ILE A 13 -7.03 1.90 -1.85
CA ILE A 13 -6.41 1.78 -0.53
C ILE A 13 -7.50 1.68 0.53
N ASP A 14 -7.48 0.58 1.26
CA ASP A 14 -8.49 0.33 2.30
C ASP A 14 -7.84 0.02 3.64
N ILE A 15 -8.02 0.91 4.60
CA ILE A 15 -7.54 0.71 5.96
C ILE A 15 -8.72 0.72 6.92
N GLU A 16 -8.95 -0.38 7.64
CA GLU A 16 -10.12 -0.48 8.51
C GLU A 16 -9.74 -0.55 9.97
N ASP A 17 -10.36 0.31 10.74
CA ASP A 17 -10.26 0.29 12.20
C ASP A 17 -8.81 0.48 12.66
N ASP A 18 -8.04 1.23 11.85
CA ASP A 18 -6.62 1.49 12.11
C ASP A 18 -5.82 0.19 11.98
N THR A 19 -6.43 -0.78 11.34
CA THR A 19 -5.81 -2.08 11.09
C THR A 19 -6.18 -2.54 9.70
N SER A 20 -5.94 -3.82 9.40
CA SER A 20 -6.39 -4.42 8.15
C SER A 20 -5.92 -3.63 6.93
N LEU A 21 -4.68 -3.85 6.51
CA LEU A 21 -4.16 -3.12 5.37
C LEU A 21 -4.48 -3.90 4.10
N THR A 22 -5.31 -3.32 3.26
CA THR A 22 -5.70 -3.94 2.02
C THR A 22 -5.65 -2.94 0.87
N ILE A 23 -4.99 -3.33 -0.20
CA ILE A 23 -4.96 -2.50 -1.40
C ILE A 23 -5.59 -3.25 -2.56
N ASN A 24 -6.80 -2.82 -2.92
CA ASN A 24 -7.53 -3.40 -4.05
C ASN A 24 -7.59 -4.92 -3.96
N GLY A 25 -8.00 -5.41 -2.79
CA GLY A 25 -8.15 -6.85 -2.59
C GLY A 25 -6.86 -7.53 -2.19
N LYS A 26 -5.75 -6.81 -2.26
CA LYS A 26 -4.45 -7.38 -1.94
C LYS A 26 -4.07 -7.07 -0.49
N GLU A 27 -3.46 -8.02 0.18
CA GLU A 27 -3.00 -7.80 1.55
C GLU A 27 -1.55 -7.34 1.56
N ILE A 28 -1.29 -6.26 2.28
CA ILE A 28 0.04 -5.67 2.31
C ILE A 28 0.62 -5.75 3.71
N SER A 29 1.55 -6.67 3.91
CA SER A 29 2.19 -6.85 5.20
C SER A 29 3.22 -5.74 5.46
N TYR A 30 3.77 -5.18 4.37
CA TYR A 30 4.91 -4.25 4.47
C TYR A 30 6.09 -4.97 5.13
N VAL A 31 7.06 -4.22 5.59
CA VAL A 31 8.10 -4.77 6.42
C VAL A 31 7.80 -4.45 7.90
N HIS A 32 6.81 -5.15 8.43
CA HIS A 32 6.31 -4.88 9.76
C HIS A 32 6.95 -5.79 10.79
N ASP A 33 8.22 -5.53 11.09
CA ASP A 33 8.94 -6.28 12.08
C ASP A 33 10.33 -5.70 12.31
N ALA A 34 10.84 -5.04 11.29
CA ALA A 34 12.17 -4.46 11.35
C ALA A 34 12.23 -3.14 10.57
N VAL A 35 12.30 -2.04 11.29
CA VAL A 35 12.43 -0.72 10.68
C VAL A 35 13.90 -0.41 10.42
N LYS A 36 14.76 -0.97 11.27
CA LYS A 36 16.20 -0.79 11.12
C LYS A 36 16.73 -1.72 10.04
N ASN A 37 16.36 -2.99 10.13
CA ASN A 37 16.69 -3.95 9.08
C ASN A 37 15.58 -3.93 8.04
N LYS A 38 15.60 -2.92 7.19
CA LYS A 38 14.52 -2.68 6.27
C LYS A 38 14.78 -3.35 4.91
N TRP A 39 13.78 -4.07 4.44
CA TRP A 39 13.80 -4.63 3.10
C TRP A 39 12.70 -3.98 2.28
N SER A 40 11.92 -3.14 2.96
CA SER A 40 10.72 -2.52 2.39
C SER A 40 9.66 -3.59 2.14
N SER A 41 8.54 -3.19 1.57
CA SER A 41 7.48 -4.11 1.25
C SER A 41 7.97 -5.18 0.28
N ARG A 42 7.54 -6.41 0.50
CA ARG A 42 7.96 -7.53 -0.34
C ARG A 42 7.58 -7.31 -1.81
N TYR A 43 6.53 -6.55 -2.03
CA TYR A 43 6.08 -6.23 -3.39
C TYR A 43 7.01 -5.20 -4.03
N LEU A 44 7.54 -4.30 -3.21
CA LEU A 44 8.44 -3.26 -3.68
C LEU A 44 9.71 -3.24 -2.84
N PRO A 45 10.68 -4.10 -3.16
CA PRO A 45 11.90 -4.24 -2.36
C PRO A 45 12.85 -3.05 -2.50
N TYR A 46 13.44 -2.64 -1.37
CA TYR A 46 14.46 -1.60 -1.33
C TYR A 46 13.94 -0.25 -1.84
N THR A 47 12.63 -0.06 -1.79
CA THR A 47 12.03 1.18 -2.25
C THR A 47 12.22 2.30 -1.22
N GLN A 48 12.29 3.53 -1.71
CA GLN A 48 12.48 4.68 -0.85
C GLN A 48 11.14 5.38 -0.60
N TYR A 49 10.84 5.59 0.67
CA TYR A 49 9.59 6.22 1.10
C TYR A 49 9.82 6.94 2.42
N ASP A 50 8.84 7.69 2.88
CA ASP A 50 8.97 8.42 4.14
C ASP A 50 7.84 8.09 5.09
N SER A 51 6.61 8.09 4.58
CA SER A 51 5.44 7.87 5.41
C SER A 51 4.78 6.53 5.06
N LEU A 52 3.91 6.05 5.93
CA LEU A 52 3.21 4.79 5.70
C LEU A 52 2.13 4.97 4.62
N LEU A 53 1.43 6.10 4.67
CA LEU A 53 0.45 6.43 3.65
C LEU A 53 1.16 6.65 2.31
N ASP A 54 2.32 7.30 2.39
CA ASP A 54 3.19 7.51 1.24
C ASP A 54 3.61 6.18 0.64
N LEU A 55 3.96 5.25 1.52
CA LEU A 55 4.38 3.90 1.11
C LEU A 55 3.26 3.21 0.32
N ALA A 56 2.04 3.30 0.86
CA ALA A 56 0.88 2.69 0.21
C ALA A 56 0.69 3.20 -1.21
N ARG A 57 0.80 4.51 -1.37
CA ARG A 57 0.67 5.13 -2.69
C ARG A 57 1.84 4.73 -3.59
N ALA A 58 3.02 4.66 -3.00
CA ALA A 58 4.21 4.27 -3.74
C ALA A 58 4.07 2.87 -4.32
N ILE A 59 3.39 1.99 -3.58
CA ILE A 59 3.16 0.63 -4.03
C ILE A 59 2.33 0.62 -5.31
N ILE A 60 1.23 1.37 -5.30
CA ILE A 60 0.35 1.43 -6.45
C ILE A 60 1.01 2.16 -7.62
N ARG A 61 1.71 3.24 -7.29
CA ARG A 61 2.39 4.08 -8.29
C ARG A 61 3.47 3.31 -9.04
N ASP A 62 4.18 2.45 -8.33
CA ASP A 62 5.36 1.78 -8.89
C ASP A 62 4.97 0.46 -9.56
N THR A 63 3.70 0.10 -9.50
CA THR A 63 3.24 -1.14 -10.09
C THR A 63 2.26 -0.88 -11.24
N VAL A 64 1.69 -1.95 -11.78
CA VAL A 64 0.77 -1.85 -12.90
C VAL A 64 -0.52 -2.61 -12.64
N GLU A 65 -0.40 -3.87 -12.24
CA GLU A 65 -1.56 -4.74 -12.10
C GLU A 65 -2.22 -4.59 -10.72
N PHE A 66 -1.91 -3.49 -10.04
CA PHE A 66 -2.57 -3.19 -8.77
C PHE A 66 -3.84 -2.38 -9.02
N SER A 67 -4.09 -2.05 -10.27
CA SER A 67 -5.32 -1.39 -10.67
C SER A 67 -6.48 -2.38 -10.65
N GLY A 68 -7.69 -1.89 -10.48
CA GLY A 68 -8.84 -2.76 -10.45
C GLY A 68 -9.36 -3.12 -11.83
N VAL A 69 -10.46 -2.48 -12.22
CA VAL A 69 -11.06 -2.74 -13.52
C VAL A 69 -10.78 -1.59 -14.49
N LYS A 70 -10.21 -1.93 -15.64
CA LYS A 70 -9.98 -0.96 -16.70
C LYS A 70 -9.84 -1.69 -18.03
N GLU A 71 -10.44 -1.11 -19.05
CA GLU A 71 -10.39 -1.65 -20.42
C GLU A 71 -8.96 -1.81 -20.91
N GLY A 72 -8.05 -1.05 -20.31
CA GLY A 72 -6.65 -1.10 -20.70
C GLY A 72 -5.86 -0.04 -19.98
N SER A 73 -5.54 1.04 -20.66
CA SER A 73 -4.84 2.17 -20.06
C SER A 73 -5.21 3.44 -20.81
N MET A 1 -14.69 1.83 12.68
CA MET A 1 -14.09 1.75 11.33
C MET A 1 -12.65 2.25 11.35
N THR A 2 -12.47 3.56 11.51
CA THR A 2 -11.16 4.18 11.41
C THR A 2 -10.51 3.79 10.07
N HIS A 3 -11.35 3.71 9.05
CA HIS A 3 -10.91 3.20 7.76
C HIS A 3 -10.63 4.34 6.80
N HIS A 4 -9.61 4.16 5.96
CA HIS A 4 -9.29 5.12 4.93
C HIS A 4 -9.54 4.49 3.56
N THR A 5 -10.46 5.08 2.82
CA THR A 5 -10.75 4.64 1.47
C THR A 5 -10.25 5.66 0.47
N GLU A 6 -9.49 5.21 -0.51
CA GLU A 6 -8.84 6.12 -1.43
C GLU A 6 -8.53 5.42 -2.75
N VAL A 7 -8.62 6.16 -3.85
CA VAL A 7 -8.27 5.62 -5.16
C VAL A 7 -7.03 6.32 -5.70
N PHE A 8 -6.03 5.54 -6.04
CA PHE A 8 -4.76 6.06 -6.52
C PHE A 8 -4.42 5.44 -7.88
N GLU A 9 -4.53 6.23 -8.95
CA GLU A 9 -4.15 5.79 -10.30
C GLU A 9 -4.89 4.51 -10.72
N GLY A 10 -6.09 4.33 -10.19
CA GLY A 10 -6.87 3.14 -10.50
C GLY A 10 -6.82 2.10 -9.41
N GLY A 11 -5.94 2.30 -8.44
CA GLY A 11 -5.80 1.38 -7.33
C GLY A 11 -6.70 1.76 -6.18
N THR A 12 -7.22 0.76 -5.48
CA THR A 12 -8.14 1.01 -4.39
C THR A 12 -7.46 0.76 -3.04
N ILE A 13 -7.47 1.77 -2.19
CA ILE A 13 -6.85 1.68 -0.88
C ILE A 13 -7.89 1.36 0.18
N ASP A 14 -7.70 0.24 0.85
CA ASP A 14 -8.58 -0.16 1.95
C ASP A 14 -7.75 -0.29 3.22
N ILE A 15 -7.83 0.71 4.08
CA ILE A 15 -7.12 0.68 5.35
C ILE A 15 -8.11 0.61 6.49
N GLU A 16 -8.03 -0.44 7.31
CA GLU A 16 -8.95 -0.60 8.41
C GLU A 16 -8.20 -0.65 9.73
N ASP A 17 -8.71 0.09 10.70
CA ASP A 17 -8.23 0.03 12.08
C ASP A 17 -6.74 0.38 12.20
N ASP A 18 -6.19 0.97 11.14
CA ASP A 18 -4.75 1.27 11.04
C ASP A 18 -3.90 0.01 11.21
N THR A 19 -4.53 -1.15 11.04
CA THR A 19 -3.84 -2.42 11.19
C THR A 19 -4.03 -3.29 9.94
N SER A 20 -5.24 -3.29 9.42
CA SER A 20 -5.56 -4.05 8.23
C SER A 20 -5.23 -3.23 6.98
N LEU A 21 -4.12 -3.56 6.33
CA LEU A 21 -3.73 -2.89 5.11
C LEU A 21 -4.10 -3.75 3.91
N THR A 22 -5.01 -3.26 3.10
CA THR A 22 -5.41 -3.96 1.90
C THR A 22 -5.49 -3.01 0.70
N ILE A 23 -4.91 -3.41 -0.41
CA ILE A 23 -5.01 -2.64 -1.64
C ILE A 23 -5.73 -3.46 -2.68
N ASN A 24 -6.91 -2.99 -3.09
CA ASN A 24 -7.75 -3.71 -4.04
C ASN A 24 -8.17 -5.07 -3.49
N GLY A 25 -8.17 -5.17 -2.16
CA GLY A 25 -8.55 -6.40 -1.50
C GLY A 25 -7.35 -7.29 -1.21
N LYS A 26 -6.18 -6.88 -1.69
CA LYS A 26 -4.96 -7.64 -1.49
C LYS A 26 -4.22 -7.12 -0.27
N GLU A 27 -3.96 -8.00 0.69
CA GLU A 27 -3.31 -7.60 1.94
C GLU A 27 -1.85 -7.25 1.70
N ILE A 28 -1.45 -6.09 2.18
CA ILE A 28 -0.07 -5.65 2.04
C ILE A 28 0.64 -5.70 3.39
N SER A 29 1.39 -6.77 3.59
CA SER A 29 2.09 -6.96 4.85
C SER A 29 3.42 -6.20 4.84
N TYR A 30 3.48 -5.13 5.62
CA TYR A 30 4.73 -4.40 5.81
C TYR A 30 5.56 -5.10 6.89
N VAL A 31 6.83 -4.77 6.98
CA VAL A 31 7.67 -5.38 8.01
C VAL A 31 7.74 -4.47 9.25
N HIS A 32 6.71 -4.56 10.08
CA HIS A 32 6.67 -3.80 11.32
C HIS A 32 7.24 -4.64 12.46
N ASP A 33 8.54 -4.56 12.65
CA ASP A 33 9.21 -5.34 13.67
C ASP A 33 10.40 -4.58 14.22
N ALA A 34 10.72 -4.81 15.48
CA ALA A 34 11.79 -4.09 16.15
C ALA A 34 13.16 -4.63 15.75
N VAL A 35 13.24 -5.93 15.53
CA VAL A 35 14.51 -6.57 15.22
C VAL A 35 14.77 -6.55 13.71
N LYS A 36 13.76 -6.91 12.94
CA LYS A 36 13.86 -6.91 11.49
C LYS A 36 14.05 -5.48 10.98
N ASN A 37 13.29 -4.56 11.56
CA ASN A 37 13.38 -3.13 11.27
C ASN A 37 12.93 -2.81 9.84
N LYS A 38 12.71 -1.53 9.57
CA LYS A 38 12.22 -1.08 8.28
C LYS A 38 13.36 -0.91 7.28
N TRP A 39 13.48 -1.84 6.37
CA TRP A 39 14.38 -1.69 5.23
C TRP A 39 13.57 -1.37 3.98
N SER A 40 12.41 -2.01 3.89
CA SER A 40 11.43 -1.80 2.83
C SER A 40 10.10 -2.39 3.30
N SER A 41 9.15 -2.56 2.40
CA SER A 41 7.94 -3.28 2.74
C SER A 41 8.15 -4.77 2.58
N ARG A 42 7.97 -5.25 1.35
CA ARG A 42 8.19 -6.65 0.99
C ARG A 42 8.24 -6.77 -0.52
N TYR A 43 7.16 -6.32 -1.16
CA TYR A 43 7.00 -6.45 -2.61
C TYR A 43 7.87 -5.43 -3.34
N LEU A 44 8.15 -4.30 -2.69
CA LEU A 44 8.97 -3.26 -3.27
C LEU A 44 10.28 -3.09 -2.50
N PRO A 45 11.31 -3.87 -2.84
CA PRO A 45 12.60 -3.82 -2.16
C PRO A 45 13.43 -2.59 -2.57
N TYR A 46 14.05 -1.96 -1.57
CA TYR A 46 14.95 -0.83 -1.78
C TYR A 46 14.22 0.35 -2.40
N THR A 47 13.31 0.93 -1.63
CA THR A 47 12.56 2.10 -2.04
C THR A 47 12.52 3.12 -0.91
N GLN A 48 12.37 4.39 -1.25
CA GLN A 48 12.42 5.46 -0.24
C GLN A 48 11.03 5.83 0.23
N TYR A 49 10.63 5.30 1.36
CA TYR A 49 9.36 5.64 1.99
C TYR A 49 9.43 5.44 3.49
N ASP A 50 8.39 5.87 4.21
CA ASP A 50 8.37 5.76 5.66
C ASP A 50 6.96 5.94 6.22
N SER A 51 6.18 6.80 5.60
CA SER A 51 4.85 7.14 6.11
C SER A 51 3.81 6.16 5.56
N LEU A 52 2.71 6.01 6.29
CA LEU A 52 1.71 4.97 5.97
C LEU A 52 1.06 5.24 4.61
N LEU A 53 0.56 6.45 4.41
CA LEU A 53 -0.08 6.82 3.16
C LEU A 53 0.94 6.84 2.04
N ASP A 54 2.13 7.31 2.39
CA ASP A 54 3.28 7.32 1.49
C ASP A 54 3.63 5.89 1.03
N LEU A 55 3.56 4.94 1.96
CA LEU A 55 3.80 3.53 1.66
C LEU A 55 2.79 3.01 0.65
N ALA A 56 1.51 3.21 0.95
CA ALA A 56 0.44 2.66 0.13
C ALA A 56 0.46 3.23 -1.29
N ARG A 57 0.63 4.53 -1.39
CA ARG A 57 0.60 5.20 -2.67
C ARG A 57 1.83 4.84 -3.51
N ALA A 58 2.98 4.71 -2.86
CA ALA A 58 4.21 4.32 -3.54
C ALA A 58 4.07 2.93 -4.16
N ILE A 59 3.38 2.05 -3.46
CA ILE A 59 3.16 0.69 -3.94
C ILE A 59 2.36 0.70 -5.23
N ILE A 60 1.24 1.41 -5.25
CA ILE A 60 0.39 1.46 -6.43
C ILE A 60 1.12 2.17 -7.58
N ARG A 61 1.84 3.23 -7.24
CA ARG A 61 2.58 4.02 -8.20
C ARG A 61 3.60 3.17 -8.96
N ASP A 62 4.21 2.23 -8.26
CA ASP A 62 5.31 1.45 -8.83
C ASP A 62 4.88 0.04 -9.25
N THR A 63 3.57 -0.23 -9.24
CA THR A 63 3.08 -1.53 -9.66
C THR A 63 2.04 -1.41 -10.76
N VAL A 64 1.85 -2.47 -11.52
CA VAL A 64 0.83 -2.52 -12.55
C VAL A 64 -0.32 -3.42 -12.11
N GLU A 65 -0.06 -4.26 -11.13
CA GLU A 65 -1.05 -5.22 -10.65
C GLU A 65 -2.16 -4.54 -9.85
N PHE A 66 -1.85 -3.39 -9.29
CA PHE A 66 -2.83 -2.65 -8.50
C PHE A 66 -3.47 -1.54 -9.30
N SER A 67 -3.30 -1.59 -10.62
CA SER A 67 -3.96 -0.64 -11.50
C SER A 67 -5.34 -1.19 -11.86
N GLY A 68 -6.23 -0.33 -12.35
CA GLY A 68 -7.59 -0.76 -12.60
C GLY A 68 -8.00 -0.58 -14.04
N VAL A 69 -9.17 -1.11 -14.38
CA VAL A 69 -9.70 -1.00 -15.73
C VAL A 69 -10.43 0.34 -15.90
N LYS A 70 -10.44 1.13 -14.84
CA LYS A 70 -11.08 2.43 -14.86
C LYS A 70 -10.13 3.46 -15.46
N GLU A 71 -10.23 3.66 -16.76
CA GLU A 71 -9.34 4.56 -17.47
C GLU A 71 -9.75 6.01 -17.26
N GLY A 72 -8.80 6.83 -16.84
CA GLY A 72 -9.06 8.23 -16.65
C GLY A 72 -7.83 8.99 -16.24
N SER A 73 -7.85 10.30 -16.42
CA SER A 73 -6.76 11.16 -16.00
C SER A 73 -7.30 12.31 -15.16
N MET A 1 -14.83 3.14 14.97
CA MET A 1 -14.19 2.61 13.75
C MET A 1 -14.36 3.61 12.60
N THR A 2 -13.26 3.96 11.96
CA THR A 2 -13.29 4.83 10.81
C THR A 2 -12.57 4.18 9.63
N HIS A 3 -13.33 3.82 8.61
CA HIS A 3 -12.76 3.21 7.42
C HIS A 3 -12.29 4.29 6.45
N HIS A 4 -11.09 4.15 5.94
CA HIS A 4 -10.56 5.12 5.00
C HIS A 4 -10.53 4.55 3.60
N THR A 5 -11.23 5.19 2.69
CA THR A 5 -11.13 4.86 1.30
C THR A 5 -10.12 5.78 0.64
N GLU A 6 -9.31 5.23 -0.24
CA GLU A 6 -8.30 6.01 -0.94
C GLU A 6 -8.17 5.49 -2.36
N VAL A 7 -8.09 6.39 -3.32
CA VAL A 7 -7.94 5.99 -4.71
C VAL A 7 -6.68 6.61 -5.30
N PHE A 8 -5.75 5.77 -5.68
CA PHE A 8 -4.49 6.23 -6.22
C PHE A 8 -4.21 5.55 -7.56
N GLU A 9 -4.21 6.34 -8.62
CA GLU A 9 -3.90 5.84 -9.97
C GLU A 9 -4.88 4.75 -10.39
N GLY A 10 -6.06 4.75 -9.80
CA GLY A 10 -7.06 3.73 -10.10
C GLY A 10 -7.07 2.60 -9.09
N GLY A 11 -6.15 2.64 -8.13
CA GLY A 11 -6.09 1.60 -7.13
C GLY A 11 -6.84 1.96 -5.88
N THR A 12 -7.59 1.00 -5.33
CA THR A 12 -8.38 1.22 -4.14
C THR A 12 -7.60 0.82 -2.88
N ILE A 13 -7.42 1.78 -1.98
CA ILE A 13 -6.74 1.53 -0.73
C ILE A 13 -7.75 1.31 0.39
N ASP A 14 -7.69 0.14 1.00
CA ASP A 14 -8.57 -0.24 2.09
C ASP A 14 -7.78 -0.17 3.40
N ILE A 15 -8.16 0.73 4.29
CA ILE A 15 -7.49 0.84 5.59
C ILE A 15 -8.41 0.36 6.70
N GLU A 16 -7.95 -0.65 7.42
CA GLU A 16 -8.74 -1.25 8.50
C GLU A 16 -7.96 -1.27 9.81
N ASP A 17 -8.64 -0.88 10.89
CA ASP A 17 -8.11 -1.01 12.26
C ASP A 17 -6.69 -0.41 12.39
N ASP A 18 -6.38 0.57 11.54
CA ASP A 18 -5.10 1.29 11.55
C ASP A 18 -3.95 0.44 10.98
N THR A 19 -3.83 -0.79 11.44
CA THR A 19 -2.69 -1.63 11.09
C THR A 19 -2.97 -2.47 9.83
N SER A 20 -4.23 -2.72 9.53
CA SER A 20 -4.59 -3.55 8.38
C SER A 20 -4.47 -2.75 7.10
N LEU A 21 -3.39 -2.99 6.37
CA LEU A 21 -3.15 -2.32 5.09
C LEU A 21 -3.57 -3.23 3.96
N THR A 22 -4.54 -2.80 3.18
CA THR A 22 -4.99 -3.58 2.03
C THR A 22 -5.17 -2.68 0.82
N ILE A 23 -4.80 -3.18 -0.35
CA ILE A 23 -4.97 -2.45 -1.60
C ILE A 23 -5.62 -3.36 -2.63
N ASN A 24 -6.80 -2.95 -3.13
CA ASN A 24 -7.56 -3.74 -4.11
C ASN A 24 -8.05 -5.05 -3.47
N GLY A 25 -7.93 -5.13 -2.15
CA GLY A 25 -8.29 -6.35 -1.45
C GLY A 25 -7.07 -7.20 -1.13
N LYS A 26 -5.93 -6.78 -1.65
CA LYS A 26 -4.68 -7.49 -1.43
C LYS A 26 -4.00 -6.95 -0.17
N GLU A 27 -3.67 -7.86 0.74
CA GLU A 27 -3.11 -7.48 2.03
C GLU A 27 -1.63 -7.09 1.90
N ILE A 28 -1.28 -5.94 2.48
CA ILE A 28 0.09 -5.45 2.42
C ILE A 28 0.76 -5.57 3.78
N SER A 29 1.62 -6.56 3.91
CA SER A 29 2.44 -6.72 5.10
C SER A 29 3.75 -5.96 4.94
N TYR A 30 3.97 -4.96 5.78
CA TYR A 30 5.19 -4.16 5.70
C TYR A 30 6.20 -4.59 6.75
N VAL A 31 7.43 -4.17 6.53
CA VAL A 31 8.51 -4.38 7.47
C VAL A 31 8.94 -3.04 8.04
N HIS A 32 8.44 -2.71 9.22
CA HIS A 32 8.72 -1.41 9.82
C HIS A 32 9.49 -1.56 11.12
N ASP A 33 10.75 -1.15 11.08
CA ASP A 33 11.58 -1.11 12.28
C ASP A 33 11.37 0.20 13.00
N ALA A 34 10.96 1.21 12.22
CA ALA A 34 10.68 2.56 12.72
C ALA A 34 11.95 3.29 13.14
N VAL A 35 12.66 2.75 14.12
CA VAL A 35 13.81 3.42 14.71
C VAL A 35 15.05 3.32 13.80
N LYS A 36 15.49 2.10 13.53
CA LYS A 36 16.75 1.90 12.82
C LYS A 36 16.54 1.81 11.31
N ASN A 37 15.28 1.82 10.89
CA ASN A 37 14.91 1.83 9.47
C ASN A 37 15.43 0.60 8.72
N LYS A 38 14.66 -0.47 8.74
CA LYS A 38 15.00 -1.66 7.98
C LYS A 38 14.48 -1.53 6.55
N TRP A 39 14.56 -2.61 5.79
CA TRP A 39 14.16 -2.60 4.39
C TRP A 39 12.67 -2.34 4.22
N SER A 40 12.30 -1.88 3.04
CA SER A 40 10.91 -1.56 2.73
C SER A 40 10.09 -2.84 2.57
N SER A 41 8.77 -2.69 2.45
CA SER A 41 7.88 -3.80 2.26
C SER A 41 8.30 -4.67 1.08
N ARG A 42 8.10 -5.98 1.19
CA ARG A 42 8.56 -6.92 0.17
C ARG A 42 7.84 -6.70 -1.17
N TYR A 43 6.72 -6.00 -1.13
CA TYR A 43 5.95 -5.71 -2.35
C TYR A 43 6.50 -4.48 -3.05
N LEU A 44 7.48 -3.84 -2.41
CA LEU A 44 8.04 -2.60 -2.91
C LEU A 44 9.56 -2.74 -3.06
N PRO A 45 10.00 -3.25 -4.21
CA PRO A 45 11.41 -3.61 -4.45
C PRO A 45 12.36 -2.41 -4.45
N TYR A 46 13.06 -2.24 -3.32
CA TYR A 46 14.13 -1.24 -3.17
C TYR A 46 13.59 0.19 -3.11
N THR A 47 12.30 0.35 -3.28
CA THR A 47 11.70 1.67 -3.28
C THR A 47 11.74 2.28 -1.88
N GLN A 48 11.54 3.58 -1.82
CA GLN A 48 11.58 4.30 -0.55
C GLN A 48 10.32 5.12 -0.40
N TYR A 49 9.90 5.35 0.83
CA TYR A 49 8.67 6.06 1.11
C TYR A 49 8.83 6.94 2.34
N ASP A 50 7.89 7.85 2.53
CA ASP A 50 7.91 8.75 3.67
C ASP A 50 7.30 8.08 4.91
N SER A 51 6.09 7.58 4.74
CA SER A 51 5.36 6.94 5.82
C SER A 51 4.31 5.97 5.26
N LEU A 52 3.39 5.50 6.09
CA LEU A 52 2.45 4.43 5.70
C LEU A 52 1.56 4.81 4.53
N LEU A 53 0.97 6.00 4.57
CA LEU A 53 0.06 6.45 3.51
C LEU A 53 0.83 6.57 2.19
N ASP A 54 1.98 7.22 2.24
CA ASP A 54 2.84 7.37 1.07
C ASP A 54 3.34 6.00 0.59
N LEU A 55 3.56 5.10 1.55
CA LEU A 55 3.98 3.73 1.25
C LEU A 55 2.96 3.06 0.33
N ALA A 56 1.69 3.12 0.72
CA ALA A 56 0.62 2.50 -0.04
C ALA A 56 0.55 3.07 -1.45
N ARG A 57 0.68 4.39 -1.55
CA ARG A 57 0.65 5.06 -2.85
C ARG A 57 1.86 4.67 -3.69
N ALA A 58 3.02 4.55 -3.04
CA ALA A 58 4.26 4.19 -3.72
C ALA A 58 4.13 2.81 -4.37
N ILE A 59 3.47 1.89 -3.68
CA ILE A 59 3.26 0.55 -4.20
C ILE A 59 2.40 0.61 -5.47
N ILE A 60 1.28 1.33 -5.40
CA ILE A 60 0.37 1.42 -6.53
C ILE A 60 1.05 2.05 -7.74
N ARG A 61 1.87 3.07 -7.49
CA ARG A 61 2.57 3.75 -8.57
C ARG A 61 3.63 2.86 -9.20
N ASP A 62 4.39 2.15 -8.36
CA ASP A 62 5.52 1.37 -8.85
C ASP A 62 5.09 0.03 -9.40
N THR A 63 3.95 -0.44 -8.91
CA THR A 63 3.33 -1.65 -9.45
C THR A 63 1.91 -1.34 -9.87
N VAL A 64 1.76 -1.03 -11.16
CA VAL A 64 0.50 -0.51 -11.70
C VAL A 64 -0.58 -1.57 -11.82
N GLU A 65 -0.24 -2.79 -11.46
CA GLU A 65 -1.19 -3.90 -11.53
C GLU A 65 -2.23 -3.82 -10.41
N PHE A 66 -2.13 -2.77 -9.60
CA PHE A 66 -3.11 -2.52 -8.54
C PHE A 66 -4.19 -1.56 -9.01
N SER A 67 -4.06 -1.06 -10.23
CA SER A 67 -5.06 -0.17 -10.79
C SER A 67 -6.30 -0.96 -11.20
N GLY A 68 -7.32 -0.93 -10.35
CA GLY A 68 -8.54 -1.67 -10.62
C GLY A 68 -9.58 -0.81 -11.31
N VAL A 69 -9.79 0.39 -10.80
CA VAL A 69 -10.80 1.29 -11.35
C VAL A 69 -10.15 2.37 -12.19
N LYS A 70 -10.20 2.21 -13.51
CA LYS A 70 -9.56 3.15 -14.41
C LYS A 70 -10.47 3.49 -15.59
N GLU A 71 -11.78 3.36 -15.36
CA GLU A 71 -12.78 3.71 -16.39
C GLU A 71 -12.65 2.79 -17.60
N GLY A 72 -13.18 3.23 -18.71
CA GLY A 72 -13.04 2.52 -19.95
C GLY A 72 -12.51 3.43 -21.05
N SER A 73 -11.66 4.35 -20.64
CA SER A 73 -11.16 5.37 -21.54
C SER A 73 -9.77 5.00 -22.04
N MET A 1 -13.82 7.81 9.13
CA MET A 1 -13.19 7.84 10.48
C MET A 1 -12.28 6.63 10.66
N THR A 2 -12.87 5.47 10.87
CA THR A 2 -12.11 4.26 11.15
C THR A 2 -11.42 3.73 9.89
N HIS A 3 -12.17 3.69 8.81
CA HIS A 3 -11.64 3.16 7.56
C HIS A 3 -11.27 4.30 6.62
N HIS A 4 -10.19 4.12 5.87
CA HIS A 4 -9.78 5.08 4.87
C HIS A 4 -9.98 4.49 3.49
N THR A 5 -10.86 5.08 2.71
CA THR A 5 -11.06 4.68 1.33
C THR A 5 -10.36 5.68 0.43
N GLU A 6 -9.67 5.18 -0.56
CA GLU A 6 -8.85 6.01 -1.43
C GLU A 6 -8.58 5.30 -2.74
N VAL A 7 -8.62 6.05 -3.83
CA VAL A 7 -8.26 5.51 -5.14
C VAL A 7 -7.04 6.26 -5.67
N PHE A 8 -5.94 5.54 -5.81
CA PHE A 8 -4.70 6.14 -6.25
C PHE A 8 -4.36 5.66 -7.65
N GLU A 9 -4.50 6.55 -8.63
CA GLU A 9 -4.16 6.28 -10.03
C GLU A 9 -4.93 5.09 -10.60
N GLY A 10 -5.94 4.62 -9.87
CA GLY A 10 -6.70 3.48 -10.30
C GLY A 10 -6.69 2.33 -9.29
N GLY A 11 -5.78 2.42 -8.34
CA GLY A 11 -5.68 1.38 -7.32
C GLY A 11 -6.56 1.69 -6.13
N THR A 12 -7.08 0.64 -5.50
CA THR A 12 -8.01 0.81 -4.38
C THR A 12 -7.28 0.59 -3.05
N ILE A 13 -7.23 1.62 -2.24
CA ILE A 13 -6.60 1.50 -0.93
C ILE A 13 -7.66 1.31 0.14
N ASP A 14 -7.59 0.19 0.85
CA ASP A 14 -8.55 -0.14 1.89
C ASP A 14 -7.85 -0.21 3.24
N ILE A 15 -8.01 0.82 4.05
CA ILE A 15 -7.38 0.87 5.36
C ILE A 15 -8.42 0.82 6.46
N GLU A 16 -8.31 -0.15 7.34
CA GLU A 16 -9.22 -0.27 8.46
C GLU A 16 -8.45 -0.15 9.76
N ASP A 17 -8.95 0.69 10.66
CA ASP A 17 -8.42 0.79 12.02
C ASP A 17 -6.91 1.12 12.02
N ASP A 18 -6.45 1.76 10.93
CA ASP A 18 -5.05 2.19 10.78
C ASP A 18 -4.10 1.03 10.50
N THR A 19 -4.20 -0.03 11.29
CA THR A 19 -3.23 -1.12 11.23
C THR A 19 -3.69 -2.27 10.32
N SER A 20 -4.97 -2.29 9.95
CA SER A 20 -5.47 -3.28 9.02
C SER A 20 -5.39 -2.74 7.59
N LEU A 21 -4.33 -3.12 6.88
CA LEU A 21 -4.06 -2.54 5.57
C LEU A 21 -4.33 -3.54 4.44
N THR A 22 -5.17 -3.14 3.52
CA THR A 22 -5.47 -3.93 2.33
C THR A 22 -5.50 -3.05 1.09
N ILE A 23 -5.00 -3.57 -0.02
CA ILE A 23 -5.05 -2.85 -1.28
C ILE A 23 -5.73 -3.71 -2.34
N ASN A 24 -6.87 -3.23 -2.85
CA ASN A 24 -7.66 -3.97 -3.82
C ASN A 24 -8.10 -5.33 -3.28
N GLY A 25 -8.20 -5.40 -1.95
CA GLY A 25 -8.62 -6.63 -1.31
C GLY A 25 -7.45 -7.51 -0.92
N LYS A 26 -6.25 -7.14 -1.35
CA LYS A 26 -5.06 -7.92 -1.06
C LYS A 26 -4.37 -7.38 0.18
N GLU A 27 -4.09 -8.25 1.14
CA GLU A 27 -3.35 -7.86 2.34
C GLU A 27 -1.92 -7.49 1.98
N ILE A 28 -1.59 -6.21 2.13
CA ILE A 28 -0.25 -5.74 1.83
C ILE A 28 0.54 -5.56 3.13
N SER A 29 1.37 -6.55 3.44
CA SER A 29 2.13 -6.53 4.66
C SER A 29 3.54 -5.97 4.43
N TYR A 30 3.89 -4.93 5.17
CA TYR A 30 5.24 -4.41 5.14
C TYR A 30 6.07 -5.16 6.17
N VAL A 31 7.36 -5.23 5.95
CA VAL A 31 8.25 -5.82 6.94
C VAL A 31 8.77 -4.72 7.83
N HIS A 32 8.16 -4.58 8.99
CA HIS A 32 8.45 -3.48 9.88
C HIS A 32 9.37 -3.95 10.99
N ASP A 33 10.03 -5.05 10.74
CA ASP A 33 10.92 -5.67 11.71
C ASP A 33 12.27 -5.93 11.09
N ALA A 34 13.33 -5.76 11.87
CA ALA A 34 14.69 -5.87 11.35
C ALA A 34 15.29 -7.24 11.66
N VAL A 35 14.64 -7.98 12.55
CA VAL A 35 15.14 -9.28 12.97
C VAL A 35 14.70 -10.34 11.97
N LYS A 36 13.54 -10.12 11.36
CA LYS A 36 13.04 -11.01 10.32
C LYS A 36 13.77 -10.75 9.01
N ASN A 37 14.49 -9.62 8.98
CA ASN A 37 15.31 -9.21 7.83
C ASN A 37 14.43 -8.76 6.66
N LYS A 38 15.08 -8.11 5.69
CA LYS A 38 14.41 -7.57 4.50
C LYS A 38 13.37 -6.52 4.90
N TRP A 39 13.86 -5.35 5.26
CA TRP A 39 13.03 -4.26 5.77
C TRP A 39 12.20 -3.64 4.64
N SER A 40 11.16 -2.91 5.03
CA SER A 40 10.24 -2.24 4.10
C SER A 40 9.28 -3.24 3.45
N SER A 41 8.57 -2.81 2.42
CA SER A 41 7.68 -3.70 1.72
C SER A 41 8.48 -4.57 0.75
N ARG A 42 7.97 -5.76 0.47
CA ARG A 42 8.61 -6.63 -0.52
C ARG A 42 8.14 -6.29 -1.92
N TYR A 43 7.64 -5.06 -2.07
CA TYR A 43 7.29 -4.50 -3.37
C TYR A 43 8.23 -3.35 -3.67
N LEU A 44 8.33 -2.43 -2.71
CA LEU A 44 9.30 -1.35 -2.76
C LEU A 44 10.16 -1.37 -1.50
N PRO A 45 11.25 -2.15 -1.51
CA PRO A 45 12.13 -2.28 -0.38
C PRO A 45 13.26 -1.25 -0.38
N TYR A 46 13.48 -0.62 0.78
CA TYR A 46 14.58 0.34 0.97
C TYR A 46 14.35 1.62 0.17
N THR A 47 13.14 1.79 -0.35
CA THR A 47 12.77 2.97 -1.10
C THR A 47 12.44 4.12 -0.14
N GLN A 48 12.28 5.33 -0.68
CA GLN A 48 12.06 6.49 0.16
C GLN A 48 10.57 6.80 0.30
N TYR A 49 10.05 6.55 1.49
CA TYR A 49 8.68 6.89 1.82
C TYR A 49 8.62 7.62 3.15
N ASP A 50 7.73 8.58 3.25
CA ASP A 50 7.65 9.43 4.44
C ASP A 50 6.69 8.86 5.46
N SER A 51 5.61 8.28 4.98
CA SER A 51 4.57 7.76 5.86
C SER A 51 4.08 6.40 5.35
N LEU A 52 3.33 5.69 6.17
CA LEU A 52 2.80 4.38 5.81
C LEU A 52 1.84 4.49 4.64
N LEU A 53 0.99 5.52 4.66
CA LEU A 53 0.05 5.77 3.58
C LEU A 53 0.81 6.18 2.32
N ASP A 54 1.90 6.91 2.52
CA ASP A 54 2.77 7.33 1.41
C ASP A 54 3.40 6.11 0.76
N LEU A 55 3.73 5.12 1.58
CA LEU A 55 4.29 3.85 1.09
C LEU A 55 3.26 3.14 0.22
N ALA A 56 2.03 3.06 0.70
CA ALA A 56 0.96 2.41 -0.03
C ALA A 56 0.77 3.04 -1.40
N ARG A 57 0.82 4.38 -1.46
CA ARG A 57 0.71 5.10 -2.71
C ARG A 57 1.91 4.81 -3.60
N ALA A 58 3.09 4.74 -2.99
CA ALA A 58 4.32 4.46 -3.71
C ALA A 58 4.24 3.11 -4.42
N ILE A 59 3.63 2.14 -3.76
CA ILE A 59 3.47 0.81 -4.34
C ILE A 59 2.62 0.86 -5.60
N ILE A 60 1.47 1.52 -5.52
CA ILE A 60 0.56 1.64 -6.65
C ILE A 60 1.19 2.50 -7.75
N ARG A 61 1.86 3.56 -7.33
CA ARG A 61 2.47 4.52 -8.24
C ARG A 61 3.54 3.86 -9.12
N ASP A 62 4.22 2.86 -8.56
CA ASP A 62 5.37 2.25 -9.23
C ASP A 62 4.95 1.00 -10.00
N THR A 63 3.71 0.59 -9.85
CA THR A 63 3.25 -0.63 -10.49
C THR A 63 2.15 -0.35 -11.52
N VAL A 64 1.72 -1.40 -12.21
CA VAL A 64 0.63 -1.32 -13.16
C VAL A 64 -0.50 -2.26 -12.77
N GLU A 65 -0.14 -3.39 -12.17
CA GLU A 65 -1.12 -4.39 -11.75
C GLU A 65 -2.02 -3.85 -10.65
N PHE A 66 -1.54 -2.89 -9.87
CA PHE A 66 -2.36 -2.25 -8.85
C PHE A 66 -3.25 -1.21 -9.49
N SER A 67 -4.27 -1.69 -10.17
CA SER A 67 -5.23 -0.85 -10.88
C SER A 67 -6.39 -1.71 -11.35
N GLY A 68 -7.55 -1.52 -10.77
CA GLY A 68 -8.70 -2.34 -11.11
C GLY A 68 -9.67 -1.62 -12.01
N VAL A 69 -10.55 -0.82 -11.42
CA VAL A 69 -11.52 -0.08 -12.19
C VAL A 69 -11.01 1.34 -12.44
N LYS A 70 -10.24 1.48 -13.51
CA LYS A 70 -9.61 2.76 -13.81
C LYS A 70 -10.22 3.33 -15.08
N GLU A 71 -10.98 4.41 -14.93
CA GLU A 71 -11.61 5.07 -16.05
C GLU A 71 -11.17 6.53 -16.12
N GLY A 72 -11.68 7.24 -17.12
CA GLY A 72 -11.32 8.63 -17.29
C GLY A 72 -10.18 8.80 -18.27
N SER A 73 -9.83 10.04 -18.55
CA SER A 73 -8.74 10.34 -19.46
C SER A 73 -7.94 11.51 -18.91
N MET A 1 -15.56 6.79 11.52
CA MET A 1 -15.19 5.67 10.62
C MET A 1 -13.70 5.38 10.73
N THR A 2 -13.35 4.11 10.87
CA THR A 2 -11.96 3.72 10.96
C THR A 2 -11.43 3.29 9.60
N HIS A 3 -12.34 3.19 8.64
CA HIS A 3 -12.00 2.76 7.30
C HIS A 3 -11.62 3.95 6.44
N HIS A 4 -10.34 4.01 6.09
CA HIS A 4 -9.83 5.05 5.22
C HIS A 4 -9.79 4.53 3.80
N THR A 5 -10.50 5.19 2.91
CA THR A 5 -10.57 4.76 1.52
C THR A 5 -10.17 5.88 0.59
N GLU A 6 -9.46 5.51 -0.47
CA GLU A 6 -9.07 6.46 -1.50
C GLU A 6 -8.73 5.71 -2.79
N VAL A 7 -8.90 6.39 -3.91
CA VAL A 7 -8.58 5.80 -5.21
C VAL A 7 -7.29 6.40 -5.73
N PHE A 8 -6.26 5.58 -5.84
CA PHE A 8 -4.97 6.04 -6.33
C PHE A 8 -4.71 5.46 -7.71
N GLU A 9 -4.80 6.32 -8.73
CA GLU A 9 -4.55 5.94 -10.12
C GLU A 9 -5.41 4.74 -10.55
N GLY A 10 -6.58 4.61 -9.92
CA GLY A 10 -7.48 3.53 -10.27
C GLY A 10 -7.34 2.34 -9.34
N GLY A 11 -6.43 2.43 -8.38
CA GLY A 11 -6.26 1.38 -7.41
C GLY A 11 -6.99 1.68 -6.12
N THR A 12 -7.57 0.66 -5.52
CA THR A 12 -8.35 0.85 -4.31
C THR A 12 -7.48 0.70 -3.07
N ILE A 13 -7.42 1.76 -2.27
CA ILE A 13 -6.69 1.75 -1.02
C ILE A 13 -7.64 1.49 0.14
N ASP A 14 -7.39 0.40 0.85
CA ASP A 14 -8.21 0.04 2.00
C ASP A 14 -7.38 0.05 3.27
N ILE A 15 -7.60 1.04 4.11
CA ILE A 15 -6.94 1.07 5.40
C ILE A 15 -8.00 0.97 6.50
N GLU A 16 -7.90 -0.05 7.31
CA GLU A 16 -8.86 -0.26 8.39
C GLU A 16 -8.22 -0.03 9.73
N ASP A 17 -8.99 0.53 10.63
CA ASP A 17 -8.59 0.66 12.02
C ASP A 17 -7.28 1.46 12.14
N ASP A 18 -7.06 2.37 11.18
CA ASP A 18 -5.92 3.29 11.20
C ASP A 18 -4.58 2.58 10.95
N THR A 19 -4.60 1.26 10.89
CA THR A 19 -3.36 0.49 10.85
C THR A 19 -3.34 -0.59 9.76
N SER A 20 -4.45 -1.30 9.59
CA SER A 20 -4.50 -2.41 8.63
C SER A 20 -4.38 -1.91 7.19
N LEU A 21 -3.38 -2.42 6.48
CA LEU A 21 -3.07 -1.95 5.13
C LEU A 21 -3.49 -2.99 4.09
N THR A 22 -4.43 -2.63 3.24
CA THR A 22 -4.85 -3.49 2.15
C THR A 22 -5.00 -2.68 0.85
N ILE A 23 -4.55 -3.24 -0.27
CA ILE A 23 -4.62 -2.57 -1.55
C ILE A 23 -5.12 -3.53 -2.63
N ASN A 24 -6.15 -3.12 -3.37
CA ASN A 24 -6.69 -3.93 -4.47
C ASN A 24 -7.32 -5.22 -3.95
N GLY A 25 -7.54 -5.28 -2.64
CA GLY A 25 -8.07 -6.48 -2.03
C GLY A 25 -6.98 -7.42 -1.57
N LYS A 26 -5.73 -6.97 -1.69
CA LYS A 26 -4.59 -7.74 -1.25
C LYS A 26 -3.97 -7.09 -0.04
N GLU A 27 -3.65 -7.89 0.96
CA GLU A 27 -3.09 -7.38 2.21
C GLU A 27 -1.64 -6.98 2.03
N ILE A 28 -1.25 -5.89 2.67
CA ILE A 28 0.12 -5.42 2.65
C ILE A 28 0.77 -5.68 4.00
N SER A 29 1.52 -6.76 4.09
CA SER A 29 2.14 -7.16 5.35
C SER A 29 3.35 -6.29 5.68
N TYR A 30 3.20 -5.51 6.73
CA TYR A 30 4.30 -4.76 7.30
C TYR A 30 4.89 -5.54 8.46
N VAL A 31 5.79 -4.92 9.19
CA VAL A 31 6.31 -5.51 10.40
C VAL A 31 5.70 -4.79 11.61
N HIS A 32 4.65 -5.41 12.17
CA HIS A 32 3.93 -4.81 13.29
C HIS A 32 4.73 -4.99 14.57
N ASP A 33 5.39 -3.91 14.98
CA ASP A 33 6.31 -3.94 16.12
C ASP A 33 7.48 -4.88 15.81
N ALA A 34 8.31 -5.20 16.81
CA ALA A 34 9.50 -6.02 16.60
C ALA A 34 10.37 -5.43 15.49
N VAL A 35 10.73 -4.16 15.67
CA VAL A 35 11.45 -3.38 14.65
C VAL A 35 12.78 -4.02 14.26
N LYS A 36 13.30 -4.88 15.15
CA LYS A 36 14.54 -5.61 14.88
C LYS A 36 14.44 -6.44 13.60
N ASN A 37 13.23 -6.73 13.16
CA ASN A 37 13.01 -7.46 11.91
C ASN A 37 13.10 -6.50 10.72
N LYS A 38 14.24 -5.86 10.58
CA LYS A 38 14.43 -4.87 9.54
C LYS A 38 14.76 -5.53 8.20
N TRP A 39 13.73 -5.93 7.48
CA TRP A 39 13.90 -6.52 6.16
C TRP A 39 12.98 -5.82 5.17
N SER A 40 12.55 -4.60 5.54
CA SER A 40 11.56 -3.85 4.78
C SER A 40 10.20 -4.56 4.85
N SER A 41 9.18 -3.97 4.24
CA SER A 41 7.89 -4.61 4.14
C SER A 41 7.99 -5.83 3.21
N ARG A 42 8.09 -5.57 1.90
CA ARG A 42 8.38 -6.61 0.91
C ARG A 42 8.27 -6.05 -0.51
N TYR A 43 7.09 -5.52 -0.83
CA TYR A 43 6.78 -5.05 -2.18
C TYR A 43 7.80 -4.04 -2.69
N LEU A 44 8.18 -3.11 -1.82
CA LEU A 44 9.16 -2.10 -2.18
C LEU A 44 10.34 -2.12 -1.22
N PRO A 45 11.36 -2.95 -1.50
CA PRO A 45 12.57 -3.02 -0.69
C PRO A 45 13.55 -1.89 -1.02
N TYR A 46 14.45 -1.59 -0.08
CA TYR A 46 15.47 -0.55 -0.27
C TYR A 46 14.83 0.80 -0.57
N THR A 47 13.72 1.09 0.10
CA THR A 47 13.02 2.34 -0.10
C THR A 47 13.08 3.20 1.17
N GLN A 48 12.64 4.44 1.07
CA GLN A 48 12.69 5.35 2.19
C GLN A 48 11.31 5.96 2.48
N TYR A 49 10.72 5.55 3.60
CA TYR A 49 9.42 6.06 4.03
C TYR A 49 9.21 5.78 5.51
N ASP A 50 8.13 6.34 6.07
CA ASP A 50 7.80 6.11 7.46
C ASP A 50 6.27 6.11 7.68
N SER A 51 5.52 6.35 6.61
CA SER A 51 4.08 6.45 6.70
C SER A 51 3.39 5.32 5.95
N LEU A 52 2.26 4.87 6.46
CA LEU A 52 1.48 3.82 5.83
C LEU A 52 0.87 4.31 4.53
N LEU A 53 0.42 5.57 4.54
CA LEU A 53 -0.18 6.18 3.38
C LEU A 53 0.81 6.30 2.24
N ASP A 54 2.01 6.76 2.57
CA ASP A 54 3.08 6.94 1.59
C ASP A 54 3.41 5.62 0.92
N LEU A 55 3.56 4.57 1.74
CA LEU A 55 3.86 3.24 1.25
C LEU A 55 2.74 2.72 0.35
N ALA A 56 1.51 2.84 0.81
CA ALA A 56 0.35 2.36 0.07
C ALA A 56 0.30 2.96 -1.31
N ARG A 57 0.49 4.28 -1.37
CA ARG A 57 0.46 4.99 -2.64
C ARG A 57 1.70 4.68 -3.48
N ALA A 58 2.82 4.44 -2.81
CA ALA A 58 4.06 4.10 -3.49
C ALA A 58 3.94 2.77 -4.23
N ILE A 59 3.19 1.84 -3.65
CA ILE A 59 2.99 0.54 -4.27
C ILE A 59 2.26 0.69 -5.60
N ILE A 60 1.15 1.41 -5.61
CA ILE A 60 0.40 1.63 -6.83
C ILE A 60 1.24 2.45 -7.81
N ARG A 61 1.98 3.40 -7.26
CA ARG A 61 2.86 4.26 -8.04
C ARG A 61 3.91 3.46 -8.82
N ASP A 62 4.39 2.36 -8.25
CA ASP A 62 5.45 1.58 -8.91
C ASP A 62 4.91 0.33 -9.59
N THR A 63 3.80 -0.18 -9.11
CA THR A 63 3.20 -1.37 -9.69
C THR A 63 1.73 -1.12 -10.05
N VAL A 64 1.42 -1.29 -11.33
CA VAL A 64 0.09 -0.99 -11.85
C VAL A 64 -0.90 -2.12 -11.59
N GLU A 65 -0.39 -3.27 -11.18
CA GLU A 65 -1.24 -4.43 -10.93
C GLU A 65 -2.09 -4.26 -9.68
N PHE A 66 -1.94 -3.13 -8.99
CA PHE A 66 -2.76 -2.84 -7.83
C PHE A 66 -3.91 -1.90 -8.21
N SER A 67 -4.00 -1.60 -9.50
CA SER A 67 -5.13 -0.84 -10.02
C SER A 67 -6.25 -1.83 -10.36
N GLY A 68 -7.50 -1.35 -10.35
CA GLY A 68 -8.63 -2.23 -10.59
C GLY A 68 -8.75 -2.68 -12.03
N VAL A 69 -9.67 -2.07 -12.77
CA VAL A 69 -9.90 -2.42 -14.15
C VAL A 69 -8.83 -1.80 -15.04
N LYS A 70 -7.88 -2.62 -15.48
CA LYS A 70 -6.72 -2.12 -16.21
C LYS A 70 -6.64 -2.69 -17.62
N GLU A 71 -7.08 -1.90 -18.58
CA GLU A 71 -6.83 -2.19 -19.98
C GLU A 71 -5.53 -1.51 -20.40
N GLY A 72 -5.24 -0.38 -19.74
CA GLY A 72 -3.98 0.31 -19.96
C GLY A 72 -4.01 1.21 -21.18
N SER A 73 -2.86 1.81 -21.48
CA SER A 73 -2.69 2.66 -22.66
C SER A 73 -3.57 3.90 -22.58
N MET A 1 -14.68 0.59 13.84
CA MET A 1 -13.32 0.78 13.28
C MET A 1 -13.31 1.99 12.34
N THR A 2 -12.25 2.77 12.41
CA THR A 2 -12.09 3.89 11.50
C THR A 2 -11.58 3.39 10.16
N HIS A 3 -12.36 3.56 9.12
CA HIS A 3 -11.98 3.05 7.80
C HIS A 3 -11.65 4.20 6.86
N HIS A 4 -10.54 4.07 6.15
CA HIS A 4 -10.14 5.06 5.16
C HIS A 4 -10.09 4.41 3.79
N THR A 5 -10.92 4.89 2.89
CA THR A 5 -10.95 4.42 1.54
C THR A 5 -10.44 5.51 0.59
N GLU A 6 -9.43 5.18 -0.19
CA GLU A 6 -8.80 6.16 -1.07
C GLU A 6 -8.42 5.53 -2.40
N VAL A 7 -8.59 6.26 -3.48
CA VAL A 7 -8.22 5.76 -4.80
C VAL A 7 -6.95 6.45 -5.29
N PHE A 8 -5.97 5.64 -5.65
CA PHE A 8 -4.72 6.15 -6.19
C PHE A 8 -4.47 5.56 -7.57
N GLU A 9 -4.62 6.39 -8.60
CA GLU A 9 -4.37 6.00 -9.98
C GLU A 9 -5.24 4.83 -10.42
N GLY A 10 -6.38 4.65 -9.74
CA GLY A 10 -7.27 3.58 -10.07
C GLY A 10 -7.28 2.49 -9.02
N GLY A 11 -6.23 2.44 -8.22
CA GLY A 11 -6.11 1.42 -7.21
C GLY A 11 -6.79 1.82 -5.91
N THR A 12 -7.51 0.88 -5.33
CA THR A 12 -8.25 1.14 -4.11
C THR A 12 -7.39 0.88 -2.88
N ILE A 13 -7.33 1.85 -2.00
CA ILE A 13 -6.64 1.68 -0.72
C ILE A 13 -7.67 1.38 0.36
N ASP A 14 -7.53 0.22 0.98
CA ASP A 14 -8.42 -0.21 2.05
C ASP A 14 -7.69 -0.12 3.39
N ILE A 15 -7.99 0.90 4.17
CA ILE A 15 -7.40 1.04 5.49
C ILE A 15 -8.45 0.89 6.58
N GLU A 16 -8.27 -0.08 7.45
CA GLU A 16 -9.19 -0.30 8.57
C GLU A 16 -8.45 -0.22 9.89
N ASP A 17 -8.92 0.67 10.76
CA ASP A 17 -8.43 0.76 12.14
C ASP A 17 -6.96 1.19 12.19
N ASP A 18 -6.47 1.69 11.06
CA ASP A 18 -5.06 2.11 10.91
C ASP A 18 -4.12 0.92 10.99
N THR A 19 -4.68 -0.28 11.05
CA THR A 19 -3.89 -1.49 11.18
C THR A 19 -4.10 -2.43 9.99
N SER A 20 -5.33 -2.47 9.49
CA SER A 20 -5.66 -3.28 8.33
C SER A 20 -5.25 -2.54 7.06
N LEU A 21 -4.31 -3.10 6.31
CA LEU A 21 -3.83 -2.48 5.09
C LEU A 21 -4.07 -3.41 3.91
N THR A 22 -4.89 -2.97 2.98
CA THR A 22 -5.16 -3.74 1.77
C THR A 22 -5.12 -2.81 0.57
N ILE A 23 -4.41 -3.21 -0.48
CA ILE A 23 -4.38 -2.43 -1.70
C ILE A 23 -4.99 -3.24 -2.84
N ASN A 24 -6.05 -2.70 -3.45
CA ASN A 24 -6.78 -3.36 -4.54
C ASN A 24 -7.59 -4.54 -4.01
N GLY A 25 -7.32 -4.95 -2.77
CA GLY A 25 -7.93 -6.12 -2.20
C GLY A 25 -6.90 -7.14 -1.80
N LYS A 26 -5.63 -6.77 -1.95
CA LYS A 26 -4.52 -7.66 -1.64
C LYS A 26 -3.85 -7.19 -0.35
N GLU A 27 -3.58 -8.12 0.55
CA GLU A 27 -3.05 -7.78 1.87
C GLU A 27 -1.62 -7.27 1.77
N ILE A 28 -1.33 -6.19 2.46
CA ILE A 28 0.00 -5.59 2.43
C ILE A 28 0.71 -5.77 3.76
N SER A 29 1.77 -6.54 3.75
CA SER A 29 2.57 -6.76 4.95
C SER A 29 3.95 -6.15 4.79
N TYR A 30 4.54 -5.73 5.90
CA TYR A 30 5.85 -5.09 5.87
C TYR A 30 6.79 -5.82 6.82
N VAL A 31 8.08 -5.63 6.62
CA VAL A 31 9.06 -6.00 7.63
C VAL A 31 9.31 -4.76 8.49
N HIS A 32 8.45 -4.57 9.47
CA HIS A 32 8.35 -3.28 10.15
C HIS A 32 9.22 -3.21 11.39
N ASP A 33 10.23 -4.06 11.43
CA ASP A 33 11.21 -4.03 12.50
C ASP A 33 12.60 -4.11 11.92
N ALA A 34 13.43 -3.16 12.30
CA ALA A 34 14.76 -3.06 11.74
C ALA A 34 15.71 -2.40 12.72
N VAL A 35 16.96 -2.81 12.67
CA VAL A 35 18.01 -2.22 13.48
C VAL A 35 18.97 -1.44 12.59
N LYS A 36 19.21 -1.99 11.41
CA LYS A 36 20.11 -1.38 10.44
C LYS A 36 19.33 -0.42 9.54
N ASN A 37 18.08 -0.16 9.90
CA ASN A 37 17.19 0.71 9.13
C ASN A 37 16.89 0.11 7.77
N LYS A 38 16.39 0.94 6.86
CA LYS A 38 16.03 0.50 5.50
C LYS A 38 14.98 -0.61 5.54
N TRP A 39 13.91 -0.37 6.28
CA TRP A 39 12.81 -1.30 6.34
C TRP A 39 11.89 -1.08 5.15
N SER A 40 11.18 -2.13 4.73
CA SER A 40 10.34 -2.04 3.55
C SER A 40 9.16 -3.02 3.65
N SER A 41 8.35 -3.06 2.61
CA SER A 41 7.22 -3.97 2.53
C SER A 41 7.66 -5.34 2.03
N ARG A 42 7.87 -5.43 0.72
CA ARG A 42 8.22 -6.67 0.04
C ARG A 42 8.26 -6.42 -1.47
N TYR A 43 7.35 -5.58 -1.93
CA TYR A 43 7.24 -5.27 -3.35
C TYR A 43 8.17 -4.12 -3.72
N LEU A 44 8.46 -3.26 -2.74
CA LEU A 44 9.43 -2.20 -2.92
C LEU A 44 10.47 -2.22 -1.79
N PRO A 45 11.42 -3.16 -1.83
CA PRO A 45 12.41 -3.32 -0.80
C PRO A 45 13.72 -2.60 -1.12
N TYR A 46 13.73 -1.28 -0.92
CA TYR A 46 14.90 -0.48 -1.19
C TYR A 46 14.94 0.74 -0.27
N THR A 47 13.94 1.59 -0.40
CA THR A 47 13.89 2.81 0.39
C THR A 47 13.08 2.59 1.66
N GLN A 48 13.52 3.24 2.75
CA GLN A 48 12.82 3.13 4.01
C GLN A 48 11.76 4.22 4.12
N TYR A 49 10.51 3.80 4.09
CA TYR A 49 9.37 4.70 4.17
C TYR A 49 8.63 4.49 5.47
N ASP A 50 8.05 5.55 6.01
CA ASP A 50 7.42 5.48 7.32
C ASP A 50 5.93 5.82 7.25
N SER A 51 5.53 6.68 6.32
CA SER A 51 4.14 7.07 6.22
C SER A 51 3.34 5.97 5.55
N LEU A 52 2.23 5.60 6.18
CA LEU A 52 1.38 4.53 5.68
C LEU A 52 0.82 4.87 4.30
N LEU A 53 0.41 6.13 4.13
CA LEU A 53 -0.10 6.59 2.86
C LEU A 53 1.02 6.66 1.83
N ASP A 54 2.18 7.13 2.26
CA ASP A 54 3.36 7.23 1.39
C ASP A 54 3.72 5.86 0.86
N LEU A 55 3.67 4.88 1.75
CA LEU A 55 3.97 3.50 1.42
C LEU A 55 2.95 2.96 0.43
N ALA A 56 1.67 3.15 0.74
CA ALA A 56 0.58 2.66 -0.10
C ALA A 56 0.66 3.25 -1.51
N ARG A 57 0.88 4.56 -1.59
CA ARG A 57 0.98 5.23 -2.88
C ARG A 57 2.15 4.70 -3.68
N ALA A 58 3.28 4.52 -3.00
CA ALA A 58 4.50 4.04 -3.65
C ALA A 58 4.27 2.69 -4.30
N ILE A 59 3.59 1.79 -3.58
CA ILE A 59 3.28 0.47 -4.10
C ILE A 59 2.39 0.56 -5.34
N ILE A 60 1.32 1.35 -5.26
CA ILE A 60 0.39 1.49 -6.37
C ILE A 60 1.06 2.16 -7.56
N ARG A 61 1.89 3.15 -7.29
CA ARG A 61 2.56 3.91 -8.34
C ARG A 61 3.61 3.05 -9.05
N ASP A 62 4.21 2.12 -8.31
CA ASP A 62 5.31 1.31 -8.86
C ASP A 62 4.80 0.08 -9.59
N THR A 63 3.63 -0.37 -9.22
CA THR A 63 3.08 -1.58 -9.80
C THR A 63 1.90 -1.29 -10.73
N VAL A 64 1.45 -2.30 -11.44
CA VAL A 64 0.25 -2.17 -12.27
C VAL A 64 -0.84 -3.08 -11.71
N GLU A 65 -0.42 -4.10 -10.97
CA GLU A 65 -1.34 -5.06 -10.36
C GLU A 65 -2.27 -4.37 -9.36
N PHE A 66 -1.68 -3.59 -8.46
CA PHE A 66 -2.42 -2.94 -7.39
C PHE A 66 -3.23 -1.77 -7.92
N SER A 67 -2.88 -1.28 -9.12
CA SER A 67 -3.63 -0.22 -9.75
C SER A 67 -4.94 -0.76 -10.30
N GLY A 68 -4.87 -1.89 -10.99
CA GLY A 68 -6.05 -2.50 -11.56
C GLY A 68 -6.71 -1.61 -12.59
N VAL A 69 -6.00 -1.34 -13.68
CA VAL A 69 -6.50 -0.48 -14.74
C VAL A 69 -7.63 -1.18 -15.51
N LYS A 70 -8.85 -0.89 -15.10
CA LYS A 70 -10.04 -1.46 -15.71
C LYS A 70 -10.30 -0.86 -17.08
N GLU A 71 -10.16 0.46 -17.18
CA GLU A 71 -10.47 1.18 -18.39
C GLU A 71 -9.61 0.69 -19.56
N GLY A 72 -8.30 0.83 -19.41
CA GLY A 72 -7.39 0.35 -20.42
C GLY A 72 -6.33 1.36 -20.77
N SER A 73 -5.15 0.85 -21.11
CA SER A 73 -4.04 1.68 -21.56
C SER A 73 -3.24 0.90 -22.59
N MET A 1 -14.07 6.56 8.88
CA MET A 1 -13.32 6.77 10.14
C MET A 1 -12.16 5.78 10.23
N THR A 2 -12.45 4.55 10.66
CA THR A 2 -11.43 3.51 10.74
C THR A 2 -11.00 3.07 9.34
N HIS A 3 -11.91 3.19 8.39
CA HIS A 3 -11.62 2.88 7.00
C HIS A 3 -11.26 4.15 6.23
N HIS A 4 -10.13 4.12 5.55
CA HIS A 4 -9.78 5.22 4.66
C HIS A 4 -10.13 4.83 3.24
N THR A 5 -11.04 5.58 2.64
CA THR A 5 -11.44 5.33 1.27
C THR A 5 -10.62 6.19 0.32
N GLU A 6 -9.94 5.55 -0.62
CA GLU A 6 -9.06 6.27 -1.54
C GLU A 6 -8.80 5.43 -2.79
N VAL A 7 -8.74 6.08 -3.94
CA VAL A 7 -8.37 5.41 -5.18
C VAL A 7 -7.16 6.10 -5.78
N PHE A 8 -6.06 5.38 -5.89
CA PHE A 8 -4.81 5.95 -6.36
C PHE A 8 -4.46 5.40 -7.73
N GLU A 9 -4.59 6.24 -8.74
CA GLU A 9 -4.17 5.91 -10.11
C GLU A 9 -4.74 4.58 -10.61
N GLY A 10 -5.92 4.22 -10.12
CA GLY A 10 -6.54 2.98 -10.53
C GLY A 10 -6.79 2.02 -9.38
N GLY A 11 -5.89 2.03 -8.40
CA GLY A 11 -5.96 1.06 -7.33
C GLY A 11 -6.76 1.56 -6.15
N THR A 12 -7.55 0.67 -5.56
CA THR A 12 -8.37 1.01 -4.41
C THR A 12 -7.61 0.78 -3.12
N ILE A 13 -7.58 1.78 -2.25
CA ILE A 13 -6.89 1.66 -0.98
C ILE A 13 -7.89 1.43 0.15
N ASP A 14 -7.74 0.31 0.83
CA ASP A 14 -8.57 0.00 1.99
C ASP A 14 -7.70 -0.03 3.24
N ILE A 15 -8.06 0.77 4.22
CA ILE A 15 -7.25 0.89 5.41
C ILE A 15 -8.05 0.57 6.67
N GLU A 16 -7.54 -0.36 7.47
CA GLU A 16 -8.13 -0.66 8.75
C GLU A 16 -7.24 -0.17 9.87
N ASP A 17 -7.66 0.91 10.51
CA ASP A 17 -7.01 1.40 11.72
C ASP A 17 -5.53 1.76 11.47
N ASP A 18 -5.19 1.95 10.18
CA ASP A 18 -3.82 2.24 9.72
C ASP A 18 -2.92 1.01 9.78
N THR A 19 -3.02 0.23 10.84
CA THR A 19 -2.17 -0.94 11.03
C THR A 19 -2.54 -2.11 10.13
N SER A 20 -3.73 -2.06 9.55
CA SER A 20 -4.16 -3.09 8.61
C SER A 20 -4.33 -2.46 7.22
N LEU A 21 -3.30 -2.58 6.40
CA LEU A 21 -3.30 -1.97 5.07
C LEU A 21 -3.65 -3.01 4.01
N THR A 22 -4.71 -2.74 3.26
CA THR A 22 -5.15 -3.61 2.19
C THR A 22 -5.35 -2.82 0.90
N ILE A 23 -4.65 -3.19 -0.15
CA ILE A 23 -4.79 -2.51 -1.44
C ILE A 23 -5.62 -3.37 -2.39
N ASN A 24 -6.82 -2.88 -2.70
CA ASN A 24 -7.78 -3.62 -3.53
C ASN A 24 -8.04 -5.02 -2.97
N GLY A 25 -7.95 -5.13 -1.64
CA GLY A 25 -8.18 -6.39 -0.97
C GLY A 25 -6.91 -7.09 -0.56
N LYS A 26 -5.81 -6.77 -1.23
CA LYS A 26 -4.54 -7.41 -0.96
C LYS A 26 -3.90 -6.81 0.28
N GLU A 27 -3.63 -7.65 1.27
CA GLU A 27 -3.04 -7.20 2.51
C GLU A 27 -1.53 -7.00 2.33
N ILE A 28 -1.05 -5.85 2.74
CA ILE A 28 0.33 -5.47 2.49
C ILE A 28 1.18 -5.67 3.74
N SER A 29 2.45 -6.01 3.53
CA SER A 29 3.40 -6.12 4.62
C SER A 29 4.16 -4.80 4.76
N TYR A 30 4.74 -4.56 5.92
CA TYR A 30 5.48 -3.33 6.14
C TYR A 30 6.79 -3.61 6.84
N VAL A 31 7.79 -2.80 6.58
CA VAL A 31 9.08 -2.93 7.24
C VAL A 31 9.21 -1.90 8.36
N HIS A 32 9.00 -2.35 9.58
CA HIS A 32 9.11 -1.49 10.74
C HIS A 32 10.34 -1.86 11.57
N ASP A 33 11.39 -2.29 10.88
CA ASP A 33 12.64 -2.65 11.52
C ASP A 33 13.77 -1.87 10.88
N ALA A 34 14.64 -1.33 11.71
CA ALA A 34 15.74 -0.49 11.24
C ALA A 34 17.08 -1.15 11.52
N VAL A 35 17.05 -2.33 12.12
CA VAL A 35 18.26 -3.04 12.48
C VAL A 35 18.66 -3.99 11.35
N LYS A 36 17.68 -4.77 10.91
CA LYS A 36 17.90 -5.70 9.81
C LYS A 36 17.54 -5.05 8.49
N ASN A 37 16.49 -4.22 8.52
CA ASN A 37 15.98 -3.54 7.32
C ASN A 37 15.48 -4.56 6.30
N LYS A 38 15.10 -5.74 6.80
CA LYS A 38 14.65 -6.83 5.95
C LYS A 38 13.12 -6.90 5.98
N TRP A 39 12.55 -8.02 5.51
CA TRP A 39 11.10 -8.18 5.40
C TRP A 39 10.54 -7.33 4.26
N SER A 40 10.60 -6.02 4.43
CA SER A 40 10.10 -5.07 3.45
C SER A 40 8.58 -5.18 3.27
N SER A 41 8.04 -4.41 2.34
CA SER A 41 6.62 -4.37 2.12
C SER A 41 6.14 -5.52 1.22
N ARG A 42 7.09 -6.35 0.79
CA ARG A 42 6.82 -7.50 -0.09
C ARG A 42 6.46 -7.05 -1.51
N TYR A 43 5.45 -6.20 -1.62
CA TYR A 43 4.98 -5.74 -2.92
C TYR A 43 5.80 -4.55 -3.40
N LEU A 44 6.70 -4.08 -2.55
CA LEU A 44 7.58 -2.99 -2.89
C LEU A 44 8.99 -3.31 -2.38
N PRO A 45 10.04 -2.92 -3.13
CA PRO A 45 11.43 -3.18 -2.76
C PRO A 45 11.86 -2.51 -1.46
N TYR A 46 13.17 -2.55 -1.21
CA TYR A 46 13.75 -2.02 0.03
C TYR A 46 13.94 -0.50 -0.05
N THR A 47 13.25 0.15 -0.97
CA THR A 47 13.41 1.58 -1.19
C THR A 47 12.94 2.38 0.03
N GLN A 48 13.42 3.60 0.15
CA GLN A 48 13.16 4.43 1.32
C GLN A 48 11.73 4.99 1.33
N TYR A 49 10.89 4.40 2.16
CA TYR A 49 9.60 4.97 2.50
C TYR A 49 9.50 5.17 3.99
N ASP A 50 8.47 5.87 4.45
CA ASP A 50 8.38 6.24 5.85
C ASP A 50 7.05 5.83 6.47
N SER A 51 5.95 6.21 5.85
CA SER A 51 4.64 6.04 6.45
C SER A 51 3.81 5.01 5.69
N LEU A 52 2.74 4.54 6.33
CA LEU A 52 1.88 3.51 5.72
C LEU A 52 1.11 4.08 4.54
N LEU A 53 0.63 5.32 4.67
CA LEU A 53 -0.11 5.97 3.61
C LEU A 53 0.80 6.17 2.39
N ASP A 54 2.01 6.66 2.65
CA ASP A 54 3.01 6.85 1.61
C ASP A 54 3.36 5.51 0.96
N LEU A 55 3.58 4.51 1.80
CA LEU A 55 3.91 3.15 1.33
C LEU A 55 2.83 2.63 0.39
N ALA A 56 1.56 2.76 0.80
CA ALA A 56 0.44 2.29 -0.01
C ALA A 56 0.44 2.93 -1.39
N ARG A 57 0.56 4.25 -1.42
CA ARG A 57 0.55 4.99 -2.68
C ARG A 57 1.79 4.68 -3.50
N ALA A 58 2.92 4.54 -2.82
CA ALA A 58 4.18 4.26 -3.49
C ALA A 58 4.12 2.93 -4.25
N ILE A 59 3.49 1.94 -3.65
CA ILE A 59 3.34 0.64 -4.29
C ILE A 59 2.50 0.76 -5.57
N ILE A 60 1.36 1.41 -5.45
CA ILE A 60 0.47 1.57 -6.60
C ILE A 60 1.12 2.43 -7.68
N ARG A 61 1.81 3.46 -7.24
CA ARG A 61 2.45 4.41 -8.13
C ARG A 61 3.58 3.76 -8.93
N ASP A 62 4.24 2.77 -8.36
CA ASP A 62 5.44 2.21 -8.96
C ASP A 62 5.17 0.92 -9.72
N THR A 63 4.08 0.25 -9.38
CA THR A 63 3.75 -1.03 -9.99
C THR A 63 2.65 -0.87 -11.03
N VAL A 64 2.60 -1.81 -11.97
CA VAL A 64 1.59 -1.78 -13.02
C VAL A 64 0.33 -2.55 -12.59
N GLU A 65 0.53 -3.58 -11.77
CA GLU A 65 -0.57 -4.44 -11.36
C GLU A 65 -1.53 -3.71 -10.42
N PHE A 66 -0.99 -2.84 -9.58
CA PHE A 66 -1.81 -2.10 -8.63
C PHE A 66 -2.37 -0.83 -9.26
N SER A 67 -1.72 -0.36 -10.32
CA SER A 67 -2.22 0.78 -11.07
C SER A 67 -3.44 0.35 -11.87
N GLY A 68 -3.34 -0.82 -12.49
CA GLY A 68 -4.49 -1.41 -13.17
C GLY A 68 -4.61 -1.00 -14.62
N VAL A 69 -4.70 0.30 -14.88
CA VAL A 69 -4.97 0.78 -16.23
C VAL A 69 -4.06 1.93 -16.64
N LYS A 70 -3.44 1.78 -17.80
CA LYS A 70 -2.67 2.85 -18.43
C LYS A 70 -2.89 2.81 -19.93
N GLU A 71 -2.78 3.95 -20.59
CA GLU A 71 -2.94 4.00 -22.04
C GLU A 71 -1.58 3.99 -22.73
N GLY A 72 -0.61 4.65 -22.12
CA GLY A 72 0.70 4.75 -22.72
C GLY A 72 1.80 4.30 -21.78
N SER A 73 3.01 4.79 -22.03
CA SER A 73 4.19 4.40 -21.27
C SER A 73 4.48 2.92 -21.46
N MET A 1 -17.29 1.71 12.76
CA MET A 1 -15.87 1.42 12.50
C MET A 1 -15.30 2.40 11.48
N THR A 2 -14.15 2.97 11.79
CA THR A 2 -13.50 3.91 10.90
C THR A 2 -12.69 3.17 9.83
N HIS A 3 -12.97 3.49 8.58
CA HIS A 3 -12.23 2.90 7.47
C HIS A 3 -11.75 4.01 6.54
N HIS A 4 -10.52 3.91 6.09
CA HIS A 4 -9.96 4.92 5.20
C HIS A 4 -10.00 4.43 3.76
N THR A 5 -10.59 5.21 2.89
CA THR A 5 -10.67 4.87 1.48
C THR A 5 -9.86 5.86 0.65
N GLU A 6 -9.20 5.35 -0.37
CA GLU A 6 -8.37 6.17 -1.25
C GLU A 6 -8.24 5.50 -2.61
N VAL A 7 -8.18 6.28 -3.66
CA VAL A 7 -7.97 5.77 -5.01
C VAL A 7 -6.74 6.42 -5.63
N PHE A 8 -5.78 5.60 -5.98
CA PHE A 8 -4.52 6.11 -6.51
C PHE A 8 -4.18 5.40 -7.81
N GLU A 9 -4.24 6.15 -8.92
CA GLU A 9 -3.90 5.63 -10.24
C GLU A 9 -4.73 4.40 -10.61
N GLY A 10 -5.95 4.35 -10.11
CA GLY A 10 -6.84 3.24 -10.42
C GLY A 10 -6.79 2.16 -9.36
N GLY A 11 -5.86 2.28 -8.43
CA GLY A 11 -5.73 1.31 -7.37
C GLY A 11 -6.48 1.76 -6.13
N THR A 12 -7.01 0.81 -5.38
CA THR A 12 -7.81 1.13 -4.21
C THR A 12 -7.02 0.92 -2.93
N ILE A 13 -7.17 1.84 -1.99
CA ILE A 13 -6.57 1.67 -0.67
C ILE A 13 -7.67 1.39 0.35
N ASP A 14 -7.57 0.24 1.00
CA ASP A 14 -8.58 -0.22 1.95
C ASP A 14 -7.95 -0.35 3.33
N ILE A 15 -8.24 0.60 4.22
CA ILE A 15 -7.67 0.57 5.55
C ILE A 15 -8.74 0.40 6.62
N GLU A 16 -8.61 -0.65 7.43
CA GLU A 16 -9.54 -0.92 8.52
C GLU A 16 -8.94 -0.49 9.85
N ASP A 17 -9.67 0.36 10.59
CA ASP A 17 -9.28 0.74 11.95
C ASP A 17 -7.93 1.47 11.95
N ASP A 18 -7.48 1.89 10.78
CA ASP A 18 -6.18 2.55 10.60
C ASP A 18 -5.05 1.55 10.88
N THR A 19 -5.40 0.28 11.03
CA THR A 19 -4.43 -0.73 11.41
C THR A 19 -4.31 -1.83 10.34
N SER A 20 -5.45 -2.33 9.86
CA SER A 20 -5.45 -3.38 8.86
C SER A 20 -5.18 -2.78 7.47
N LEU A 21 -4.16 -3.29 6.80
CA LEU A 21 -3.75 -2.73 5.51
C LEU A 21 -4.12 -3.67 4.37
N THR A 22 -4.98 -3.21 3.50
CA THR A 22 -5.30 -3.91 2.27
C THR A 22 -5.32 -2.93 1.10
N ILE A 23 -4.76 -3.32 -0.02
CA ILE A 23 -4.78 -2.49 -1.21
C ILE A 23 -5.56 -3.19 -2.32
N ASN A 24 -6.75 -2.67 -2.61
CA ASN A 24 -7.61 -3.19 -3.67
C ASN A 24 -8.00 -4.64 -3.36
N GLY A 25 -8.05 -4.96 -2.07
CA GLY A 25 -8.40 -6.31 -1.66
C GLY A 25 -7.17 -7.20 -1.48
N LYS A 26 -6.00 -6.63 -1.69
CA LYS A 26 -4.75 -7.37 -1.54
C LYS A 26 -4.07 -6.99 -0.23
N GLU A 27 -3.81 -8.00 0.60
CA GLU A 27 -3.17 -7.77 1.90
C GLU A 27 -1.71 -7.37 1.71
N ILE A 28 -1.32 -6.27 2.35
CA ILE A 28 0.04 -5.75 2.20
C ILE A 28 0.84 -5.96 3.48
N SER A 29 2.06 -6.46 3.31
CA SER A 29 2.94 -6.73 4.44
C SER A 29 3.89 -5.56 4.69
N TYR A 30 3.74 -4.93 5.85
CA TYR A 30 4.66 -3.89 6.28
C TYR A 30 5.33 -4.30 7.57
N VAL A 31 6.34 -3.53 7.98
CA VAL A 31 7.01 -3.78 9.25
C VAL A 31 6.12 -3.30 10.39
N HIS A 32 5.23 -4.18 10.86
CA HIS A 32 4.31 -3.84 11.94
C HIS A 32 4.75 -4.45 13.25
N ASP A 33 5.45 -3.65 14.06
CA ASP A 33 5.86 -4.01 15.41
C ASP A 33 7.00 -5.04 15.43
N ALA A 34 7.10 -5.82 14.38
CA ALA A 34 8.13 -6.84 14.27
C ALA A 34 9.25 -6.37 13.36
N VAL A 35 10.39 -6.04 13.94
CA VAL A 35 11.54 -5.55 13.18
C VAL A 35 12.24 -6.72 12.49
N LYS A 36 12.06 -7.91 13.05
CA LYS A 36 12.66 -9.11 12.49
C LYS A 36 11.79 -9.71 11.40
N ASN A 37 10.66 -9.08 11.12
CA ASN A 37 9.76 -9.55 10.07
C ASN A 37 10.20 -9.00 8.71
N LYS A 38 11.45 -9.28 8.36
CA LYS A 38 12.07 -8.79 7.14
C LYS A 38 12.24 -7.27 7.21
N TRP A 39 13.09 -6.71 6.36
CA TRP A 39 13.30 -5.28 6.34
C TRP A 39 12.62 -4.65 5.13
N SER A 40 11.90 -3.56 5.39
CA SER A 40 11.15 -2.83 4.38
C SER A 40 9.90 -3.58 3.94
N SER A 41 9.04 -2.90 3.20
CA SER A 41 7.80 -3.46 2.72
C SER A 41 8.06 -4.59 1.73
N ARG A 42 7.17 -5.57 1.70
CA ARG A 42 7.36 -6.75 0.84
C ARG A 42 7.21 -6.36 -0.63
N TYR A 43 6.16 -5.62 -0.94
CA TYR A 43 5.86 -5.25 -2.32
C TYR A 43 6.58 -3.97 -2.74
N LEU A 44 7.61 -3.58 -1.99
CA LEU A 44 8.34 -2.36 -2.28
C LEU A 44 9.84 -2.58 -2.05
N PRO A 45 10.71 -1.97 -2.88
CA PRO A 45 12.16 -2.07 -2.72
C PRO A 45 12.67 -1.36 -1.46
N TYR A 46 13.97 -1.40 -1.25
CA TYR A 46 14.59 -0.83 -0.06
C TYR A 46 14.84 0.67 -0.22
N THR A 47 13.86 1.36 -0.76
CA THR A 47 13.95 2.80 -0.97
C THR A 47 13.74 3.54 0.36
N GLN A 48 13.99 4.84 0.35
CA GLN A 48 13.80 5.65 1.54
C GLN A 48 12.49 6.43 1.42
N TYR A 49 11.55 6.09 2.28
CA TYR A 49 10.21 6.66 2.24
C TYR A 49 9.88 7.37 3.55
N ASP A 50 8.63 7.81 3.68
CA ASP A 50 8.24 8.63 4.82
C ASP A 50 7.22 7.93 5.72
N SER A 51 6.01 7.74 5.20
CA SER A 51 4.89 7.30 6.04
C SER A 51 4.10 6.17 5.38
N LEU A 52 3.03 5.76 6.05
CA LEU A 52 2.24 4.60 5.61
C LEU A 52 1.43 4.93 4.36
N LEU A 53 0.81 6.11 4.36
CA LEU A 53 0.04 6.57 3.21
C LEU A 53 0.98 6.77 2.03
N ASP A 54 2.17 7.28 2.34
CA ASP A 54 3.24 7.44 1.35
C ASP A 54 3.66 6.08 0.79
N LEU A 55 3.81 5.10 1.68
CA LEU A 55 4.13 3.73 1.30
C LEU A 55 3.09 3.15 0.34
N ALA A 56 1.81 3.27 0.73
CA ALA A 56 0.72 2.71 -0.05
C ALA A 56 0.71 3.26 -1.47
N ARG A 57 0.85 4.58 -1.58
CA ARG A 57 0.82 5.23 -2.89
C ARG A 57 2.03 4.85 -3.72
N ALA A 58 3.15 4.62 -3.06
CA ALA A 58 4.39 4.23 -3.74
C ALA A 58 4.30 2.82 -4.30
N ILE A 59 3.64 1.94 -3.57
CA ILE A 59 3.45 0.57 -4.00
C ILE A 59 2.50 0.52 -5.20
N ILE A 60 1.39 1.25 -5.10
CA ILE A 60 0.37 1.21 -6.14
C ILE A 60 0.85 1.83 -7.46
N ARG A 61 1.53 2.97 -7.36
CA ARG A 61 1.84 3.75 -8.57
C ARG A 61 2.89 3.09 -9.43
N ASP A 62 3.94 2.57 -8.81
CA ASP A 62 5.09 2.08 -9.55
C ASP A 62 4.97 0.60 -9.88
N THR A 63 3.79 0.04 -9.75
CA THR A 63 3.56 -1.34 -10.13
C THR A 63 2.38 -1.43 -11.10
N VAL A 64 2.18 -2.60 -11.67
CA VAL A 64 1.04 -2.84 -12.55
C VAL A 64 0.08 -3.84 -11.91
N GLU A 65 0.50 -4.39 -10.77
CA GLU A 65 -0.23 -5.47 -10.11
C GLU A 65 -1.29 -4.95 -9.16
N PHE A 66 -1.43 -3.63 -9.06
CA PHE A 66 -2.37 -3.04 -8.12
C PHE A 66 -3.32 -2.06 -8.80
N SER A 67 -3.41 -2.13 -10.12
CA SER A 67 -4.32 -1.29 -10.86
C SER A 67 -4.88 -2.05 -12.06
N GLY A 68 -6.05 -1.65 -12.52
CA GLY A 68 -6.66 -2.30 -13.66
C GLY A 68 -6.73 -1.39 -14.87
N VAL A 69 -7.36 -0.24 -14.71
CA VAL A 69 -7.50 0.72 -15.79
C VAL A 69 -6.28 1.61 -15.86
N LYS A 70 -5.49 1.45 -16.91
CA LYS A 70 -4.25 2.18 -17.03
C LYS A 70 -4.46 3.52 -17.73
N GLU A 71 -5.00 3.47 -18.94
CA GLU A 71 -5.22 4.67 -19.76
C GLU A 71 -3.88 5.31 -20.14
N GLY A 72 -3.40 4.99 -21.32
CA GLY A 72 -2.14 5.52 -21.79
C GLY A 72 -0.99 4.57 -21.54
N SER A 73 -0.38 4.09 -22.62
CA SER A 73 0.74 3.16 -22.51
C SER A 73 1.64 3.32 -23.72
N MET A 1 -15.95 6.30 12.61
CA MET A 1 -15.76 6.13 11.15
C MET A 1 -14.28 5.93 10.85
N THR A 2 -13.80 4.71 11.06
CA THR A 2 -12.37 4.43 10.97
C THR A 2 -12.00 3.75 9.65
N HIS A 3 -12.97 3.58 8.77
CA HIS A 3 -12.71 2.98 7.48
C HIS A 3 -12.32 4.04 6.46
N HIS A 4 -11.04 4.08 6.11
CA HIS A 4 -10.55 5.02 5.13
C HIS A 4 -10.43 4.34 3.78
N THR A 5 -11.05 4.93 2.77
CA THR A 5 -10.93 4.44 1.42
C THR A 5 -10.56 5.58 0.48
N GLU A 6 -9.70 5.30 -0.47
CA GLU A 6 -9.32 6.29 -1.48
C GLU A 6 -8.76 5.61 -2.71
N VAL A 7 -8.72 6.33 -3.81
CA VAL A 7 -8.22 5.78 -5.06
C VAL A 7 -6.93 6.46 -5.48
N PHE A 8 -5.90 5.67 -5.74
CA PHE A 8 -4.64 6.18 -6.21
C PHE A 8 -4.34 5.64 -7.60
N GLU A 9 -4.46 6.49 -8.61
CA GLU A 9 -4.18 6.13 -10.01
C GLU A 9 -5.00 4.91 -10.45
N GLY A 10 -6.08 4.64 -9.74
CA GLY A 10 -6.93 3.50 -10.09
C GLY A 10 -6.99 2.48 -8.96
N GLY A 11 -5.94 2.40 -8.18
CA GLY A 11 -5.88 1.42 -7.10
C GLY A 11 -6.63 1.90 -5.88
N THR A 12 -7.42 1.01 -5.30
CA THR A 12 -8.24 1.37 -4.16
C THR A 12 -7.56 0.99 -2.85
N ILE A 13 -7.41 1.97 -1.97
CA ILE A 13 -6.81 1.75 -0.67
C ILE A 13 -7.88 1.60 0.40
N ASP A 14 -7.88 0.45 1.06
CA ASP A 14 -8.79 0.18 2.16
C ASP A 14 -8.01 0.08 3.47
N ILE A 15 -8.38 0.87 4.45
CA ILE A 15 -7.72 0.85 5.75
C ILE A 15 -8.65 0.26 6.80
N GLU A 16 -8.22 -0.84 7.41
CA GLU A 16 -9.00 -1.52 8.43
C GLU A 16 -8.34 -1.41 9.79
N ASP A 17 -9.09 -0.90 10.76
CA ASP A 17 -8.64 -0.86 12.15
C ASP A 17 -7.32 -0.09 12.30
N ASP A 18 -7.06 0.81 11.35
CA ASP A 18 -5.86 1.66 11.36
C ASP A 18 -4.58 0.89 11.04
N THR A 19 -4.60 -0.42 11.28
CA THR A 19 -3.41 -1.24 11.13
C THR A 19 -3.45 -2.09 9.85
N SER A 20 -4.63 -2.59 9.50
CA SER A 20 -4.77 -3.47 8.35
C SER A 20 -4.78 -2.64 7.06
N LEU A 21 -3.76 -2.83 6.24
CA LEU A 21 -3.66 -2.13 4.97
C LEU A 21 -4.04 -3.07 3.83
N THR A 22 -5.09 -2.73 3.10
CA THR A 22 -5.52 -3.53 1.98
C THR A 22 -5.64 -2.68 0.72
N ILE A 23 -4.87 -3.04 -0.30
CA ILE A 23 -4.92 -2.34 -1.59
C ILE A 23 -5.49 -3.26 -2.66
N ASN A 24 -6.64 -2.88 -3.20
CA ASN A 24 -7.31 -3.67 -4.24
C ASN A 24 -7.58 -5.10 -3.79
N GLY A 25 -7.64 -5.31 -2.48
CA GLY A 25 -7.91 -6.64 -1.95
C GLY A 25 -6.65 -7.37 -1.52
N LYS A 26 -5.49 -6.73 -1.69
CA LYS A 26 -4.23 -7.33 -1.26
C LYS A 26 -3.85 -6.83 0.13
N GLU A 27 -3.35 -7.73 0.96
CA GLU A 27 -2.98 -7.40 2.32
C GLU A 27 -1.54 -6.89 2.39
N ILE A 28 -1.38 -5.64 2.76
CA ILE A 28 -0.06 -5.01 2.82
C ILE A 28 0.41 -4.91 4.27
N SER A 29 1.67 -5.25 4.51
CA SER A 29 2.24 -5.20 5.84
C SER A 29 3.63 -4.57 5.78
N TYR A 30 4.10 -4.07 6.91
CA TYR A 30 5.37 -3.36 6.98
C TYR A 30 6.34 -4.10 7.89
N VAL A 31 7.63 -3.87 7.70
CA VAL A 31 8.62 -4.32 8.66
C VAL A 31 8.69 -3.31 9.79
N HIS A 32 7.92 -3.55 10.84
CA HIS A 32 7.74 -2.57 11.91
C HIS A 32 8.43 -3.02 13.17
N ASP A 33 9.30 -4.01 13.02
CA ASP A 33 10.02 -4.59 14.15
C ASP A 33 11.42 -4.01 14.26
N ALA A 34 11.83 -3.32 13.21
CA ALA A 34 13.17 -2.75 13.14
C ALA A 34 13.37 -1.66 14.18
N VAL A 35 14.19 -1.97 15.17
CA VAL A 35 14.49 -1.04 16.24
C VAL A 35 15.41 0.07 15.74
N LYS A 36 16.33 -0.27 14.84
CA LYS A 36 17.29 0.69 14.32
C LYS A 36 16.73 1.43 13.09
N ASN A 37 15.40 1.53 13.02
CA ASN A 37 14.74 2.36 12.01
C ASN A 37 14.88 1.77 10.62
N LYS A 38 15.11 0.47 10.56
CA LYS A 38 15.20 -0.25 9.29
C LYS A 38 13.81 -0.52 8.73
N TRP A 39 12.91 0.43 8.92
CA TRP A 39 11.52 0.29 8.50
C TRP A 39 11.44 0.31 6.98
N SER A 40 10.97 -0.79 6.42
CA SER A 40 10.80 -0.92 4.98
C SER A 40 9.71 -1.92 4.67
N SER A 41 9.37 -2.03 3.41
CA SER A 41 8.49 -3.05 2.92
C SER A 41 9.22 -3.82 1.83
N ARG A 42 8.94 -5.11 1.70
CA ARG A 42 9.62 -5.94 0.69
C ARG A 42 9.14 -5.59 -0.72
N TYR A 43 8.30 -4.57 -0.83
CA TYR A 43 7.76 -4.15 -2.12
C TYR A 43 8.55 -2.99 -2.70
N LEU A 44 9.15 -2.17 -1.83
CA LEU A 44 9.87 -0.98 -2.25
C LEU A 44 11.36 -1.09 -1.91
N PRO A 45 12.17 -1.67 -2.81
CA PRO A 45 13.61 -1.84 -2.59
C PRO A 45 14.35 -0.51 -2.51
N TYR A 46 15.31 -0.43 -1.57
CA TYR A 46 16.14 0.77 -1.37
C TYR A 46 15.32 1.93 -0.80
N THR A 47 14.07 1.64 -0.43
CA THR A 47 13.11 2.62 0.06
C THR A 47 12.89 3.79 -0.91
N GLN A 48 11.61 4.12 -1.13
CA GLN A 48 11.23 5.16 -2.07
C GLN A 48 9.90 5.79 -1.64
N TYR A 49 9.67 5.82 -0.34
CA TYR A 49 8.44 6.35 0.21
C TYR A 49 8.74 7.28 1.37
N ASP A 50 7.82 8.18 1.66
CA ASP A 50 8.01 9.13 2.74
C ASP A 50 7.59 8.53 4.08
N SER A 51 6.34 8.10 4.15
CA SER A 51 5.82 7.48 5.38
C SER A 51 4.87 6.33 5.01
N LEU A 52 4.09 5.88 6.00
CA LEU A 52 3.23 4.71 5.85
C LEU A 52 2.19 4.87 4.74
N LEU A 53 1.46 5.98 4.79
CA LEU A 53 0.43 6.26 3.79
C LEU A 53 1.05 6.35 2.40
N ASP A 54 2.21 6.99 2.33
CA ASP A 54 2.93 7.17 1.07
C ASP A 54 3.45 5.82 0.57
N LEU A 55 3.80 4.95 1.50
CA LEU A 55 4.27 3.60 1.16
C LEU A 55 3.23 2.87 0.31
N ALA A 56 1.98 2.96 0.73
CA ALA A 56 0.88 2.32 0.01
C ALA A 56 0.74 2.88 -1.39
N ARG A 57 0.84 4.20 -1.50
CA ARG A 57 0.73 4.87 -2.79
C ARG A 57 1.93 4.56 -3.68
N ALA A 58 3.09 4.42 -3.06
CA ALA A 58 4.32 4.11 -3.79
C ALA A 58 4.19 2.75 -4.47
N ILE A 59 3.55 1.81 -3.80
CA ILE A 59 3.33 0.48 -4.35
C ILE A 59 2.46 0.58 -5.61
N ILE A 60 1.33 1.27 -5.48
CA ILE A 60 0.37 1.39 -6.57
C ILE A 60 1.00 2.04 -7.81
N ARG A 61 1.82 3.05 -7.57
CA ARG A 61 2.45 3.78 -8.67
C ARG A 61 3.65 3.04 -9.25
N ASP A 62 4.42 2.36 -8.41
CA ASP A 62 5.68 1.77 -8.87
C ASP A 62 5.48 0.40 -9.49
N THR A 63 4.43 -0.27 -9.09
CA THR A 63 4.12 -1.57 -9.65
C THR A 63 2.83 -1.51 -10.46
N VAL A 64 2.94 -1.88 -11.74
CA VAL A 64 1.84 -1.75 -12.67
C VAL A 64 0.70 -2.70 -12.32
N GLU A 65 1.05 -3.82 -11.69
CA GLU A 65 0.07 -4.84 -11.33
C GLU A 65 -0.92 -4.31 -10.29
N PHE A 66 -0.47 -3.38 -9.46
CA PHE A 66 -1.33 -2.76 -8.46
C PHE A 66 -2.17 -1.63 -9.07
N SER A 67 -1.91 -1.34 -10.33
CA SER A 67 -2.72 -0.40 -11.09
C SER A 67 -3.78 -1.17 -11.89
N GLY A 68 -3.75 -2.50 -11.75
CA GLY A 68 -4.69 -3.34 -12.47
C GLY A 68 -6.12 -3.12 -12.02
N VAL A 69 -7.05 -3.26 -12.96
CA VAL A 69 -8.45 -2.97 -12.72
C VAL A 69 -8.62 -1.50 -12.32
N LYS A 70 -8.69 -0.64 -13.33
CA LYS A 70 -8.75 0.79 -13.11
C LYS A 70 -9.71 1.44 -14.10
N GLU A 71 -10.23 2.60 -13.75
CA GLU A 71 -11.13 3.33 -14.65
C GLU A 71 -10.63 4.75 -14.88
N GLY A 72 -10.15 5.38 -13.81
CA GLY A 72 -9.62 6.73 -13.92
C GLY A 72 -10.72 7.73 -14.18
N SER A 73 -10.43 8.72 -15.00
CA SER A 73 -11.39 9.73 -15.37
C SER A 73 -11.35 9.96 -16.88
#